data_3RV7
#
_entry.id   3RV7
#
_cell.length_a   86.667
_cell.length_b   113.939
_cell.length_c   95.230
_cell.angle_alpha   90.00
_cell.angle_beta   91.41
_cell.angle_gamma   90.00
#
_symmetry.space_group_name_H-M   'P 1 21 1'
#
loop_
_entity.id
_entity.type
_entity.pdbx_description
1 polymer 'Isochorismate synthase/isochorismate-pyruvate lyase mbtI'
2 non-polymer '3-{[(1Z)-1-carboxy-3-methylbut-1-en-1-yl]oxy}-2-hydroxybenzoic acid'
3 water water
#
_entity_poly.entity_id   1
_entity_poly.type   'polypeptide(L)'
_entity_poly.pdbx_seq_one_letter_code
;VSELSVATGAVSTASSSIPMPAGVNPADLAAELAAVVTESVDEDYLLYECDGQWVLAAGVQAMVELDSDELRVIRDGVTR
RQQWSGRPGAALGEAVDRLLLETDQAFGWVAFEFGVHRYGLQQRLAPHTPLARVFSPRTRIMVSEKEIRLFDAGIRHREA
IDRLLATGVREVPQSRSVDVSDDPSGFRRRVAVAVDEIAAGRYHKVILSRCVEVPFAIDFPLTYRLGRRHNTPVRSFLLQ
LGGIRALGYSPELVTAVRADGVVITEPLAGTRALGRGPAIDRLARDDLESNSKEIVEHAISVRSSLEEITDIAEPGSAAV
IDFMTVRERGSVQHLGSTIRARLDPSSDRMAALEALFPAVTASGIPKAAGVEAIFRLDECPRGLYSGAVVMLSADGGLDA
ALTLRAAYQVGGRTWLRAGAGIIEESEPEREFEETCEKLSTLTPYLVARQ
;
_entity_poly.pdbx_strand_id   A,B,C,D
#
loop_
_chem_comp.id
_chem_comp.type
_chem_comp.name
_chem_comp.formula
RVB non-polymer '3-{[(1Z)-1-carboxy-3-methylbut-1-en-1-yl]oxy}-2-hydroxybenzoic acid' 'C13 H14 O6'
#
# COMPACT_ATOMS: atom_id res chain seq x y z
N SER A 15 14.76 -20.77 -32.57
CA SER A 15 13.65 -21.72 -32.52
C SER A 15 14.03 -23.19 -32.78
N SER A 16 13.29 -24.09 -32.16
CA SER A 16 13.29 -25.50 -32.49
C SER A 16 11.86 -25.91 -32.58
N SER A 17 11.58 -27.08 -33.12
CA SER A 17 10.21 -27.55 -33.27
C SER A 17 10.10 -29.07 -33.22
N ILE A 18 8.89 -29.55 -32.93
CA ILE A 18 8.59 -30.97 -32.87
C ILE A 18 7.13 -31.22 -33.17
N PRO A 19 6.81 -31.60 -34.38
CA PRO A 19 5.44 -31.76 -34.78
C PRO A 19 4.45 -32.22 -33.71
N MET A 20 3.24 -31.77 -33.86
CA MET A 20 2.16 -32.05 -32.97
C MET A 20 1.53 -33.38 -33.27
N PRO A 21 1.39 -34.16 -32.23
CA PRO A 21 0.85 -35.48 -32.32
C PRO A 21 -0.59 -35.37 -32.68
N ALA A 22 -1.05 -36.26 -33.52
CA ALA A 22 -2.43 -36.27 -33.92
C ALA A 22 -3.38 -36.70 -32.80
N GLY A 23 -4.55 -36.11 -32.76
CA GLY A 23 -5.53 -36.53 -31.80
C GLY A 23 -5.40 -35.82 -30.50
N VAL A 24 -4.47 -34.88 -30.49
CA VAL A 24 -4.22 -34.06 -29.35
C VAL A 24 -4.49 -32.67 -29.73
N ASN A 25 -5.35 -32.08 -28.91
CA ASN A 25 -5.77 -30.71 -28.98
C ASN A 25 -4.77 -29.75 -28.42
N PRO A 26 -4.43 -28.70 -29.15
CA PRO A 26 -3.43 -27.75 -28.71
C PRO A 26 -3.69 -27.00 -27.41
N ALA A 27 -4.94 -26.65 -27.12
CA ALA A 27 -5.29 -26.07 -25.85
C ALA A 27 -5.08 -26.99 -24.68
N ASP A 28 -5.42 -28.25 -24.84
CA ASP A 28 -5.23 -29.23 -23.80
C ASP A 28 -3.79 -29.48 -23.51
N LEU A 29 -3.01 -29.59 -24.56
CA LEU A 29 -1.58 -29.77 -24.47
C LEU A 29 -0.80 -28.62 -23.90
N ALA A 30 -1.15 -27.42 -24.32
CA ALA A 30 -0.56 -26.24 -23.78
C ALA A 30 -0.90 -26.07 -22.32
N ALA A 31 -2.13 -26.31 -21.94
CA ALA A 31 -2.50 -26.28 -20.55
C ALA A 31 -1.84 -27.34 -19.68
N GLU A 32 -1.68 -28.54 -20.22
CA GLU A 32 -0.99 -29.60 -19.53
C GLU A 32 0.45 -29.28 -19.33
N LEU A 33 1.06 -28.64 -20.30
CA LEU A 33 2.41 -28.22 -20.23
C LEU A 33 2.62 -27.15 -19.19
N ALA A 34 1.65 -26.28 -19.06
CA ALA A 34 1.61 -25.33 -18.01
C ALA A 34 1.52 -26.00 -16.65
N ALA A 35 0.68 -26.99 -16.51
CA ALA A 35 0.67 -27.75 -15.30
C ALA A 35 1.96 -28.50 -15.02
N VAL A 36 2.52 -29.16 -16.00
CA VAL A 36 3.71 -29.96 -15.87
C VAL A 36 4.97 -29.20 -15.52
N VAL A 37 5.23 -28.11 -16.20
CA VAL A 37 6.34 -27.23 -15.95
C VAL A 37 6.21 -26.61 -14.57
N THR A 38 5.00 -26.35 -14.15
CA THR A 38 4.71 -25.90 -12.82
C THR A 38 5.03 -26.92 -11.78
N GLU A 39 4.69 -28.17 -12.00
CA GLU A 39 5.03 -29.16 -11.02
C GLU A 39 6.53 -29.22 -10.87
N SER A 40 7.28 -29.32 -11.94
CA SER A 40 8.72 -29.45 -11.85
C SER A 40 9.49 -28.20 -11.49
N VAL A 41 9.24 -27.09 -12.13
CA VAL A 41 10.13 -25.98 -11.98
C VAL A 41 9.57 -24.88 -11.12
N ASP A 42 8.31 -24.95 -10.78
CA ASP A 42 7.66 -24.02 -9.89
C ASP A 42 7.74 -22.57 -10.28
N GLU A 43 7.46 -22.30 -11.53
CA GLU A 43 7.66 -21.00 -12.11
C GLU A 43 6.37 -20.33 -12.52
N ASP A 44 6.42 -19.03 -12.62
CA ASP A 44 5.34 -18.22 -13.14
C ASP A 44 5.22 -18.32 -14.66
N TYR A 45 4.01 -18.22 -15.16
CA TYR A 45 3.76 -18.36 -16.56
C TYR A 45 2.54 -17.61 -17.02
N LEU A 46 2.43 -17.38 -18.31
CA LEU A 46 1.26 -16.89 -18.93
C LEU A 46 1.03 -17.59 -20.26
N LEU A 47 -0.11 -18.21 -20.40
CA LEU A 47 -0.46 -18.85 -21.64
C LEU A 47 -1.47 -18.04 -22.39
N TYR A 48 -1.13 -17.66 -23.59
CA TYR A 48 -1.98 -16.84 -24.42
C TYR A 48 -2.33 -17.55 -25.69
N GLU A 49 -3.61 -17.63 -26.01
CA GLU A 49 -4.04 -18.18 -27.27
C GLU A 49 -4.35 -17.08 -28.27
N CYS A 50 -3.69 -17.09 -29.40
CA CYS A 50 -3.86 -16.10 -30.43
C CYS A 50 -3.72 -16.67 -31.82
N ASP A 51 -4.82 -16.72 -32.54
CA ASP A 51 -4.83 -17.20 -33.93
C ASP A 51 -4.29 -18.58 -34.18
N GLY A 52 -4.75 -19.51 -33.37
CA GLY A 52 -4.34 -20.88 -33.48
C GLY A 52 -3.03 -21.24 -32.84
N GLN A 53 -2.35 -20.28 -32.27
CA GLN A 53 -1.15 -20.52 -31.54
C GLN A 53 -1.42 -20.33 -30.06
N TRP A 54 -1.03 -21.32 -29.29
CA TRP A 54 -1.10 -21.21 -27.86
C TRP A 54 0.32 -20.93 -27.38
N VAL A 55 0.60 -19.72 -26.95
CA VAL A 55 1.93 -19.39 -26.53
C VAL A 55 2.06 -19.45 -25.02
N LEU A 56 2.90 -20.33 -24.54
CA LEU A 56 3.22 -20.41 -23.17
C LEU A 56 4.49 -19.63 -22.90
N ALA A 57 4.37 -18.56 -22.12
CA ALA A 57 5.49 -17.77 -21.74
C ALA A 57 5.87 -18.25 -20.38
N ALA A 58 6.99 -18.93 -20.31
CA ALA A 58 7.37 -19.63 -19.13
C ALA A 58 8.55 -19.02 -18.42
N GLY A 59 8.38 -18.63 -17.18
CA GLY A 59 9.44 -18.06 -16.39
C GLY A 59 9.50 -16.57 -16.54
N VAL A 60 9.94 -15.89 -15.52
CA VAL A 60 10.06 -14.48 -15.61
C VAL A 60 11.51 -14.11 -15.59
N GLN A 61 12.03 -13.77 -16.73
CA GLN A 61 13.32 -13.18 -16.80
C GLN A 61 13.41 -11.77 -16.24
N ALA A 62 12.54 -10.89 -16.72
CA ALA A 62 12.34 -9.56 -16.20
C ALA A 62 10.88 -9.21 -16.05
N MET A 63 10.51 -8.62 -14.91
CA MET A 63 9.16 -8.15 -14.68
C MET A 63 9.02 -6.64 -14.58
N VAL A 64 8.07 -6.08 -15.32
CA VAL A 64 7.74 -4.69 -15.23
C VAL A 64 6.47 -4.55 -14.44
N GLU A 65 6.51 -3.85 -13.34
CA GLU A 65 5.29 -3.57 -12.62
C GLU A 65 4.93 -2.10 -12.68
N LEU A 66 3.81 -1.78 -13.27
CA LEU A 66 3.36 -0.42 -13.29
C LEU A 66 2.19 -0.24 -12.35
N ASP A 67 2.35 0.70 -11.45
CA ASP A 67 1.43 0.98 -10.41
C ASP A 67 1.15 2.41 -10.57
N SER A 68 0.19 2.92 -9.85
CA SER A 68 -0.21 4.30 -9.94
C SER A 68 0.85 5.28 -9.51
N ASP A 69 1.58 4.92 -8.48
CA ASP A 69 2.65 5.71 -7.96
C ASP A 69 4.04 5.35 -8.41
N GLU A 70 4.22 4.17 -8.95
CA GLU A 70 5.56 3.72 -9.28
C GLU A 70 5.61 2.70 -10.41
N LEU A 71 6.71 2.67 -11.13
CA LEU A 71 7.06 1.59 -12.01
C LEU A 71 8.29 0.81 -11.52
N ARG A 72 8.21 -0.49 -11.49
CA ARG A 72 9.30 -1.32 -11.06
C ARG A 72 9.73 -2.27 -12.13
N VAL A 73 11.01 -2.46 -12.25
CA VAL A 73 11.54 -3.51 -13.08
C VAL A 73 12.28 -4.47 -12.20
N ILE A 74 11.84 -5.71 -12.14
CA ILE A 74 12.48 -6.69 -11.29
C ILE A 74 13.17 -7.76 -12.08
N ARG A 75 14.48 -7.83 -11.94
CA ARG A 75 15.30 -8.81 -12.59
C ARG A 75 16.21 -9.47 -11.61
N ASP A 76 16.12 -10.78 -11.54
CA ASP A 76 16.98 -11.58 -10.71
C ASP A 76 16.87 -11.24 -9.24
N GLY A 77 15.69 -10.84 -8.81
CA GLY A 77 15.45 -10.52 -7.42
C GLY A 77 15.79 -9.09 -7.08
N VAL A 78 16.37 -8.42 -8.04
CA VAL A 78 16.77 -7.05 -7.86
C VAL A 78 15.68 -6.11 -8.38
N THR A 79 15.17 -5.26 -7.52
CA THR A 79 14.14 -4.35 -7.90
C THR A 79 14.70 -2.96 -8.20
N ARG A 80 14.30 -2.44 -9.36
CA ARG A 80 14.63 -1.07 -9.75
C ARG A 80 13.35 -0.22 -9.88
N ARG A 81 13.17 0.71 -8.95
CA ARG A 81 12.02 1.56 -8.90
C ARG A 81 12.15 2.79 -9.76
N GLN A 82 11.04 3.25 -10.27
CA GLN A 82 10.98 4.38 -11.15
C GLN A 82 9.80 5.24 -10.83
N GLN A 83 10.02 6.54 -10.75
CA GLN A 83 8.99 7.56 -10.81
C GLN A 83 8.51 7.71 -12.23
N TRP A 84 7.23 7.89 -12.39
CA TRP A 84 6.67 8.19 -13.68
C TRP A 84 5.62 9.26 -13.57
N SER A 85 5.51 10.04 -14.61
CA SER A 85 4.53 11.09 -14.71
C SER A 85 3.91 10.98 -16.09
N GLY A 86 2.80 11.66 -16.29
CA GLY A 86 2.19 11.67 -17.59
C GLY A 86 1.26 10.53 -17.87
N ARG A 87 1.23 10.12 -19.11
CA ARG A 87 0.45 8.99 -19.55
C ARG A 87 1.08 7.69 -19.09
N PRO A 88 0.26 6.78 -18.61
CA PRO A 88 0.71 5.47 -18.21
C PRO A 88 1.24 4.67 -19.38
N GLY A 89 0.71 4.89 -20.55
CA GLY A 89 1.16 4.23 -21.74
C GLY A 89 2.58 4.54 -22.12
N ALA A 90 2.99 5.77 -21.96
CA ALA A 90 4.35 6.14 -22.20
C ALA A 90 5.33 5.47 -21.25
N ALA A 91 4.96 5.42 -19.99
CA ALA A 91 5.75 4.77 -18.98
C ALA A 91 5.87 3.27 -19.17
N LEU A 92 4.75 2.63 -19.46
CA LEU A 92 4.74 1.23 -19.76
C LEU A 92 5.52 0.99 -21.01
N GLY A 93 5.31 1.83 -22.00
CA GLY A 93 5.95 1.69 -23.28
C GLY A 93 7.43 1.79 -23.25
N GLU A 94 7.93 2.73 -22.50
CA GLU A 94 9.34 2.89 -22.41
C GLU A 94 10.01 1.70 -21.79
N ALA A 95 9.46 1.19 -20.70
CA ALA A 95 9.94 0.01 -20.01
C ALA A 95 9.85 -1.30 -20.75
N VAL A 96 8.75 -1.54 -21.42
CA VAL A 96 8.54 -2.66 -22.27
C VAL A 96 9.46 -2.69 -23.48
N ASP A 97 9.73 -1.56 -24.06
CA ASP A 97 10.64 -1.46 -25.18
C ASP A 97 12.00 -1.90 -24.75
N ARG A 98 12.36 -1.60 -23.54
CA ARG A 98 13.61 -2.06 -22.99
C ARG A 98 13.68 -3.54 -22.84
N LEU A 99 12.61 -4.16 -22.42
CA LEU A 99 12.61 -5.59 -22.29
C LEU A 99 12.82 -6.23 -23.62
N LEU A 100 12.21 -5.66 -24.62
CA LEU A 100 12.18 -6.15 -25.97
C LEU A 100 13.48 -5.96 -26.70
N LEU A 101 14.39 -5.23 -26.12
CA LEU A 101 15.76 -5.31 -26.57
C LEU A 101 16.41 -6.67 -26.31
N GLU A 102 16.09 -7.33 -25.20
CA GLU A 102 16.67 -8.63 -24.89
C GLU A 102 15.87 -9.82 -25.35
N THR A 103 14.56 -9.70 -25.44
CA THR A 103 13.75 -10.80 -25.87
C THR A 103 12.75 -10.38 -26.91
N ASP A 104 12.32 -11.31 -27.72
CA ASP A 104 11.38 -11.08 -28.80
C ASP A 104 9.96 -10.70 -28.42
N GLN A 105 9.46 -11.26 -27.34
CA GLN A 105 8.12 -11.04 -26.89
C GLN A 105 8.02 -10.73 -25.41
N ALA A 106 6.96 -10.04 -25.04
CA ALA A 106 6.59 -9.77 -23.68
C ALA A 106 5.10 -9.99 -23.48
N PHE A 107 4.69 -10.36 -22.29
CA PHE A 107 3.34 -10.81 -22.00
C PHE A 107 2.88 -10.28 -20.70
N GLY A 108 1.60 -10.14 -20.52
CA GLY A 108 1.10 -9.61 -19.30
C GLY A 108 -0.35 -9.21 -19.28
N TRP A 109 -0.70 -8.47 -18.26
CA TRP A 109 -2.03 -7.96 -18.14
C TRP A 109 -2.06 -6.48 -17.87
N VAL A 110 -3.12 -5.86 -18.32
CA VAL A 110 -3.34 -4.48 -18.12
C VAL A 110 -4.59 -4.39 -17.30
N ALA A 111 -4.52 -3.61 -16.25
CA ALA A 111 -5.68 -3.35 -15.44
C ALA A 111 -6.64 -2.36 -16.07
N PHE A 112 -7.86 -2.39 -15.60
CA PHE A 112 -8.90 -1.51 -16.02
C PHE A 112 -8.45 -0.08 -15.77
N GLU A 113 -7.73 0.06 -14.68
CA GLU A 113 -7.26 1.27 -14.14
C GLU A 113 -6.19 1.96 -14.95
N PHE A 114 -5.60 1.27 -15.90
CA PHE A 114 -4.73 1.84 -16.91
C PHE A 114 -5.51 2.88 -17.73
N GLY A 115 -6.82 2.66 -17.82
CA GLY A 115 -7.68 3.55 -18.57
C GLY A 115 -8.44 4.51 -17.67
N VAL A 116 -7.71 5.19 -16.79
CA VAL A 116 -8.31 6.14 -15.86
C VAL A 116 -7.63 7.50 -15.97
N HIS A 117 -6.31 7.50 -16.14
CA HIS A 117 -5.60 8.75 -16.35
CA HIS A 117 -5.61 8.75 -16.38
C HIS A 117 -6.21 9.57 -17.52
N ARG A 118 -6.84 8.87 -18.46
CA ARG A 118 -7.21 9.46 -19.75
C ARG A 118 -8.42 10.35 -19.59
N TYR A 119 -9.20 10.04 -18.57
CA TYR A 119 -10.37 10.73 -18.19
C TYR A 119 -10.18 11.49 -16.90
N GLY A 120 -8.93 11.68 -16.51
CA GLY A 120 -8.59 12.48 -15.37
C GLY A 120 -8.87 11.93 -14.02
N LEU A 121 -9.05 10.65 -13.91
CA LEU A 121 -9.52 10.02 -12.71
C LEU A 121 -8.46 9.31 -11.90
N GLN A 122 -7.21 9.55 -12.22
CA GLN A 122 -6.07 8.89 -11.59
C GLN A 122 -5.92 9.14 -10.11
N GLN A 123 -6.25 10.34 -9.70
CA GLN A 123 -6.07 10.77 -8.37
C GLN A 123 -7.02 10.04 -7.45
N ARG A 124 -7.95 9.31 -8.03
CA ARG A 124 -8.85 8.49 -7.26
C ARG A 124 -8.34 7.13 -6.91
N LEU A 125 -7.25 6.75 -7.52
CA LEU A 125 -6.62 5.51 -7.18
C LEU A 125 -5.91 5.58 -5.86
N ALA A 126 -6.00 4.52 -5.12
CA ALA A 126 -5.25 4.39 -3.92
C ALA A 126 -3.80 4.20 -4.28
N PRO A 127 -2.93 4.35 -3.33
CA PRO A 127 -1.53 4.10 -3.61
C PRO A 127 -1.31 2.64 -3.87
N HIS A 128 -0.28 2.35 -4.66
CA HIS A 128 0.11 1.01 -5.06
C HIS A 128 -0.98 0.29 -5.81
N THR A 129 -1.70 1.03 -6.62
CA THR A 129 -2.75 0.49 -7.40
C THR A 129 -2.12 0.00 -8.69
N PRO A 130 -2.23 -1.29 -8.95
CA PRO A 130 -1.63 -1.89 -10.11
C PRO A 130 -2.25 -1.45 -11.43
N LEU A 131 -1.43 -1.03 -12.38
CA LEU A 131 -1.96 -0.70 -13.68
C LEU A 131 -1.62 -1.72 -14.76
N ALA A 132 -0.42 -2.27 -14.72
CA ALA A 132 -0.04 -3.33 -15.61
C ALA A 132 1.04 -4.23 -15.05
N ARG A 133 1.03 -5.49 -15.42
CA ARG A 133 2.14 -6.36 -15.16
C ARG A 133 2.62 -6.94 -16.47
N VAL A 134 3.80 -6.58 -16.92
CA VAL A 134 4.32 -7.12 -18.16
C VAL A 134 5.69 -7.75 -18.00
N PHE A 135 5.85 -8.94 -18.51
CA PHE A 135 7.09 -9.62 -18.33
C PHE A 135 7.72 -10.15 -19.57
N SER A 136 9.01 -10.23 -19.55
CA SER A 136 9.70 -10.99 -20.57
C SER A 136 10.02 -12.38 -20.03
N PRO A 137 9.66 -13.38 -20.78
CA PRO A 137 9.83 -14.75 -20.34
C PRO A 137 11.20 -15.32 -20.61
N ARG A 138 11.57 -16.28 -19.80
CA ARG A 138 12.73 -17.09 -20.01
C ARG A 138 12.63 -17.99 -21.22
N THR A 139 11.47 -18.58 -21.39
CA THR A 139 11.24 -19.57 -22.39
C THR A 139 9.91 -19.34 -23.05
N ARG A 140 9.79 -19.68 -24.30
CA ARG A 140 8.53 -19.68 -25.00
C ARG A 140 8.21 -21.02 -25.63
N ILE A 141 7.03 -21.53 -25.42
CA ILE A 141 6.61 -22.70 -26.15
C ILE A 141 5.30 -22.42 -26.81
N MET A 142 5.26 -22.59 -28.11
CA MET A 142 4.12 -22.32 -28.95
C MET A 142 3.50 -23.58 -29.49
N VAL A 143 2.22 -23.74 -29.27
CA VAL A 143 1.51 -24.92 -29.66
C VAL A 143 0.42 -24.63 -30.66
N SER A 144 0.47 -25.27 -31.79
CA SER A 144 -0.49 -25.10 -32.84
C SER A 144 -0.94 -26.48 -33.19
N GLU A 145 -1.93 -26.62 -34.05
CA GLU A 145 -2.35 -27.95 -34.46
C GLU A 145 -1.22 -28.61 -35.22
N LYS A 146 -0.49 -27.83 -35.99
CA LYS A 146 0.70 -28.27 -36.69
C LYS A 146 1.98 -28.65 -35.94
N GLU A 147 2.42 -27.84 -35.01
CA GLU A 147 3.69 -28.09 -34.37
C GLU A 147 3.83 -27.51 -32.96
N ILE A 148 4.91 -27.88 -32.29
CA ILE A 148 5.32 -27.31 -31.04
C ILE A 148 6.65 -26.66 -31.28
N ARG A 149 6.74 -25.37 -30.99
CA ARG A 149 7.93 -24.58 -31.19
C ARG A 149 8.56 -24.13 -29.87
N LEU A 150 9.88 -24.21 -29.76
CA LEU A 150 10.56 -23.90 -28.52
C LEU A 150 11.48 -22.73 -28.63
N PHE A 151 11.29 -21.72 -27.81
CA PHE A 151 12.25 -20.65 -27.79
C PHE A 151 12.94 -20.59 -26.48
N ASP A 152 14.24 -20.71 -26.52
CA ASP A 152 15.09 -20.63 -25.35
C ASP A 152 14.71 -21.60 -24.26
N ALA A 153 14.32 -22.80 -24.64
CA ALA A 153 14.05 -23.83 -23.68
C ALA A 153 15.31 -24.46 -23.12
N GLY A 154 15.43 -24.44 -21.80
CA GLY A 154 16.57 -25.03 -21.13
C GLY A 154 16.42 -26.54 -21.09
N ILE A 155 17.11 -27.15 -20.15
CA ILE A 155 17.03 -28.59 -19.95
C ILE A 155 15.82 -29.14 -19.19
N ARG A 156 15.40 -28.49 -18.13
CA ARG A 156 14.20 -28.89 -17.44
C ARG A 156 12.96 -28.75 -18.28
N HIS A 157 12.90 -27.70 -19.05
CA HIS A 157 11.85 -27.47 -20.00
C HIS A 157 11.77 -28.44 -21.16
N ARG A 158 12.91 -28.85 -21.66
CA ARG A 158 13.01 -29.88 -22.63
C ARG A 158 12.57 -31.21 -22.10
N GLU A 159 13.02 -31.52 -20.91
CA GLU A 159 12.64 -32.72 -20.22
C GLU A 159 11.16 -32.78 -19.92
N ALA A 160 10.60 -31.67 -19.54
CA ALA A 160 9.20 -31.54 -19.27
C ALA A 160 8.27 -31.75 -20.45
N ILE A 161 8.65 -31.23 -21.61
CA ILE A 161 7.93 -31.46 -22.84
C ILE A 161 7.96 -32.90 -23.23
N ASP A 162 9.10 -33.54 -23.05
CA ASP A 162 9.27 -34.92 -23.34
C ASP A 162 8.43 -35.80 -22.51
N ARG A 163 8.31 -35.51 -21.25
CA ARG A 163 7.46 -36.23 -20.36
C ARG A 163 6.01 -36.12 -20.71
N LEU A 164 5.58 -34.94 -21.10
CA LEU A 164 4.24 -34.70 -21.47
C LEU A 164 3.86 -35.44 -22.72
N LEU A 165 4.73 -35.41 -23.71
CA LEU A 165 4.51 -36.09 -24.95
C LEU A 165 4.46 -37.57 -24.78
N ALA A 166 5.25 -38.06 -23.87
CA ALA A 166 5.29 -39.45 -23.48
C ALA A 166 4.04 -39.99 -22.81
N THR A 167 3.35 -39.19 -22.05
CA THR A 167 2.13 -39.64 -21.42
C THR A 167 0.88 -39.13 -22.06
N GLY A 168 0.90 -37.91 -22.53
CA GLY A 168 -0.32 -37.32 -23.03
C GLY A 168 -1.18 -36.76 -21.91
N VAL A 169 -2.25 -36.07 -22.29
CA VAL A 169 -3.06 -35.28 -21.38
C VAL A 169 -3.86 -36.09 -20.36
N ARG A 170 -3.99 -35.52 -19.17
CA ARG A 170 -4.83 -36.05 -18.12
C ARG A 170 -6.25 -35.91 -18.54
N GLU A 171 -7.07 -36.82 -18.11
CA GLU A 171 -8.48 -36.67 -18.22
C GLU A 171 -8.96 -35.58 -17.32
N VAL A 172 -9.91 -34.80 -17.77
CA VAL A 172 -10.44 -33.78 -16.92
C VAL A 172 -11.47 -34.35 -16.00
N PRO A 173 -11.33 -34.13 -14.72
CA PRO A 173 -12.23 -34.64 -13.72
C PRO A 173 -13.50 -33.90 -13.85
N GLN A 174 -14.55 -34.38 -13.22
CA GLN A 174 -15.83 -33.72 -13.30
C GLN A 174 -15.84 -32.40 -12.55
N SER A 175 -16.65 -31.47 -12.99
CA SER A 175 -16.76 -30.19 -12.30
C SER A 175 -17.61 -30.17 -11.04
N ARG A 176 -17.35 -29.18 -10.20
CA ARG A 176 -18.07 -28.95 -8.96
C ARG A 176 -18.84 -27.67 -9.03
N SER A 177 -20.13 -27.73 -8.75
CA SER A 177 -20.99 -26.59 -8.94
C SER A 177 -20.88 -25.46 -7.94
N VAL A 178 -21.19 -24.26 -8.40
CA VAL A 178 -21.31 -23.10 -7.52
C VAL A 178 -22.63 -22.40 -7.70
N ASP A 179 -23.16 -21.90 -6.59
CA ASP A 179 -24.41 -21.16 -6.56
C ASP A 179 -24.13 -19.72 -6.85
N VAL A 180 -24.78 -19.16 -7.85
CA VAL A 180 -24.56 -17.79 -8.21
C VAL A 180 -25.82 -17.00 -7.96
N SER A 181 -26.63 -17.45 -7.03
CA SER A 181 -27.92 -16.84 -6.80
C SER A 181 -27.99 -15.70 -5.79
N ASP A 182 -27.03 -15.61 -4.89
CA ASP A 182 -26.89 -14.73 -3.79
CA ASP A 182 -26.96 -14.68 -3.79
C ASP A 182 -26.39 -13.39 -4.28
N ASP A 183 -26.77 -12.29 -3.67
CA ASP A 183 -26.34 -11.04 -4.24
C ASP A 183 -25.77 -10.18 -3.14
N PRO A 184 -24.63 -10.57 -2.64
CA PRO A 184 -23.97 -9.92 -1.52
C PRO A 184 -23.52 -8.50 -1.77
N SER A 185 -23.32 -8.13 -3.01
CA SER A 185 -22.80 -6.81 -3.35
C SER A 185 -23.88 -5.82 -3.77
N GLY A 186 -25.12 -6.21 -3.66
CA GLY A 186 -26.22 -5.35 -4.03
C GLY A 186 -26.22 -4.86 -5.44
N PHE A 187 -26.00 -5.80 -6.34
CA PHE A 187 -25.90 -5.52 -7.74
C PHE A 187 -27.20 -4.95 -8.23
N ARG A 188 -28.28 -5.48 -7.69
CA ARG A 188 -29.58 -5.00 -8.02
C ARG A 188 -29.79 -3.57 -7.61
N ARG A 189 -29.30 -3.21 -6.43
CA ARG A 189 -29.40 -1.84 -5.94
C ARG A 189 -28.58 -0.88 -6.79
N ARG A 190 -27.36 -1.28 -7.15
CA ARG A 190 -26.48 -0.44 -7.94
C ARG A 190 -26.95 -0.20 -9.35
N VAL A 191 -27.61 -1.20 -9.93
CA VAL A 191 -28.21 -1.07 -11.24
C VAL A 191 -29.29 -0.03 -11.18
N ALA A 192 -30.07 -0.07 -10.11
CA ALA A 192 -31.13 0.87 -9.89
C ALA A 192 -30.62 2.27 -9.80
N VAL A 193 -29.53 2.47 -9.09
CA VAL A 193 -28.93 3.76 -9.01
C VAL A 193 -28.42 4.27 -10.35
N ALA A 194 -27.78 3.40 -11.11
CA ALA A 194 -27.25 3.77 -12.41
C ALA A 194 -28.36 4.18 -13.35
N VAL A 195 -29.48 3.49 -13.28
CA VAL A 195 -30.61 3.80 -14.11
C VAL A 195 -31.19 5.17 -13.85
N ASP A 196 -31.28 5.56 -12.59
CA ASP A 196 -31.76 6.87 -12.22
C ASP A 196 -30.86 7.96 -12.77
N GLU A 197 -29.57 7.77 -12.72
CA GLU A 197 -28.63 8.72 -13.26
C GLU A 197 -28.69 8.86 -14.75
N ILE A 198 -28.95 7.74 -15.40
CA ILE A 198 -29.18 7.67 -16.82
C ILE A 198 -30.47 8.40 -17.20
N ALA A 199 -31.49 8.23 -16.38
CA ALA A 199 -32.73 8.94 -16.54
C ALA A 199 -32.47 10.41 -16.37
N ALA A 200 -31.53 10.74 -15.50
CA ALA A 200 -31.25 12.12 -15.18
C ALA A 200 -30.23 12.75 -16.11
N GLY A 201 -29.83 12.02 -17.15
CA GLY A 201 -28.86 12.53 -18.10
C GLY A 201 -27.40 12.64 -17.74
N ARG A 202 -26.96 11.90 -16.73
CA ARG A 202 -25.53 11.84 -16.44
C ARG A 202 -24.69 11.11 -17.51
N TYR A 203 -25.23 10.04 -18.03
CA TYR A 203 -24.63 9.28 -19.09
C TYR A 203 -25.74 8.47 -19.75
N HIS A 204 -25.46 8.00 -20.97
CA HIS A 204 -26.22 6.97 -21.67
C HIS A 204 -26.09 5.50 -21.22
N LYS A 205 -24.87 5.01 -21.05
CA LYS A 205 -24.64 3.59 -20.74
C LYS A 205 -23.51 3.39 -19.75
N VAL A 206 -23.65 2.40 -18.88
CA VAL A 206 -22.59 2.00 -17.99
C VAL A 206 -22.60 0.50 -17.78
N ILE A 207 -21.43 -0.11 -17.64
CA ILE A 207 -21.38 -1.53 -17.36
C ILE A 207 -21.01 -1.73 -15.91
N LEU A 208 -21.77 -2.56 -15.22
CA LEU A 208 -21.54 -2.86 -13.83
C LEU A 208 -21.49 -4.36 -13.62
N SER A 209 -20.82 -4.80 -12.57
CA SER A 209 -20.51 -6.19 -12.38
C SER A 209 -20.71 -6.65 -10.99
N ARG A 210 -20.68 -7.94 -10.77
CA ARG A 210 -20.70 -8.53 -9.47
C ARG A 210 -19.69 -9.66 -9.40
N CYS A 211 -19.28 -9.99 -8.18
CA CYS A 211 -18.30 -11.07 -7.98
C CYS A 211 -18.93 -12.25 -7.24
N VAL A 212 -18.72 -13.45 -7.79
CA VAL A 212 -19.25 -14.66 -7.18
C VAL A 212 -18.12 -15.54 -6.64
N GLU A 213 -17.92 -15.49 -5.33
CA GLU A 213 -16.89 -16.26 -4.69
C GLU A 213 -17.04 -17.72 -4.92
N VAL A 214 -15.93 -18.39 -5.17
CA VAL A 214 -15.94 -19.81 -5.32
C VAL A 214 -15.40 -20.33 -4.02
N PRO A 215 -16.17 -21.18 -3.37
CA PRO A 215 -15.90 -21.60 -2.02
C PRO A 215 -14.95 -22.76 -1.92
N PHE A 216 -14.42 -23.17 -3.05
CA PHE A 216 -13.45 -24.22 -3.05
C PHE A 216 -12.34 -23.84 -3.98
N ALA A 217 -11.14 -24.33 -3.75
CA ALA A 217 -10.08 -24.12 -4.70
C ALA A 217 -10.32 -24.87 -5.99
N ILE A 218 -9.84 -24.31 -7.07
CA ILE A 218 -9.97 -24.93 -8.35
C ILE A 218 -8.62 -25.15 -8.95
N ASP A 219 -8.53 -26.12 -9.81
CA ASP A 219 -7.38 -26.33 -10.62
C ASP A 219 -7.49 -25.45 -11.82
N PHE A 220 -6.62 -24.50 -11.95
CA PHE A 220 -6.72 -23.57 -13.04
C PHE A 220 -6.51 -24.15 -14.43
N PRO A 221 -5.45 -24.92 -14.65
CA PRO A 221 -5.23 -25.54 -15.93
C PRO A 221 -6.27 -26.57 -16.32
N LEU A 222 -6.75 -27.37 -15.40
CA LEU A 222 -7.84 -28.29 -15.69
C LEU A 222 -9.15 -27.62 -16.00
N THR A 223 -9.46 -26.56 -15.28
CA THR A 223 -10.60 -25.72 -15.54
C THR A 223 -10.54 -25.01 -16.89
N TYR A 224 -9.39 -24.50 -17.25
CA TYR A 224 -9.21 -23.79 -18.50
C TYR A 224 -9.46 -24.72 -19.66
N ARG A 225 -9.02 -25.94 -19.56
CA ARG A 225 -9.29 -26.96 -20.53
C ARG A 225 -10.78 -27.31 -20.66
N LEU A 226 -11.48 -27.47 -19.55
CA LEU A 226 -12.88 -27.74 -19.57
C LEU A 226 -13.71 -26.63 -20.16
N GLY A 227 -13.42 -25.41 -19.79
CA GLY A 227 -14.08 -24.26 -20.37
C GLY A 227 -13.84 -24.04 -21.82
N ARG A 228 -12.64 -24.32 -22.28
CA ARG A 228 -12.21 -24.09 -23.63
C ARG A 228 -13.00 -24.94 -24.61
N ARG A 229 -13.35 -26.13 -24.19
CA ARG A 229 -14.13 -27.06 -24.96
C ARG A 229 -15.48 -26.47 -25.26
N HIS A 230 -15.98 -25.69 -24.32
CA HIS A 230 -17.30 -25.14 -24.38
C HIS A 230 -17.46 -23.70 -24.68
N ASN A 231 -16.40 -23.02 -25.09
CA ASN A 231 -16.44 -21.60 -25.37
C ASN A 231 -15.74 -21.35 -26.66
N THR A 232 -16.11 -20.34 -27.41
CA THR A 232 -15.25 -19.97 -28.50
C THR A 232 -14.94 -18.51 -28.48
N PRO A 233 -13.73 -18.18 -28.11
CA PRO A 233 -13.33 -16.80 -27.82
C PRO A 233 -12.42 -16.23 -28.84
N VAL A 234 -12.29 -14.94 -28.89
CA VAL A 234 -11.31 -14.26 -29.72
C VAL A 234 -9.90 -14.59 -29.28
N ARG A 235 -9.68 -14.61 -27.99
CA ARG A 235 -8.42 -14.96 -27.39
C ARG A 235 -8.69 -15.70 -26.12
N SER A 236 -7.74 -16.44 -25.59
CA SER A 236 -7.88 -17.08 -24.31
C SER A 236 -6.60 -17.00 -23.52
N PHE A 237 -6.66 -17.17 -22.22
CA PHE A 237 -5.47 -17.08 -21.43
C PHE A 237 -5.52 -17.94 -20.19
N LEU A 238 -4.36 -18.43 -19.77
CA LEU A 238 -4.17 -19.03 -18.48
C LEU A 238 -2.91 -18.50 -17.83
N LEU A 239 -2.96 -18.06 -16.60
CA LEU A 239 -1.78 -17.49 -16.00
C LEU A 239 -1.57 -17.78 -14.56
N GLN A 240 -0.31 -17.72 -14.16
CA GLN A 240 0.11 -17.82 -12.76
C GLN A 240 1.24 -16.80 -12.70
N LEU A 241 0.93 -15.61 -12.19
CA LEU A 241 1.80 -14.49 -12.29
C LEU A 241 1.71 -13.63 -11.07
N GLY A 242 2.74 -13.70 -10.26
CA GLY A 242 2.86 -12.88 -9.07
C GLY A 242 1.82 -12.99 -7.99
N GLY A 243 1.35 -14.19 -7.71
CA GLY A 243 0.32 -14.42 -6.75
C GLY A 243 -1.09 -14.38 -7.31
N ILE A 244 -1.21 -14.08 -8.57
CA ILE A 244 -2.47 -14.08 -9.22
C ILE A 244 -2.55 -15.30 -10.09
N ARG A 245 -3.69 -15.96 -10.05
CA ARG A 245 -3.98 -17.06 -10.95
C ARG A 245 -5.17 -16.65 -11.74
N ALA A 246 -5.16 -16.83 -13.04
CA ALA A 246 -6.33 -16.50 -13.83
C ALA A 246 -6.45 -17.26 -15.12
N LEU A 247 -7.66 -17.37 -15.63
CA LEU A 247 -7.93 -17.97 -16.90
C LEU A 247 -9.06 -17.22 -17.50
N GLY A 248 -9.13 -17.16 -18.83
CA GLY A 248 -10.21 -16.46 -19.49
C GLY A 248 -10.24 -16.58 -21.00
N TYR A 249 -11.45 -16.58 -21.55
CA TYR A 249 -11.66 -16.61 -22.99
C TYR A 249 -12.24 -15.28 -23.45
N SER A 250 -11.35 -14.34 -23.78
CA SER A 250 -11.74 -12.99 -24.14
C SER A 250 -12.69 -12.92 -25.34
N PRO A 251 -13.90 -12.41 -25.09
CA PRO A 251 -14.85 -12.13 -26.14
C PRO A 251 -14.44 -11.13 -27.19
N GLU A 252 -13.56 -10.21 -26.88
CA GLU A 252 -13.29 -9.09 -27.75
C GLU A 252 -11.83 -8.69 -27.91
N LEU A 253 -11.44 -8.22 -29.07
CA LEU A 253 -10.11 -7.69 -29.29
C LEU A 253 -10.13 -6.20 -29.12
N VAL A 254 -9.50 -5.71 -28.06
CA VAL A 254 -9.36 -4.29 -27.82
C VAL A 254 -8.44 -3.63 -28.79
N THR A 255 -7.26 -4.19 -28.95
CA THR A 255 -6.38 -3.70 -29.95
C THR A 255 -5.39 -4.74 -30.43
N ALA A 256 -5.07 -4.66 -31.70
CA ALA A 256 -3.95 -5.33 -32.28
C ALA A 256 -3.15 -4.33 -33.09
N VAL A 257 -1.84 -4.34 -32.95
CA VAL A 257 -0.99 -3.56 -33.80
C VAL A 257 -0.06 -4.51 -34.51
N ARG A 258 -0.04 -4.45 -35.83
CA ARG A 258 0.86 -5.26 -36.58
C ARG A 258 2.19 -4.57 -36.72
N ALA A 259 3.19 -5.31 -37.13
CA ALA A 259 4.54 -4.80 -37.35
C ALA A 259 4.58 -3.74 -38.43
N ASP A 260 3.72 -3.88 -39.42
CA ASP A 260 3.63 -2.93 -40.49
C ASP A 260 2.90 -1.68 -40.08
N GLY A 261 2.36 -1.67 -38.88
CA GLY A 261 1.72 -0.50 -38.32
C GLY A 261 0.23 -0.39 -38.45
N VAL A 262 -0.39 -1.42 -38.96
CA VAL A 262 -1.82 -1.51 -39.01
C VAL A 262 -2.36 -1.80 -37.63
N VAL A 263 -3.34 -1.01 -37.23
CA VAL A 263 -3.99 -1.07 -35.95
C VAL A 263 -5.39 -1.56 -36.15
N ILE A 264 -5.79 -2.55 -35.36
CA ILE A 264 -7.10 -3.14 -35.47
C ILE A 264 -7.83 -3.08 -34.16
N THR A 265 -9.11 -2.75 -34.20
CA THR A 265 -9.95 -2.93 -33.06
C THR A 265 -11.30 -3.47 -33.47
N GLU A 266 -11.88 -4.30 -32.62
CA GLU A 266 -13.11 -5.00 -32.95
C GLU A 266 -14.20 -4.96 -31.90
N PRO A 267 -14.87 -3.82 -31.77
CA PRO A 267 -15.98 -3.71 -30.85
C PRO A 267 -17.21 -4.54 -31.22
N LEU A 268 -17.79 -5.13 -30.20
CA LEU A 268 -18.95 -5.98 -30.29
C LEU A 268 -20.05 -5.44 -29.44
N ALA A 269 -21.18 -5.08 -30.03
CA ALA A 269 -22.39 -4.73 -29.29
C ALA A 269 -23.54 -5.48 -29.89
N GLY A 270 -23.55 -6.79 -29.73
CA GLY A 270 -24.62 -7.61 -30.22
C GLY A 270 -25.25 -8.34 -29.08
N THR A 271 -25.69 -9.55 -29.37
CA THR A 271 -26.11 -10.61 -28.44
C THR A 271 -27.54 -10.64 -27.89
N ARG A 272 -28.23 -11.71 -28.29
CA ARG A 272 -29.64 -11.88 -28.08
C ARG A 272 -30.42 -10.75 -28.72
N ASP A 286 -31.10 -11.81 -37.23
CA ASP A 286 -32.55 -11.88 -37.32
C ASP A 286 -33.17 -10.69 -36.65
N ASP A 287 -33.54 -10.90 -35.40
CA ASP A 287 -33.98 -9.89 -34.46
C ASP A 287 -32.81 -9.05 -34.05
N LEU A 288 -31.65 -9.66 -33.98
CA LEU A 288 -30.46 -8.95 -33.57
C LEU A 288 -30.08 -7.90 -34.59
N GLU A 289 -30.08 -8.31 -35.85
CA GLU A 289 -29.71 -7.46 -36.96
C GLU A 289 -30.67 -6.31 -37.21
N SER A 290 -31.86 -6.38 -36.65
CA SER A 290 -32.87 -5.39 -36.94
C SER A 290 -33.28 -4.59 -35.75
N ASN A 291 -32.86 -5.01 -34.56
CA ASN A 291 -33.30 -4.38 -33.34
C ASN A 291 -32.70 -3.02 -33.19
N SER A 292 -33.55 -2.03 -33.09
CA SER A 292 -33.12 -0.66 -33.08
C SER A 292 -32.24 -0.34 -31.91
N LYS A 293 -32.53 -0.91 -30.76
CA LYS A 293 -31.73 -0.60 -29.60
C LYS A 293 -30.31 -1.06 -29.74
N GLU A 294 -30.14 -2.28 -30.15
CA GLU A 294 -28.84 -2.81 -30.42
C GLU A 294 -28.12 -2.12 -31.56
N ILE A 295 -28.84 -1.68 -32.56
CA ILE A 295 -28.23 -1.01 -33.66
C ILE A 295 -27.60 0.31 -33.24
N VAL A 296 -28.34 1.07 -32.47
CA VAL A 296 -27.90 2.36 -32.00
C VAL A 296 -26.71 2.27 -31.08
N GLU A 297 -26.74 1.29 -30.19
CA GLU A 297 -25.71 1.05 -29.23
C GLU A 297 -24.43 0.73 -29.92
N HIS A 298 -24.50 -0.08 -30.95
CA HIS A 298 -23.36 -0.43 -31.76
C HIS A 298 -22.77 0.72 -32.53
N ALA A 299 -23.62 1.51 -33.14
CA ALA A 299 -23.18 2.57 -33.99
C ALA A 299 -22.39 3.57 -33.19
N ILE A 300 -22.82 3.79 -31.97
CA ILE A 300 -22.15 4.65 -31.03
C ILE A 300 -20.76 4.17 -30.63
N SER A 301 -20.59 2.88 -30.39
CA SER A 301 -19.27 2.36 -30.13
C SER A 301 -18.36 2.46 -31.29
N VAL A 302 -18.86 2.14 -32.45
CA VAL A 302 -18.06 2.19 -33.63
C VAL A 302 -17.60 3.60 -33.88
N ARG A 303 -18.49 4.54 -33.71
CA ARG A 303 -18.12 5.91 -33.85
C ARG A 303 -17.13 6.33 -32.79
N SER A 304 -17.32 5.83 -31.58
CA SER A 304 -16.39 6.06 -30.52
C SER A 304 -15.03 5.48 -30.78
N SER A 305 -14.96 4.27 -31.24
CA SER A 305 -13.69 3.65 -31.51
C SER A 305 -12.94 4.39 -32.57
N LEU A 306 -13.67 4.86 -33.56
CA LEU A 306 -13.11 5.60 -34.67
C LEU A 306 -12.48 6.90 -34.30
N GLU A 307 -13.10 7.62 -33.41
CA GLU A 307 -12.58 8.86 -32.92
C GLU A 307 -11.31 8.72 -32.17
N GLU A 308 -11.23 7.69 -31.32
CA GLU A 308 -10.04 7.35 -30.59
C GLU A 308 -8.93 6.86 -31.44
N ILE A 309 -9.24 5.98 -32.35
CA ILE A 309 -8.27 5.46 -33.25
C ILE A 309 -7.75 6.60 -34.09
N THR A 310 -8.58 7.59 -34.29
CA THR A 310 -8.28 8.76 -35.07
C THR A 310 -7.17 9.58 -34.44
N ASP A 311 -7.13 9.61 -33.12
CA ASP A 311 -6.13 10.35 -32.39
C ASP A 311 -4.76 9.81 -32.71
N ILE A 312 -4.63 8.52 -32.88
CA ILE A 312 -3.33 7.91 -33.08
C ILE A 312 -2.98 7.51 -34.50
N ALA A 313 -3.90 7.75 -35.41
CA ALA A 313 -3.76 7.26 -36.78
C ALA A 313 -3.15 8.26 -37.74
N GLU A 314 -2.42 7.73 -38.69
CA GLU A 314 -1.98 8.50 -39.82
C GLU A 314 -3.18 9.07 -40.47
N PRO A 315 -3.15 10.35 -40.80
CA PRO A 315 -4.33 11.01 -41.29
C PRO A 315 -4.84 10.37 -42.58
N GLY A 316 -6.13 10.08 -42.58
CA GLY A 316 -6.76 9.42 -43.69
C GLY A 316 -7.01 7.94 -43.55
N SER A 317 -6.22 7.28 -42.72
CA SER A 317 -6.09 5.84 -42.71
C SER A 317 -7.18 5.07 -42.01
N ALA A 318 -8.04 5.75 -41.28
CA ALA A 318 -8.98 5.08 -40.42
C ALA A 318 -10.27 4.69 -41.08
N ALA A 319 -10.58 3.41 -41.06
CA ALA A 319 -11.78 2.93 -41.70
C ALA A 319 -12.44 1.80 -40.95
N VAL A 320 -13.74 1.69 -41.10
CA VAL A 320 -14.48 0.57 -40.60
C VAL A 320 -14.56 -0.39 -41.74
N ILE A 321 -13.83 -1.48 -41.66
CA ILE A 321 -13.85 -2.51 -42.68
C ILE A 321 -14.92 -3.58 -42.60
N ASP A 322 -15.41 -3.88 -41.43
CA ASP A 322 -16.56 -4.71 -41.35
C ASP A 322 -17.57 -4.00 -40.49
N PHE A 323 -18.75 -3.70 -41.00
CA PHE A 323 -19.63 -2.95 -40.17
C PHE A 323 -20.91 -3.63 -39.82
N MET A 324 -21.13 -3.77 -38.54
CA MET A 324 -22.37 -4.19 -37.95
C MET A 324 -22.80 -5.53 -38.48
N THR A 325 -21.81 -6.33 -38.77
CA THR A 325 -21.95 -7.69 -39.17
C THR A 325 -22.20 -8.49 -37.92
N VAL A 326 -23.03 -9.51 -38.02
CA VAL A 326 -23.33 -10.33 -36.86
C VAL A 326 -22.39 -11.53 -36.84
N ARG A 327 -21.81 -11.78 -35.67
CA ARG A 327 -20.73 -12.72 -35.56
C ARG A 327 -21.01 -13.76 -34.50
N HIS A 334 -23.13 -12.05 -32.05
CA HIS A 334 -23.01 -10.63 -31.77
C HIS A 334 -22.95 -9.79 -33.00
N LEU A 335 -23.08 -8.50 -32.77
CA LEU A 335 -22.86 -7.52 -33.79
C LEU A 335 -21.45 -7.01 -33.62
N GLY A 336 -20.66 -7.10 -34.67
CA GLY A 336 -19.33 -6.61 -34.59
C GLY A 336 -18.94 -5.83 -35.79
N SER A 337 -18.05 -4.88 -35.59
CA SER A 337 -17.38 -4.17 -36.64
C SER A 337 -15.91 -4.23 -36.38
N THR A 338 -15.16 -4.01 -37.42
CA THR A 338 -13.73 -4.02 -37.35
C THR A 338 -13.23 -2.68 -37.83
N ILE A 339 -12.37 -2.02 -37.06
CA ILE A 339 -11.87 -0.73 -37.44
C ILE A 339 -10.39 -0.80 -37.69
N ARG A 340 -9.93 -0.15 -38.74
CA ARG A 340 -8.55 -0.28 -39.17
C ARG A 340 -7.96 1.08 -39.21
N ALA A 341 -6.67 1.17 -38.99
CA ALA A 341 -5.94 2.40 -39.18
C ALA A 341 -4.49 2.09 -39.32
N ARG A 342 -3.72 3.08 -39.69
CA ARG A 342 -2.30 2.94 -39.77
C ARG A 342 -1.68 3.83 -38.73
N LEU A 343 -0.82 3.28 -37.91
CA LEU A 343 -0.30 4.01 -36.82
C LEU A 343 0.58 5.13 -37.30
N ASP A 344 0.28 6.31 -36.79
CA ASP A 344 1.03 7.49 -37.08
C ASP A 344 2.42 7.40 -36.53
N PRO A 345 3.36 7.95 -37.26
CA PRO A 345 4.76 7.86 -36.89
C PRO A 345 5.07 8.61 -35.64
N SER A 346 4.24 9.57 -35.25
CA SER A 346 4.44 10.28 -34.00
C SER A 346 3.97 9.45 -32.82
N SER A 347 3.34 8.34 -33.13
CA SER A 347 2.63 7.47 -32.20
C SER A 347 3.20 6.09 -32.10
N ASP A 348 2.73 5.36 -31.10
CA ASP A 348 3.24 4.06 -30.77
C ASP A 348 2.17 3.11 -30.31
N ARG A 349 2.54 1.87 -30.12
CA ARG A 349 1.59 0.83 -29.81
C ARG A 349 0.87 1.03 -28.48
N MET A 350 1.59 1.53 -27.50
CA MET A 350 1.03 1.81 -26.18
C MET A 350 -0.01 2.89 -26.12
N ALA A 351 0.22 3.93 -26.91
CA ALA A 351 -0.69 5.01 -27.12
C ALA A 351 -1.95 4.59 -27.81
N ALA A 352 -1.84 3.68 -28.76
CA ALA A 352 -2.99 3.12 -29.39
C ALA A 352 -3.86 2.33 -28.44
N LEU A 353 -3.25 1.53 -27.59
CA LEU A 353 -3.95 0.83 -26.56
C LEU A 353 -4.59 1.74 -25.55
N GLU A 354 -3.88 2.77 -25.18
CA GLU A 354 -4.34 3.80 -24.29
C GLU A 354 -5.53 4.55 -24.84
N ALA A 355 -5.48 4.87 -26.11
CA ALA A 355 -6.54 5.58 -26.79
C ALA A 355 -7.80 4.76 -26.75
N LEU A 356 -7.66 3.46 -26.91
CA LEU A 356 -8.80 2.61 -26.96
C LEU A 356 -9.23 2.01 -25.63
N PHE A 357 -8.61 2.43 -24.55
CA PHE A 357 -8.80 1.88 -23.22
C PHE A 357 -9.55 2.82 -22.29
N PRO A 358 -10.49 2.32 -21.52
CA PRO A 358 -10.94 0.95 -21.62
C PRO A 358 -11.96 0.74 -22.70
N ALA A 359 -12.20 -0.50 -23.02
CA ALA A 359 -13.19 -0.80 -24.00
C ALA A 359 -14.54 -0.32 -23.55
N VAL A 360 -15.33 0.14 -24.49
CA VAL A 360 -16.68 0.59 -24.25
C VAL A 360 -17.53 -0.52 -23.72
N THR A 361 -17.29 -1.71 -24.19
CA THR A 361 -18.05 -2.87 -23.86
C THR A 361 -17.95 -3.11 -22.39
N ALA A 362 -16.90 -2.64 -21.78
CA ALA A 362 -16.73 -2.86 -20.37
C ALA A 362 -16.74 -1.61 -19.52
N SER A 363 -17.05 -0.47 -20.11
CA SER A 363 -17.20 0.76 -19.37
C SER A 363 -18.56 1.47 -19.56
N GLY A 364 -18.68 2.31 -20.58
CA GLY A 364 -19.95 2.89 -20.95
C GLY A 364 -19.86 4.07 -21.89
N ILE A 365 -20.98 4.73 -22.16
CA ILE A 365 -21.00 5.91 -23.01
C ILE A 365 -21.71 7.05 -22.37
N PRO A 366 -21.13 8.23 -22.36
CA PRO A 366 -19.79 8.47 -22.83
C PRO A 366 -18.77 7.90 -21.88
N LYS A 367 -17.60 7.59 -22.40
CA LYS A 367 -16.62 6.80 -21.72
C LYS A 367 -16.14 7.44 -20.44
N ALA A 368 -15.96 8.73 -20.41
CA ALA A 368 -15.51 9.35 -19.18
C ALA A 368 -16.48 9.24 -18.03
N ALA A 369 -17.75 9.47 -18.31
CA ALA A 369 -18.82 9.32 -17.36
C ALA A 369 -19.11 7.92 -16.93
N GLY A 370 -19.01 6.99 -17.85
CA GLY A 370 -19.14 5.59 -17.54
C GLY A 370 -18.07 5.11 -16.62
N VAL A 371 -16.84 5.53 -16.86
CA VAL A 371 -15.72 5.20 -16.02
C VAL A 371 -15.82 5.76 -14.63
N GLU A 372 -16.25 7.01 -14.52
CA GLU A 372 -16.50 7.65 -13.25
C GLU A 372 -17.59 6.96 -12.44
N ALA A 373 -18.64 6.55 -13.11
CA ALA A 373 -19.73 5.80 -12.54
C ALA A 373 -19.31 4.45 -12.01
N ILE A 374 -18.39 3.81 -12.70
CA ILE A 374 -17.85 2.54 -12.27
C ILE A 374 -17.11 2.69 -10.94
N PHE A 375 -16.39 3.78 -10.75
CA PHE A 375 -15.64 4.03 -9.56
C PHE A 375 -16.53 4.11 -8.37
N ARG A 376 -17.62 4.83 -8.52
CA ARG A 376 -18.70 4.89 -7.56
C ARG A 376 -19.57 3.66 -7.41
N LEU A 377 -19.94 3.03 -8.50
CA LEU A 377 -20.91 1.99 -8.44
C LEU A 377 -20.49 0.53 -8.61
N ASP A 378 -19.20 0.26 -8.79
CA ASP A 378 -18.72 -1.07 -8.99
C ASP A 378 -17.68 -1.31 -7.93
N GLU A 379 -17.36 -2.57 -7.68
CA GLU A 379 -16.34 -2.91 -6.68
C GLU A 379 -14.94 -2.77 -7.27
N CYS A 380 -14.25 -1.71 -6.86
CA CYS A 380 -12.90 -1.45 -7.36
C CYS A 380 -11.83 -1.72 -6.30
N PRO A 381 -10.58 -1.82 -6.75
CA PRO A 381 -10.26 -1.68 -8.18
C PRO A 381 -10.57 -2.95 -8.97
N ARG A 382 -11.10 -2.77 -10.17
CA ARG A 382 -11.43 -3.87 -11.03
C ARG A 382 -10.29 -4.84 -11.27
N GLY A 383 -9.09 -4.32 -11.46
CA GLY A 383 -7.94 -5.09 -11.85
C GLY A 383 -8.02 -5.73 -13.20
N LEU A 384 -7.86 -7.04 -13.22
CA LEU A 384 -7.92 -7.79 -14.44
C LEU A 384 -9.25 -7.74 -15.11
N TYR A 385 -10.34 -7.75 -14.37
CA TYR A 385 -11.65 -7.61 -14.94
C TYR A 385 -11.84 -6.37 -15.73
N SER A 386 -12.18 -6.54 -17.00
CA SER A 386 -12.48 -5.47 -17.92
C SER A 386 -11.24 -4.79 -18.39
N GLY A 387 -10.11 -5.38 -18.06
CA GLY A 387 -8.81 -5.04 -18.56
C GLY A 387 -8.40 -5.83 -19.77
N ALA A 388 -7.11 -5.93 -20.01
CA ALA A 388 -6.58 -6.69 -21.11
C ALA A 388 -5.48 -7.65 -20.73
N VAL A 389 -5.33 -8.67 -21.51
CA VAL A 389 -4.20 -9.53 -21.41
C VAL A 389 -3.46 -9.26 -22.70
N VAL A 390 -2.16 -9.11 -22.60
CA VAL A 390 -1.32 -8.67 -23.70
C VAL A 390 -0.12 -9.51 -24.09
N MET A 391 0.16 -9.48 -25.37
CA MET A 391 1.35 -10.01 -25.97
C MET A 391 2.00 -8.94 -26.81
N LEU A 392 3.29 -8.71 -26.64
CA LEU A 392 3.98 -7.68 -27.40
C LEU A 392 5.20 -8.23 -28.05
N SER A 393 5.61 -7.66 -29.15
CA SER A 393 6.74 -8.15 -29.88
C SER A 393 7.69 -7.05 -30.20
N ALA A 394 8.94 -7.43 -30.38
CA ALA A 394 10.02 -6.52 -30.70
C ALA A 394 9.89 -5.87 -32.06
N ASP A 395 9.10 -6.47 -32.93
CA ASP A 395 8.81 -5.96 -34.25
C ASP A 395 7.76 -4.90 -34.23
N GLY A 396 7.30 -4.56 -33.05
CA GLY A 396 6.24 -3.60 -32.87
C GLY A 396 4.85 -4.14 -32.69
N GLY A 397 4.75 -5.45 -32.62
CA GLY A 397 3.50 -6.09 -32.37
C GLY A 397 2.89 -5.85 -31.02
N LEU A 398 1.58 -5.67 -31.01
CA LEU A 398 0.78 -5.71 -29.84
C LEU A 398 -0.51 -6.48 -30.06
N ASP A 399 -0.83 -7.40 -29.17
CA ASP A 399 -2.12 -8.00 -29.19
C ASP A 399 -2.81 -7.86 -27.84
N ALA A 400 -3.90 -7.14 -27.79
CA ALA A 400 -4.61 -6.98 -26.55
C ALA A 400 -6.05 -7.45 -26.55
N ALA A 401 -6.36 -8.33 -25.63
CA ALA A 401 -7.63 -8.96 -25.54
C ALA A 401 -8.39 -8.53 -24.33
N LEU A 402 -9.67 -8.24 -24.48
CA LEU A 402 -10.52 -7.81 -23.39
C LEU A 402 -10.86 -8.87 -22.41
N THR A 403 -10.57 -8.65 -21.15
CA THR A 403 -10.74 -9.66 -20.13
C THR A 403 -12.12 -9.70 -19.48
N LEU A 404 -12.97 -10.58 -19.99
CA LEU A 404 -14.23 -10.93 -19.41
C LEU A 404 -14.29 -12.42 -19.47
N ARG A 405 -15.19 -13.00 -18.70
CA ARG A 405 -15.37 -14.43 -18.58
C ARG A 405 -14.16 -15.13 -18.05
N ALA A 406 -13.65 -14.62 -16.95
CA ALA A 406 -12.45 -15.11 -16.36
C ALA A 406 -12.69 -15.43 -14.91
N ALA A 407 -11.86 -16.31 -14.40
CA ALA A 407 -11.81 -16.68 -13.00
C ALA A 407 -10.48 -16.24 -12.43
N TYR A 408 -10.45 -15.94 -11.13
CA TYR A 408 -9.27 -15.43 -10.47
C TYR A 408 -9.02 -16.05 -9.12
N GLN A 409 -7.77 -16.18 -8.76
CA GLN A 409 -7.44 -16.53 -7.41
C GLN A 409 -6.41 -15.59 -6.89
N VAL A 410 -6.72 -14.86 -5.83
CA VAL A 410 -5.73 -14.06 -5.16
C VAL A 410 -5.89 -14.36 -3.71
N GLY A 411 -4.78 -14.54 -3.04
CA GLY A 411 -4.80 -15.01 -1.68
C GLY A 411 -5.44 -16.34 -1.62
N GLY A 412 -6.40 -16.47 -0.73
CA GLY A 412 -7.15 -17.67 -0.62
C GLY A 412 -8.46 -17.44 -1.28
N ARG A 413 -8.60 -16.30 -1.94
CA ARG A 413 -9.86 -15.93 -2.58
C ARG A 413 -9.94 -16.36 -4.04
N THR A 414 -11.00 -17.11 -4.36
CA THR A 414 -11.26 -17.54 -5.71
C THR A 414 -12.55 -16.94 -6.14
N TRP A 415 -12.61 -16.33 -7.31
CA TRP A 415 -13.85 -15.71 -7.73
C TRP A 415 -14.06 -15.54 -9.19
N LEU A 416 -15.29 -15.21 -9.54
CA LEU A 416 -15.69 -14.95 -10.88
C LEU A 416 -16.31 -13.59 -10.93
N ARG A 417 -16.22 -12.92 -12.06
CA ARG A 417 -16.85 -11.64 -12.20
C ARG A 417 -17.58 -11.50 -13.54
N ALA A 418 -18.81 -11.06 -13.50
CA ALA A 418 -19.61 -10.86 -14.68
C ALA A 418 -20.46 -9.63 -14.54
N GLY A 419 -20.75 -8.98 -15.63
CA GLY A 419 -21.37 -7.69 -15.62
C GLY A 419 -22.37 -7.53 -16.71
N ALA A 420 -23.07 -6.42 -16.74
CA ALA A 420 -24.08 -6.15 -17.74
C ALA A 420 -24.13 -4.70 -18.13
N GLY A 421 -24.60 -4.42 -19.31
CA GLY A 421 -24.73 -3.06 -19.76
C GLY A 421 -26.00 -2.43 -19.29
N ILE A 422 -25.94 -1.21 -18.79
CA ILE A 422 -27.09 -0.61 -18.22
C ILE A 422 -27.45 0.61 -18.95
N ILE A 423 -28.71 0.66 -19.32
CA ILE A 423 -29.31 1.70 -20.11
C ILE A 423 -30.62 2.09 -19.43
N GLU A 424 -31.29 3.10 -19.93
CA GLU A 424 -32.42 3.66 -19.21
C GLU A 424 -33.48 2.61 -18.98
N GLU A 425 -33.68 1.77 -19.97
CA GLU A 425 -34.71 0.76 -19.93
C GLU A 425 -34.46 -0.41 -19.03
N SER A 426 -33.25 -0.59 -18.54
CA SER A 426 -32.90 -1.81 -17.83
C SER A 426 -33.61 -1.98 -16.51
N GLU A 427 -33.92 -3.23 -16.19
CA GLU A 427 -34.54 -3.60 -14.92
C GLU A 427 -33.54 -4.46 -14.19
N PRO A 428 -33.45 -4.31 -12.88
CA PRO A 428 -32.42 -4.97 -12.12
C PRO A 428 -32.50 -6.46 -12.14
N GLU A 429 -33.68 -7.02 -12.01
CA GLU A 429 -33.82 -8.47 -11.95
C GLU A 429 -33.43 -9.12 -13.23
N ARG A 430 -33.74 -8.50 -14.34
CA ARG A 430 -33.31 -8.99 -15.62
C ARG A 430 -31.81 -8.91 -15.77
N GLU A 431 -31.23 -7.82 -15.32
CA GLU A 431 -29.79 -7.60 -15.35
C GLU A 431 -29.08 -8.62 -14.49
N PHE A 432 -29.66 -8.97 -13.37
CA PHE A 432 -29.04 -9.94 -12.55
C PHE A 432 -28.96 -11.27 -13.23
N GLU A 433 -30.02 -11.68 -13.89
CA GLU A 433 -30.02 -12.90 -14.67
C GLU A 433 -29.05 -12.88 -15.84
N GLU A 434 -28.89 -11.74 -16.48
CA GLU A 434 -27.94 -11.62 -17.56
C GLU A 434 -26.52 -11.88 -17.08
N THR A 435 -26.19 -11.46 -15.88
CA THR A 435 -24.90 -11.76 -15.29
C THR A 435 -24.79 -13.24 -15.05
N CYS A 436 -25.91 -13.81 -14.67
CA CYS A 436 -26.00 -15.21 -14.42
C CYS A 436 -25.72 -15.97 -15.70
N GLU A 437 -26.21 -15.48 -16.82
CA GLU A 437 -26.01 -16.13 -18.08
C GLU A 437 -24.56 -16.03 -18.44
N LYS A 438 -23.97 -14.91 -18.16
CA LYS A 438 -22.61 -14.67 -18.51
C LYS A 438 -21.68 -15.52 -17.69
N LEU A 439 -22.10 -15.85 -16.48
CA LEU A 439 -21.29 -16.62 -15.59
C LEU A 439 -21.41 -18.10 -15.87
N SER A 440 -22.31 -18.47 -16.76
CA SER A 440 -22.53 -19.87 -17.05
C SER A 440 -21.53 -20.35 -18.08
N THR A 441 -20.79 -19.41 -18.63
CA THR A 441 -19.59 -19.73 -19.39
C THR A 441 -18.52 -20.38 -18.54
N LEU A 442 -18.48 -20.08 -17.26
CA LEU A 442 -17.52 -20.74 -16.43
C LEU A 442 -18.07 -21.68 -15.36
N THR A 443 -19.27 -21.44 -14.93
CA THR A 443 -19.81 -22.16 -13.79
C THR A 443 -19.95 -23.67 -13.91
N PRO A 444 -20.31 -24.19 -15.07
CA PRO A 444 -20.41 -25.63 -15.24
C PRO A 444 -19.07 -26.33 -15.33
N TYR A 445 -17.99 -25.58 -15.43
CA TYR A 445 -16.69 -26.11 -15.76
C TYR A 445 -15.59 -25.96 -14.77
N LEU A 446 -15.89 -25.93 -13.50
CA LEU A 446 -14.86 -25.67 -12.55
C LEU A 446 -14.43 -26.94 -11.90
N VAL A 447 -13.17 -27.28 -12.07
CA VAL A 447 -12.62 -28.48 -11.52
C VAL A 447 -11.94 -28.11 -10.25
N ALA A 448 -12.21 -28.86 -9.19
CA ALA A 448 -11.67 -28.54 -7.91
C ALA A 448 -10.23 -28.97 -7.69
N ARG A 449 -9.46 -28.11 -7.03
CA ARG A 449 -8.06 -28.40 -6.76
C ARG A 449 -7.14 -27.41 -7.46
N ALA B 14 -5.12 24.41 24.33
CA ALA B 14 -5.95 25.54 24.65
C ALA B 14 -5.57 26.64 23.71
N SER B 15 -4.29 26.69 23.37
CA SER B 15 -3.78 27.77 22.55
C SER B 15 -2.48 27.53 21.87
N SER B 16 -2.45 27.92 20.64
CA SER B 16 -1.32 27.81 19.80
C SER B 16 -0.91 29.19 19.45
N SER B 17 -1.46 30.20 20.11
CA SER B 17 -0.94 31.50 19.85
C SER B 17 -0.33 32.09 21.09
N ILE B 18 0.84 32.64 20.94
CA ILE B 18 1.52 33.29 22.02
C ILE B 18 1.72 34.70 21.59
N PRO B 19 1.52 35.66 22.46
CA PRO B 19 1.82 37.02 22.06
C PRO B 19 3.32 37.31 22.01
N MET B 20 3.72 38.17 21.11
CA MET B 20 5.08 38.59 21.05
C MET B 20 5.57 39.36 22.26
N PRO B 21 6.76 39.04 22.72
CA PRO B 21 7.36 39.80 23.78
C PRO B 21 7.75 41.18 23.33
N ALA B 22 7.60 42.14 24.22
CA ALA B 22 7.90 43.49 23.88
C ALA B 22 9.37 43.63 23.72
N GLY B 23 9.76 44.51 22.82
CA GLY B 23 11.13 44.86 22.61
C GLY B 23 11.89 43.86 21.77
N VAL B 24 11.20 42.82 21.34
CA VAL B 24 11.81 41.77 20.52
C VAL B 24 11.42 41.91 19.05
N ASN B 25 12.31 41.46 18.16
CA ASN B 25 12.06 41.54 16.73
C ASN B 25 11.61 40.19 16.17
N PRO B 26 10.80 40.24 15.11
CA PRO B 26 10.31 39.03 14.46
C PRO B 26 11.44 38.18 13.88
N ALA B 27 12.56 38.83 13.58
CA ALA B 27 13.70 38.13 13.01
C ALA B 27 14.64 37.58 14.07
N ASP B 28 14.84 38.33 15.12
CA ASP B 28 15.68 37.88 16.18
C ASP B 28 15.17 36.68 16.95
N LEU B 29 13.91 36.72 17.31
CA LEU B 29 13.26 35.65 17.99
C LEU B 29 13.14 34.35 17.22
N ALA B 30 12.78 34.46 15.96
CA ALA B 30 12.71 33.33 15.07
C ALA B 30 14.07 32.69 14.86
N ALA B 31 15.09 33.50 14.69
CA ALA B 31 16.41 32.98 14.61
C ALA B 31 16.85 32.31 15.89
N GLU B 32 16.49 32.88 17.04
CA GLU B 32 16.80 32.28 18.31
C GLU B 32 16.14 30.97 18.52
N LEU B 33 14.88 30.90 18.15
CA LEU B 33 14.10 29.69 18.22
C LEU B 33 14.71 28.68 17.34
N ALA B 34 15.16 29.10 16.19
CA ALA B 34 15.77 28.19 15.28
C ALA B 34 17.05 27.57 15.85
N ALA B 35 17.90 28.33 16.50
CA ALA B 35 19.04 27.77 17.15
C ALA B 35 18.78 26.88 18.37
N VAL B 36 18.09 27.43 19.35
CA VAL B 36 17.71 26.74 20.58
C VAL B 36 16.69 25.60 20.57
N VAL B 37 15.53 25.80 19.98
CA VAL B 37 14.51 24.77 19.98
C VAL B 37 14.92 23.55 19.21
N THR B 38 15.49 23.74 18.05
CA THR B 38 15.96 22.63 17.25
C THR B 38 17.10 21.82 17.83
N GLU B 39 18.06 22.46 18.44
CA GLU B 39 19.13 21.75 19.08
C GLU B 39 18.62 20.90 20.19
N SER B 40 17.71 21.45 20.95
CA SER B 40 17.15 20.75 22.06
C SER B 40 16.38 19.51 21.65
N VAL B 41 15.69 19.54 20.54
CA VAL B 41 14.92 18.39 20.10
C VAL B 41 15.57 17.56 19.02
N ASP B 42 16.83 17.86 18.72
CA ASP B 42 17.60 17.20 17.69
C ASP B 42 16.97 17.25 16.31
N GLU B 43 16.72 18.44 15.85
CA GLU B 43 15.97 18.66 14.64
C GLU B 43 16.68 19.51 13.63
N ASP B 44 16.49 19.19 12.38
CA ASP B 44 16.91 20.03 11.30
C ASP B 44 15.86 21.10 11.10
N TYR B 45 16.16 22.15 10.38
CA TYR B 45 15.21 23.22 10.26
C TYR B 45 15.45 24.12 9.04
N LEU B 46 14.41 24.81 8.64
CA LEU B 46 14.46 25.88 7.68
C LEU B 46 13.57 27.00 8.12
N LEU B 47 14.13 28.18 8.24
CA LEU B 47 13.40 29.38 8.55
C LEU B 47 13.23 30.27 7.33
N TYR B 48 12.00 30.59 7.00
CA TYR B 48 11.71 31.41 5.86
C TYR B 48 10.96 32.67 6.21
N GLU B 49 11.46 33.79 5.74
CA GLU B 49 10.79 35.04 5.90
C GLU B 49 10.06 35.46 4.63
N CYS B 50 8.75 35.58 4.74
CA CYS B 50 7.90 35.99 3.66
C CYS B 50 6.85 36.95 4.15
N ASP B 51 6.89 38.18 3.66
CA ASP B 51 5.83 39.17 3.92
C ASP B 51 5.52 39.40 5.40
N GLY B 52 6.54 39.61 6.22
CA GLY B 52 6.37 39.82 7.63
C GLY B 52 6.13 38.62 8.53
N GLN B 53 6.16 37.41 7.96
CA GLN B 53 5.93 36.20 8.73
C GLN B 53 7.10 35.23 8.63
N TRP B 54 7.90 35.20 9.69
CA TRP B 54 9.06 34.29 9.75
C TRP B 54 8.61 32.89 10.14
N VAL B 55 8.65 31.97 9.18
CA VAL B 55 8.20 30.62 9.41
C VAL B 55 9.36 29.68 9.64
N LEU B 56 9.42 29.11 10.83
CA LEU B 56 10.41 28.14 11.14
C LEU B 56 9.81 26.77 10.93
N ALA B 57 10.34 26.00 10.02
CA ALA B 57 9.86 24.68 9.87
C ALA B 57 10.83 23.81 10.59
N ALA B 58 10.42 23.23 11.69
CA ALA B 58 11.33 22.47 12.49
C ALA B 58 11.09 20.99 12.45
N GLY B 59 12.12 20.25 12.14
CA GLY B 59 12.11 18.81 12.15
C GLY B 59 11.71 18.25 10.84
N VAL B 60 12.30 17.16 10.44
CA VAL B 60 11.96 16.60 9.17
C VAL B 60 11.01 15.46 9.39
N GLN B 61 9.75 15.67 9.11
CA GLN B 61 8.82 14.59 9.11
C GLN B 61 9.06 13.59 8.00
N ALA B 62 9.17 14.12 6.79
CA ALA B 62 9.40 13.40 5.57
C ALA B 62 10.25 14.24 4.68
N MET B 63 11.09 13.64 3.87
CA MET B 63 12.02 14.39 3.08
C MET B 63 12.06 13.95 1.65
N VAL B 64 12.18 14.88 0.73
CA VAL B 64 12.36 14.55 -0.64
C VAL B 64 13.69 15.05 -1.14
N GLU B 65 14.51 14.15 -1.64
CA GLU B 65 15.76 14.52 -2.25
C GLU B 65 15.75 14.23 -3.71
N LEU B 66 15.92 15.24 -4.52
CA LEU B 66 16.05 15.06 -5.93
C LEU B 66 17.45 15.32 -6.39
N ASP B 67 18.01 14.32 -7.02
CA ASP B 67 19.37 14.33 -7.45
C ASP B 67 19.24 14.14 -8.90
N SER B 68 20.31 14.33 -9.60
CA SER B 68 20.34 14.21 -11.03
C SER B 68 19.99 12.80 -11.48
N ASP B 69 20.36 11.81 -10.71
CA ASP B 69 20.10 10.44 -11.06
C ASP B 69 19.14 9.69 -10.17
N GLU B 70 18.72 10.27 -9.09
CA GLU B 70 17.87 9.55 -8.21
C GLU B 70 16.89 10.46 -7.51
N LEU B 71 15.73 9.95 -7.16
CA LEU B 71 14.81 10.65 -6.34
C LEU B 71 14.63 9.82 -5.08
N ARG B 72 14.83 10.43 -3.93
CA ARG B 72 14.68 9.70 -2.72
C ARG B 72 13.59 10.29 -1.87
N VAL B 73 12.70 9.46 -1.36
CA VAL B 73 11.79 9.92 -0.37
C VAL B 73 12.08 9.16 0.88
N ILE B 74 12.31 9.87 1.97
CA ILE B 74 12.64 9.26 3.22
C ILE B 74 11.60 9.56 4.24
N ARG B 75 10.86 8.55 4.63
CA ARG B 75 9.72 8.76 5.45
C ARG B 75 9.61 7.62 6.42
N ASP B 76 9.51 7.93 7.70
CA ASP B 76 9.31 6.93 8.74
C ASP B 76 10.53 6.09 8.93
N GLY B 77 11.66 6.61 8.51
CA GLY B 77 12.89 5.87 8.55
C GLY B 77 13.19 5.00 7.35
N VAL B 78 12.35 5.06 6.33
CA VAL B 78 12.53 4.24 5.16
C VAL B 78 12.89 5.06 3.92
N THR B 79 13.93 4.70 3.23
CA THR B 79 14.32 5.42 2.05
C THR B 79 13.84 4.66 0.85
N ARG B 80 13.01 5.27 0.06
CA ARG B 80 12.62 4.72 -1.21
C ARG B 80 13.45 5.38 -2.28
N ARG B 81 14.10 4.61 -3.12
CA ARG B 81 14.98 5.16 -4.11
C ARG B 81 14.41 4.93 -5.47
N GLN B 82 14.42 5.94 -6.32
CA GLN B 82 13.81 5.84 -7.62
C GLN B 82 14.60 6.50 -8.70
N GLN B 83 14.56 5.92 -9.88
CA GLN B 83 14.98 6.56 -11.08
C GLN B 83 13.89 7.45 -11.61
N TRP B 84 14.26 8.55 -12.24
CA TRP B 84 13.33 9.48 -12.78
C TRP B 84 13.83 9.99 -14.09
N SER B 85 12.94 10.46 -14.94
CA SER B 85 13.31 11.01 -16.22
C SER B 85 12.40 12.13 -16.60
N GLY B 86 12.73 12.86 -17.65
CA GLY B 86 11.91 13.97 -18.03
C GLY B 86 12.19 15.24 -17.30
N ARG B 87 11.17 16.05 -17.09
CA ARG B 87 11.33 17.31 -16.40
C ARG B 87 11.43 17.09 -14.92
N PRO B 88 12.36 17.80 -14.29
CA PRO B 88 12.60 17.74 -12.86
C PRO B 88 11.45 18.24 -12.00
N GLY B 89 10.73 19.25 -12.44
CA GLY B 89 9.56 19.72 -11.75
C GLY B 89 8.46 18.72 -11.66
N ALA B 90 8.28 17.92 -12.68
CA ALA B 90 7.29 16.89 -12.64
C ALA B 90 7.60 15.86 -11.60
N ALA B 91 8.85 15.44 -11.54
CA ALA B 91 9.29 14.49 -10.56
C ALA B 91 9.23 14.98 -9.14
N LEU B 92 9.72 16.19 -8.91
CA LEU B 92 9.67 16.83 -7.62
C LEU B 92 8.28 17.16 -7.17
N GLY B 93 7.45 17.64 -8.07
CA GLY B 93 6.08 17.96 -7.76
C GLY B 93 5.26 16.79 -7.33
N GLU B 94 5.39 15.68 -7.99
CA GLU B 94 4.62 14.53 -7.65
C GLU B 94 4.90 14.06 -6.24
N ALA B 95 6.17 14.04 -5.87
CA ALA B 95 6.60 13.67 -4.55
C ALA B 95 6.22 14.65 -3.48
N VAL B 96 6.37 15.92 -3.78
CA VAL B 96 6.01 16.99 -2.88
C VAL B 96 4.53 17.04 -2.61
N ASP B 97 3.73 16.77 -3.61
CA ASP B 97 2.29 16.75 -3.49
C ASP B 97 1.84 15.69 -2.52
N ARG B 98 2.52 14.56 -2.50
CA ARG B 98 2.27 13.54 -1.53
C ARG B 98 2.55 13.95 -0.11
N LEU B 99 3.60 14.72 0.11
CA LEU B 99 3.93 15.23 1.41
C LEU B 99 2.84 16.12 1.91
N LEU B 100 2.28 16.88 0.99
CA LEU B 100 1.30 17.88 1.29
C LEU B 100 -0.10 17.36 1.56
N LEU B 101 -0.36 16.09 1.31
CA LEU B 101 -1.54 15.43 1.84
C LEU B 101 -1.47 15.29 3.34
N GLU B 102 -0.32 14.87 3.85
CA GLU B 102 -0.05 14.86 5.28
C GLU B 102 0.12 16.18 6.03
N THR B 103 0.79 17.15 5.45
CA THR B 103 0.99 18.43 6.11
C THR B 103 0.76 19.61 5.19
N ASP B 104 0.36 20.73 5.79
CA ASP B 104 -0.06 21.90 5.03
C ASP B 104 1.07 22.55 4.22
N GLN B 105 2.28 22.54 4.77
CA GLN B 105 3.36 23.22 4.13
C GLN B 105 4.59 22.35 3.99
N ALA B 106 5.40 22.66 3.00
CA ALA B 106 6.66 22.02 2.75
C ALA B 106 7.71 23.07 2.44
N PHE B 107 8.96 22.80 2.81
CA PHE B 107 10.01 23.79 2.63
C PHE B 107 11.29 23.16 2.11
N GLY B 108 12.11 23.95 1.43
CA GLY B 108 13.33 23.42 0.91
C GLY B 108 14.13 24.34 0.04
N TRP B 109 15.07 23.78 -0.69
CA TRP B 109 15.84 24.55 -1.59
C TRP B 109 15.95 23.88 -2.93
N VAL B 110 16.14 24.67 -3.94
CA VAL B 110 16.24 24.17 -5.27
C VAL B 110 17.57 24.63 -5.79
N ALA B 111 18.36 23.72 -6.30
CA ALA B 111 19.63 24.08 -6.86
C ALA B 111 19.54 24.76 -8.19
N PHE B 112 20.59 25.41 -8.58
CA PHE B 112 20.67 26.05 -9.85
C PHE B 112 20.49 25.01 -10.95
N GLU B 113 20.92 23.82 -10.65
CA GLU B 113 21.00 22.71 -11.54
C GLU B 113 19.66 22.10 -11.94
N PHE B 114 18.63 22.45 -11.19
CA PHE B 114 17.25 22.13 -11.44
C PHE B 114 16.79 22.78 -12.74
N GLY B 115 17.44 23.87 -13.10
CA GLY B 115 17.12 24.65 -14.26
C GLY B 115 17.74 24.25 -15.57
N VAL B 116 18.51 23.18 -15.62
CA VAL B 116 19.28 22.85 -16.81
C VAL B 116 18.67 21.85 -17.78
N HIS B 117 17.81 21.02 -17.28
CA HIS B 117 17.15 19.99 -18.03
C HIS B 117 16.28 20.55 -19.14
N ARG B 118 15.65 21.68 -18.89
CA ARG B 118 14.80 22.31 -19.87
C ARG B 118 15.58 22.76 -21.08
N TYR B 119 16.86 22.94 -20.90
CA TYR B 119 17.76 23.27 -21.97
C TYR B 119 18.53 22.07 -22.43
N GLY B 120 18.14 20.91 -21.95
CA GLY B 120 18.79 19.69 -22.30
C GLY B 120 20.25 19.61 -21.95
N LEU B 121 20.64 20.15 -20.82
CA LEU B 121 22.00 20.11 -20.34
C LEU B 121 22.29 19.15 -19.22
N GLN B 122 21.38 18.26 -18.89
CA GLN B 122 21.51 17.39 -17.74
C GLN B 122 22.55 16.26 -17.75
N GLN B 123 23.08 15.93 -18.91
CA GLN B 123 24.03 14.86 -19.09
CA GLN B 123 24.04 14.88 -18.98
C GLN B 123 25.33 15.48 -18.68
N ARG B 124 25.43 16.77 -18.50
CA ARG B 124 26.59 17.44 -17.99
C ARG B 124 26.76 17.31 -16.50
N LEU B 125 25.72 16.90 -15.83
CA LEU B 125 25.75 16.79 -14.42
C LEU B 125 26.28 15.44 -14.06
N ALA B 126 27.18 15.40 -13.10
CA ALA B 126 27.67 14.15 -12.54
C ALA B 126 26.60 13.58 -11.65
N PRO B 127 26.74 12.34 -11.28
CA PRO B 127 25.74 11.67 -10.44
C PRO B 127 25.80 12.13 -9.04
N HIS B 128 24.69 11.97 -8.36
CA HIS B 128 24.47 12.49 -7.03
C HIS B 128 24.57 13.98 -7.00
N THR B 129 24.21 14.63 -8.09
CA THR B 129 24.11 16.07 -8.10
C THR B 129 22.72 16.45 -7.62
N PRO B 130 22.70 17.19 -6.53
CA PRO B 130 21.46 17.57 -5.90
C PRO B 130 20.66 18.56 -6.70
N LEU B 131 19.40 18.31 -6.95
CA LEU B 131 18.56 19.29 -7.61
C LEU B 131 17.64 20.01 -6.67
N ALA B 132 17.02 19.29 -5.77
CA ALA B 132 16.18 19.85 -4.74
C ALA B 132 16.16 19.04 -3.46
N ARG B 133 15.99 19.71 -2.34
CA ARG B 133 15.64 19.11 -1.07
C ARG B 133 14.37 19.74 -0.55
N VAL B 134 13.29 19.00 -0.48
CA VAL B 134 12.05 19.53 0.06
C VAL B 134 11.48 18.66 1.16
N PHE B 135 11.13 19.26 2.27
CA PHE B 135 10.71 18.49 3.39
C PHE B 135 9.43 18.98 4.03
N SER B 136 8.75 18.10 4.70
CA SER B 136 7.62 18.54 5.45
C SER B 136 7.98 18.52 6.90
N PRO B 137 7.70 19.61 7.59
CA PRO B 137 8.13 19.77 8.96
C PRO B 137 7.30 19.02 9.98
N ARG B 138 7.90 18.64 11.09
CA ARG B 138 7.17 18.19 12.24
C ARG B 138 6.36 19.29 12.90
N THR B 139 6.98 20.44 13.04
CA THR B 139 6.45 21.54 13.77
C THR B 139 6.67 22.82 13.00
N ARG B 140 5.74 23.76 13.11
CA ARG B 140 5.92 25.07 12.57
C ARG B 140 5.76 26.18 13.58
N ILE B 141 6.67 27.12 13.58
CA ILE B 141 6.50 28.27 14.40
C ILE B 141 6.49 29.46 13.50
N MET B 142 5.48 30.29 13.65
CA MET B 142 5.39 31.48 12.85
C MET B 142 5.48 32.67 13.71
N VAL B 143 6.43 33.50 13.40
CA VAL B 143 6.75 34.67 14.16
C VAL B 143 6.51 35.92 13.34
N SER B 144 5.71 36.81 13.89
CA SER B 144 5.42 38.07 13.27
C SER B 144 5.65 39.15 14.30
N GLU B 145 5.44 40.39 13.91
CA GLU B 145 5.63 41.49 14.83
C GLU B 145 4.66 41.35 15.98
N LYS B 146 3.46 40.89 15.73
CA LYS B 146 2.49 40.77 16.78
C LYS B 146 2.34 39.41 17.39
N GLU B 147 2.50 38.34 16.66
CA GLU B 147 2.14 37.08 17.24
C GLU B 147 3.06 35.90 16.97
N ILE B 148 2.98 34.88 17.80
CA ILE B 148 3.65 33.62 17.57
C ILE B 148 2.62 32.53 17.43
N ARG B 149 2.63 31.85 16.30
CA ARG B 149 1.70 30.78 16.05
C ARG B 149 2.39 29.43 15.93
N LEU B 150 1.83 28.43 16.57
CA LEU B 150 2.40 27.13 16.72
C LEU B 150 1.61 26.13 15.95
N PHE B 151 2.28 25.30 15.17
CA PHE B 151 1.59 24.27 14.46
C PHE B 151 2.23 22.97 14.74
N ASP B 152 1.42 22.03 15.17
CA ASP B 152 1.84 20.67 15.36
C ASP B 152 2.97 20.62 16.31
N ALA B 153 2.90 21.46 17.31
CA ALA B 153 3.97 21.55 18.23
C ALA B 153 3.64 20.67 19.40
N GLY B 154 4.48 19.69 19.61
CA GLY B 154 4.37 18.76 20.70
C GLY B 154 4.92 19.39 21.94
N ILE B 155 4.85 18.64 23.02
CA ILE B 155 5.15 19.14 24.32
C ILE B 155 6.58 19.60 24.49
N ARG B 156 7.52 18.84 23.94
CA ARG B 156 8.93 19.17 23.97
C ARG B 156 9.19 20.46 23.25
N HIS B 157 8.56 20.63 22.10
CA HIS B 157 8.71 21.84 21.34
C HIS B 157 8.19 23.06 22.01
N ARG B 158 7.03 22.91 22.60
CA ARG B 158 6.37 23.97 23.34
C ARG B 158 7.17 24.37 24.55
N GLU B 159 7.74 23.38 25.22
CA GLU B 159 8.58 23.65 26.36
C GLU B 159 9.80 24.44 26.01
N ALA B 160 10.40 24.11 24.89
CA ALA B 160 11.56 24.79 24.39
C ALA B 160 11.32 26.24 24.04
N ILE B 161 10.20 26.47 23.39
CA ILE B 161 9.77 27.78 22.99
C ILE B 161 9.55 28.61 24.21
N ASP B 162 8.90 28.01 25.19
CA ASP B 162 8.62 28.68 26.42
C ASP B 162 9.86 29.07 27.19
N ARG B 163 10.84 28.18 27.22
CA ARG B 163 12.11 28.44 27.88
C ARG B 163 12.80 29.63 27.22
N LEU B 164 12.73 29.72 25.89
CA LEU B 164 13.33 30.82 25.21
C LEU B 164 12.64 32.14 25.52
N LEU B 165 11.32 32.12 25.55
CA LEU B 165 10.59 33.32 25.80
C LEU B 165 10.90 33.86 27.18
N ALA B 166 11.01 32.96 28.15
CA ALA B 166 11.42 33.34 29.49
C ALA B 166 12.83 33.89 29.54
N THR B 167 13.76 33.21 28.88
CA THR B 167 15.13 33.68 28.81
C THR B 167 15.41 34.96 28.04
N GLY B 168 14.85 35.06 26.85
CA GLY B 168 15.10 36.15 25.94
C GLY B 168 16.21 35.91 24.96
N VAL B 169 16.39 36.82 24.02
CA VAL B 169 17.41 36.61 23.00
C VAL B 169 18.81 36.99 23.44
N ARG B 170 19.79 36.22 22.99
CA ARG B 170 21.18 36.55 23.20
C ARG B 170 21.55 37.79 22.44
N GLU B 171 22.44 38.57 23.02
CA GLU B 171 23.01 39.67 22.31
C GLU B 171 23.97 39.17 21.27
N VAL B 172 23.94 39.79 20.11
CA VAL B 172 24.79 39.41 19.04
C VAL B 172 26.18 39.93 19.36
N PRO B 173 27.16 39.05 19.25
CA PRO B 173 28.56 39.35 19.42
C PRO B 173 29.13 40.12 18.27
N GLN B 174 30.29 40.68 18.49
CA GLN B 174 30.96 41.38 17.44
C GLN B 174 31.40 40.44 16.33
N SER B 175 31.32 40.94 15.11
CA SER B 175 31.72 40.21 13.92
C SER B 175 33.21 40.11 13.69
N ARG B 176 33.63 39.21 12.83
CA ARG B 176 35.02 39.03 12.47
C ARG B 176 35.21 39.23 10.99
N SER B 177 36.22 40.00 10.62
CA SER B 177 36.42 40.41 9.26
C SER B 177 36.93 39.34 8.34
N VAL B 178 36.66 39.49 7.06
CA VAL B 178 37.15 38.58 6.06
C VAL B 178 37.70 39.31 4.84
N ASP B 179 38.71 38.75 4.19
CA ASP B 179 39.24 39.41 3.02
C ASP B 179 38.67 38.88 1.74
N VAL B 180 38.08 39.74 0.94
CA VAL B 180 37.47 39.35 -0.30
C VAL B 180 38.25 39.78 -1.53
N SER B 181 39.46 40.24 -1.33
CA SER B 181 40.24 40.88 -2.36
C SER B 181 41.02 39.95 -3.25
N ASP B 182 41.30 38.74 -2.81
CA ASP B 182 42.01 37.83 -3.66
C ASP B 182 41.11 37.22 -4.73
N ASP B 183 41.69 36.70 -5.78
CA ASP B 183 40.92 36.14 -6.87
C ASP B 183 41.39 34.77 -7.30
N PRO B 184 41.25 33.78 -6.44
CA PRO B 184 41.73 32.43 -6.65
C PRO B 184 41.10 31.67 -7.79
N SER B 185 39.87 32.01 -8.14
CA SER B 185 39.13 31.40 -9.23
C SER B 185 39.33 32.14 -10.54
N GLY B 186 40.13 33.17 -10.53
CA GLY B 186 40.37 33.90 -11.72
C GLY B 186 39.16 34.50 -12.34
N PHE B 187 38.36 35.18 -11.54
CA PHE B 187 37.10 35.71 -11.96
C PHE B 187 37.33 36.70 -13.07
N ARG B 188 38.35 37.52 -12.94
CA ARG B 188 38.61 38.52 -13.92
C ARG B 188 38.89 37.93 -15.29
N ARG B 189 39.69 36.89 -15.35
CA ARG B 189 40.03 36.29 -16.61
C ARG B 189 38.81 35.75 -17.25
N ARG B 190 37.94 35.15 -16.45
CA ARG B 190 36.69 34.57 -16.90
C ARG B 190 35.70 35.56 -17.47
N VAL B 191 35.67 36.75 -16.91
CA VAL B 191 34.83 37.77 -17.43
C VAL B 191 35.27 38.07 -18.83
N ALA B 192 36.57 38.15 -19.01
CA ALA B 192 37.12 38.53 -20.29
C ALA B 192 36.75 37.53 -21.36
N VAL B 193 36.77 36.27 -21.03
CA VAL B 193 36.38 35.24 -21.93
C VAL B 193 34.93 35.36 -22.29
N ALA B 194 34.11 35.67 -21.30
CA ALA B 194 32.68 35.80 -21.49
C ALA B 194 32.40 36.92 -22.43
N VAL B 195 33.13 38.01 -22.26
CA VAL B 195 32.98 39.19 -23.07
C VAL B 195 33.28 38.87 -24.51
N ASP B 196 34.32 38.11 -24.76
CA ASP B 196 34.66 37.72 -26.09
C ASP B 196 33.58 36.90 -26.65
N GLU B 197 33.02 36.03 -25.86
CA GLU B 197 31.95 35.20 -26.36
C GLU B 197 30.72 36.02 -26.71
N ILE B 198 30.46 37.07 -25.95
CA ILE B 198 29.39 37.98 -26.27
C ILE B 198 29.68 38.72 -27.57
N ALA B 199 30.91 39.16 -27.71
CA ALA B 199 31.39 39.89 -28.87
C ALA B 199 31.27 39.07 -30.14
N ALA B 200 31.32 37.76 -30.01
CA ALA B 200 31.16 36.85 -31.12
C ALA B 200 29.72 36.54 -31.39
N GLY B 201 28.82 37.14 -30.66
CA GLY B 201 27.40 36.93 -30.85
C GLY B 201 26.84 35.63 -30.33
N ARG B 202 27.59 34.97 -29.47
CA ARG B 202 27.11 33.76 -28.84
C ARG B 202 25.91 33.96 -27.93
N TYR B 203 25.99 34.95 -27.06
CA TYR B 203 24.90 35.34 -26.19
C TYR B 203 25.05 36.81 -25.87
N HIS B 204 23.95 37.44 -25.45
CA HIS B 204 23.96 38.79 -24.92
C HIS B 204 24.57 39.04 -23.55
N LYS B 205 24.17 38.26 -22.57
CA LYS B 205 24.55 38.43 -21.19
C LYS B 205 24.86 37.11 -20.51
N VAL B 206 25.79 37.13 -19.59
CA VAL B 206 25.99 35.99 -18.75
C VAL B 206 26.32 36.49 -17.38
N ILE B 207 25.91 35.76 -16.36
CA ILE B 207 26.27 36.07 -15.01
C ILE B 207 27.30 35.06 -14.52
N LEU B 208 28.41 35.56 -14.02
CA LEU B 208 29.49 34.73 -13.58
C LEU B 208 29.81 35.10 -12.16
N SER B 209 30.36 34.18 -11.41
CA SER B 209 30.49 34.33 -9.98
C SER B 209 31.81 33.92 -9.40
N ARG B 210 32.03 34.24 -8.14
CA ARG B 210 33.17 33.76 -7.43
C ARG B 210 32.83 33.33 -6.03
N CYS B 211 33.60 32.38 -5.51
CA CYS B 211 33.38 31.86 -4.16
C CYS B 211 34.50 32.29 -3.22
N VAL B 212 34.13 32.91 -2.11
CA VAL B 212 35.08 33.35 -1.17
C VAL B 212 34.97 32.44 -0.01
N GLU B 213 36.06 31.88 0.40
CA GLU B 213 36.05 31.02 1.54
C GLU B 213 36.24 31.83 2.78
N VAL B 214 35.46 31.50 3.78
CA VAL B 214 35.54 32.11 5.05
C VAL B 214 36.39 31.21 5.89
N PRO B 215 37.43 31.77 6.46
CA PRO B 215 38.49 31.00 7.07
C PRO B 215 38.22 30.64 8.51
N PHE B 216 37.07 31.01 9.03
CA PHE B 216 36.65 30.62 10.35
C PHE B 216 35.22 30.15 10.28
N ALA B 217 34.80 29.40 11.26
CA ALA B 217 33.43 28.98 11.37
C ALA B 217 32.59 30.09 11.88
N ILE B 218 31.40 30.21 11.36
CA ILE B 218 30.50 31.23 11.77
C ILE B 218 29.28 30.63 12.42
N ASP B 219 28.64 31.39 13.29
CA ASP B 219 27.40 30.98 13.88
C ASP B 219 26.38 31.50 12.94
N PHE B 220 25.68 30.60 12.29
CA PHE B 220 24.68 30.95 11.30
C PHE B 220 23.46 31.70 11.82
N PRO B 221 22.86 31.30 12.92
CA PRO B 221 21.81 32.15 13.45
C PRO B 221 22.26 33.52 13.91
N LEU B 222 23.38 33.64 14.59
CA LEU B 222 23.87 34.94 14.99
C LEU B 222 24.26 35.81 13.83
N THR B 223 24.89 35.22 12.85
CA THR B 223 25.19 35.91 11.63
C THR B 223 23.92 36.34 10.90
N TYR B 224 22.89 35.50 10.88
CA TYR B 224 21.66 35.84 10.22
C TYR B 224 20.98 37.07 10.83
N ARG B 225 20.94 37.13 12.14
CA ARG B 225 20.39 38.25 12.84
C ARG B 225 21.13 39.56 12.63
N LEU B 226 22.44 39.53 12.69
CA LEU B 226 23.22 40.71 12.45
C LEU B 226 23.11 41.27 11.03
N GLY B 227 23.19 40.42 10.04
CA GLY B 227 22.97 40.81 8.67
C GLY B 227 21.60 41.32 8.31
N ARG B 228 20.60 40.80 8.97
CA ARG B 228 19.22 41.15 8.77
C ARG B 228 18.94 42.59 9.13
N ARG B 229 19.66 43.08 10.11
CA ARG B 229 19.61 44.44 10.57
C ARG B 229 20.02 45.40 9.51
N HIS B 230 20.95 44.99 8.68
CA HIS B 230 21.52 45.84 7.70
C HIS B 230 21.18 45.51 6.28
N ASN B 231 20.21 44.63 6.08
CA ASN B 231 19.80 44.25 4.76
C ASN B 231 18.32 44.35 4.69
N THR B 232 17.81 44.60 3.50
CA THR B 232 16.37 44.65 3.29
C THR B 232 15.97 43.75 2.16
N PRO B 233 15.83 42.47 2.43
CA PRO B 233 15.51 41.54 1.36
C PRO B 233 14.05 41.43 1.01
N VAL B 234 13.82 40.84 -0.13
CA VAL B 234 12.52 40.46 -0.58
C VAL B 234 12.05 39.27 0.25
N ARG B 235 12.98 38.37 0.57
CA ARG B 235 12.75 37.23 1.41
C ARG B 235 14.02 36.98 2.12
N SER B 236 13.99 36.27 3.22
CA SER B 236 15.19 35.79 3.88
C SER B 236 15.08 34.37 4.39
N PHE B 237 16.21 33.73 4.63
CA PHE B 237 16.21 32.36 5.07
C PHE B 237 17.35 32.03 6.00
N LEU B 238 17.14 31.06 6.87
CA LEU B 238 18.19 30.44 7.63
C LEU B 238 17.92 28.95 7.72
N LEU B 239 18.91 28.13 7.48
CA LEU B 239 18.68 26.72 7.53
C LEU B 239 19.81 25.86 8.03
N GLN B 240 19.44 24.68 8.45
CA GLN B 240 20.28 23.57 8.77
C GLN B 240 19.52 22.37 8.32
N LEU B 241 19.95 21.78 7.25
CA LEU B 241 19.30 20.67 6.64
C LEU B 241 20.25 19.76 5.94
N GLY B 242 20.28 18.52 6.32
CA GLY B 242 21.11 17.55 5.67
C GLY B 242 22.60 17.77 5.60
N GLY B 243 23.18 18.25 6.68
CA GLY B 243 24.58 18.56 6.72
C GLY B 243 24.93 19.93 6.20
N ILE B 244 23.95 20.67 5.74
CA ILE B 244 24.15 21.97 5.15
C ILE B 244 23.59 23.08 6.00
N ARG B 245 24.39 24.11 6.21
CA ARG B 245 23.98 25.33 6.83
C ARG B 245 24.02 26.42 5.82
N ALA B 246 22.99 27.25 5.77
CA ALA B 246 22.99 28.39 4.92
C ALA B 246 22.06 29.48 5.43
N LEU B 247 22.28 30.69 4.97
CA LEU B 247 21.50 31.83 5.33
C LEU B 247 21.52 32.84 4.21
N GLY B 248 20.48 33.66 4.12
CA GLY B 248 20.41 34.67 3.07
C GLY B 248 19.21 35.60 3.13
N TYR B 249 19.31 36.71 2.41
CA TYR B 249 18.23 37.69 2.34
C TYR B 249 18.06 37.91 0.84
N SER B 250 17.36 36.98 0.21
CA SER B 250 17.11 37.02 -1.24
C SER B 250 16.78 38.43 -1.70
N PRO B 251 17.22 38.75 -2.91
CA PRO B 251 16.94 40.02 -3.55
C PRO B 251 15.80 40.03 -4.51
N GLU B 252 15.39 38.88 -4.97
CA GLU B 252 14.38 38.81 -5.96
C GLU B 252 13.47 37.64 -5.72
N LEU B 253 12.21 37.80 -6.03
CA LEU B 253 11.30 36.71 -6.01
C LEU B 253 11.28 36.12 -7.41
N VAL B 254 11.65 34.85 -7.50
CA VAL B 254 11.55 34.09 -8.74
C VAL B 254 10.14 33.75 -9.20
N THR B 255 9.38 33.10 -8.34
CA THR B 255 8.00 32.78 -8.62
C THR B 255 7.19 32.88 -7.36
N ALA B 256 5.99 33.40 -7.44
CA ALA B 256 5.02 33.21 -6.41
C ALA B 256 3.74 32.68 -7.04
N VAL B 257 3.20 31.58 -6.53
CA VAL B 257 1.92 31.10 -7.01
C VAL B 257 0.93 31.12 -5.88
N ARG B 258 -0.20 31.78 -6.07
CA ARG B 258 -1.28 31.71 -5.11
C ARG B 258 -2.20 30.52 -5.30
N ALA B 259 -3.03 30.26 -4.32
CA ALA B 259 -4.01 29.19 -4.32
C ALA B 259 -5.00 29.32 -5.45
N ASP B 260 -5.32 30.55 -5.78
CA ASP B 260 -6.34 30.88 -6.74
C ASP B 260 -5.78 30.83 -8.14
N GLY B 261 -4.52 30.46 -8.24
CA GLY B 261 -3.86 30.33 -9.50
C GLY B 261 -3.13 31.52 -10.05
N VAL B 262 -3.05 32.61 -9.30
CA VAL B 262 -2.29 33.76 -9.75
C VAL B 262 -0.81 33.54 -9.57
N VAL B 263 -0.06 33.75 -10.64
CA VAL B 263 1.37 33.57 -10.67
C VAL B 263 2.05 34.91 -10.82
N ILE B 264 3.09 35.11 -10.01
CA ILE B 264 3.84 36.34 -9.94
C ILE B 264 5.30 36.11 -10.14
N THR B 265 5.94 36.98 -10.89
CA THR B 265 7.37 36.99 -10.97
C THR B 265 7.79 38.43 -10.93
N GLU B 266 8.89 38.74 -10.27
CA GLU B 266 9.36 40.11 -10.10
C GLU B 266 10.81 40.37 -10.38
N PRO B 267 11.20 40.41 -11.62
CA PRO B 267 12.59 40.67 -11.98
C PRO B 267 13.05 42.12 -11.75
N LEU B 268 14.23 42.27 -11.18
CA LEU B 268 14.88 43.55 -10.97
C LEU B 268 16.12 43.48 -11.80
N ALA B 269 16.44 44.51 -12.56
CA ALA B 269 17.65 44.46 -13.36
C ALA B 269 18.35 45.80 -13.53
N GLY B 270 18.13 46.70 -12.58
CA GLY B 270 18.89 47.93 -12.51
C GLY B 270 19.23 48.27 -11.08
N THR B 271 20.39 48.89 -10.88
CA THR B 271 20.81 49.31 -9.55
C THR B 271 22.00 50.29 -9.62
N ARG B 285 19.00 57.66 -8.53
CA ARG B 285 17.83 56.89 -8.95
C ARG B 285 17.22 57.49 -10.21
N ASP B 286 17.49 58.77 -10.45
CA ASP B 286 16.97 59.45 -11.60
C ASP B 286 18.02 59.20 -12.66
N ASP B 287 19.20 58.80 -12.24
CA ASP B 287 20.19 58.32 -13.18
C ASP B 287 19.81 56.90 -13.57
N LEU B 288 19.19 56.18 -12.65
CA LEU B 288 18.80 54.81 -12.87
C LEU B 288 17.58 54.78 -13.75
N GLU B 289 16.61 55.59 -13.41
CA GLU B 289 15.40 55.66 -14.17
C GLU B 289 15.68 56.16 -15.55
N SER B 290 16.89 56.58 -15.85
CA SER B 290 17.14 57.12 -17.18
C SER B 290 18.38 56.59 -17.84
N ASN B 291 19.11 55.74 -17.17
CA ASN B 291 20.22 55.09 -17.84
C ASN B 291 19.84 54.09 -18.88
N SER B 292 20.37 54.27 -20.05
CA SER B 292 20.03 53.41 -21.13
C SER B 292 20.46 52.00 -20.83
N LYS B 293 21.63 51.82 -20.27
CA LYS B 293 22.09 50.48 -20.14
C LYS B 293 21.19 49.73 -19.23
N GLU B 294 20.77 50.36 -18.16
CA GLU B 294 19.90 49.71 -17.21
C GLU B 294 18.59 49.40 -17.84
N ILE B 295 18.08 50.34 -18.60
CA ILE B 295 16.80 50.23 -19.25
C ILE B 295 16.73 49.12 -20.27
N VAL B 296 17.76 48.98 -21.08
CA VAL B 296 17.81 47.88 -22.02
C VAL B 296 17.85 46.54 -21.34
N GLU B 297 18.67 46.41 -20.32
CA GLU B 297 18.80 45.17 -19.61
C GLU B 297 17.53 44.77 -18.92
N HIS B 298 16.87 45.74 -18.30
CA HIS B 298 15.61 45.49 -17.68
C HIS B 298 14.49 45.13 -18.63
N ALA B 299 14.41 45.81 -19.74
CA ALA B 299 13.38 45.57 -20.72
C ALA B 299 13.53 44.20 -21.30
N ILE B 300 14.76 43.84 -21.52
CA ILE B 300 15.08 42.54 -22.06
C ILE B 300 14.67 41.40 -21.14
N SER B 301 14.85 41.59 -19.87
CA SER B 301 14.41 40.67 -18.85
C SER B 301 12.94 40.53 -18.74
N VAL B 302 12.24 41.64 -18.81
CA VAL B 302 10.83 41.65 -18.68
C VAL B 302 10.21 40.84 -19.80
N ARG B 303 10.76 40.99 -20.98
CA ARG B 303 10.31 40.28 -22.12
C ARG B 303 10.56 38.81 -22.00
N SER B 304 11.73 38.46 -21.48
CA SER B 304 12.07 37.08 -21.25
C SER B 304 11.18 36.46 -20.23
N SER B 305 10.92 37.19 -19.18
CA SER B 305 10.07 36.75 -18.11
C SER B 305 8.66 36.52 -18.61
N LEU B 306 8.22 37.38 -19.48
CA LEU B 306 6.92 37.31 -20.10
C LEU B 306 6.69 36.17 -21.04
N GLU B 307 7.67 35.88 -21.87
CA GLU B 307 7.62 34.76 -22.78
C GLU B 307 7.55 33.45 -22.03
N GLU B 308 8.33 33.37 -20.95
CA GLU B 308 8.40 32.16 -20.13
C GLU B 308 7.09 31.94 -19.38
N ILE B 309 6.51 33.00 -18.84
CA ILE B 309 5.27 32.89 -18.12
C ILE B 309 4.10 32.56 -19.04
N THR B 310 4.26 32.88 -20.30
CA THR B 310 3.26 32.62 -21.32
C THR B 310 3.05 31.14 -21.55
N ASP B 311 4.11 30.38 -21.43
CA ASP B 311 4.08 28.95 -21.64
C ASP B 311 3.20 28.21 -20.67
N ILE B 312 3.12 28.69 -19.43
CA ILE B 312 2.34 28.07 -18.37
C ILE B 312 1.03 28.76 -18.04
N ALA B 313 0.71 29.79 -18.78
CA ALA B 313 -0.33 30.71 -18.43
C ALA B 313 -1.56 30.53 -19.26
N GLU B 314 -2.73 30.81 -18.67
CA GLU B 314 -3.97 30.88 -19.40
C GLU B 314 -3.85 31.93 -20.44
N PRO B 315 -4.30 31.64 -21.64
CA PRO B 315 -4.12 32.55 -22.74
C PRO B 315 -4.72 33.88 -22.43
N GLY B 316 -4.03 34.94 -22.81
CA GLY B 316 -4.45 36.28 -22.49
C GLY B 316 -4.29 36.79 -21.07
N SER B 317 -3.75 35.98 -20.18
CA SER B 317 -3.68 36.35 -18.78
C SER B 317 -2.36 37.00 -18.36
N ALA B 318 -1.33 36.82 -19.15
CA ALA B 318 -0.06 37.42 -18.86
C ALA B 318 0.03 38.91 -19.08
N ALA B 319 0.38 39.63 -18.02
CA ALA B 319 0.53 41.07 -18.06
C ALA B 319 1.67 41.57 -17.21
N VAL B 320 2.24 42.70 -17.57
CA VAL B 320 3.21 43.33 -16.74
C VAL B 320 2.44 44.38 -15.99
N ILE B 321 2.25 44.19 -14.71
CA ILE B 321 1.39 45.08 -13.99
C ILE B 321 2.07 46.21 -13.30
N ASP B 322 3.37 46.16 -13.17
CA ASP B 322 4.12 47.30 -12.79
C ASP B 322 5.33 47.29 -13.65
N PHE B 323 5.67 48.38 -14.28
CA PHE B 323 6.80 48.34 -15.19
C PHE B 323 7.87 49.37 -14.93
N MET B 324 9.09 48.91 -14.74
CA MET B 324 10.26 49.74 -14.61
C MET B 324 10.13 50.78 -13.53
N THR B 325 9.45 50.40 -12.47
CA THR B 325 9.34 51.20 -11.27
C THR B 325 10.54 51.06 -10.38
N VAL B 326 10.71 52.02 -9.49
CA VAL B 326 11.87 51.98 -8.62
C VAL B 326 11.60 51.26 -7.30
N ARG B 327 12.56 50.43 -6.92
CA ARG B 327 12.45 49.62 -5.73
C ARG B 327 13.60 49.80 -4.74
N GLU B 328 13.25 50.04 -3.48
CA GLU B 328 14.16 50.08 -2.32
C GLU B 328 14.70 48.72 -1.93
N ARG B 329 16.00 48.55 -1.74
CA ARG B 329 16.36 47.24 -1.27
C ARG B 329 17.58 47.20 -0.41
N GLY B 330 18.21 46.04 -0.36
CA GLY B 330 19.40 45.89 0.46
C GLY B 330 20.65 46.53 -0.10
N SER B 331 20.75 46.59 -1.43
CA SER B 331 21.81 47.33 -2.11
C SER B 331 21.47 47.93 -3.48
N VAL B 332 20.75 49.03 -3.52
CA VAL B 332 20.07 49.60 -2.37
C VAL B 332 18.82 50.25 -2.90
N GLN B 333 18.78 50.42 -4.21
CA GLN B 333 17.55 50.75 -4.95
C GLN B 333 17.58 50.18 -6.34
N HIS B 334 16.46 49.65 -6.80
CA HIS B 334 16.41 48.92 -8.05
C HIS B 334 15.30 49.32 -8.98
N LEU B 335 15.45 48.86 -10.21
CA LEU B 335 14.43 48.88 -11.21
C LEU B 335 13.75 47.51 -11.20
N GLY B 336 12.47 47.50 -10.95
CA GLY B 336 11.72 46.28 -10.95
C GLY B 336 10.43 46.31 -11.70
N SER B 337 9.99 45.15 -12.15
CA SER B 337 8.72 45.00 -12.79
C SER B 337 7.99 43.83 -12.20
N THR B 338 6.68 43.88 -12.16
CA THR B 338 5.89 42.77 -11.64
C THR B 338 5.09 42.10 -12.73
N ILE B 339 5.22 40.80 -12.90
CA ILE B 339 4.52 40.12 -13.94
C ILE B 339 3.54 39.12 -13.40
N ARG B 340 2.33 39.16 -13.90
CA ARG B 340 1.38 38.26 -13.38
C ARG B 340 0.70 37.56 -14.46
N ALA B 341 0.10 36.45 -14.10
CA ALA B 341 -0.64 35.60 -15.00
C ALA B 341 -1.53 34.68 -14.22
N ARG B 342 -2.34 33.93 -14.93
CA ARG B 342 -3.14 32.88 -14.31
C ARG B 342 -2.65 31.55 -14.79
N LEU B 343 -2.45 30.64 -13.87
CA LEU B 343 -1.95 29.33 -14.23
C LEU B 343 -2.98 28.56 -15.01
N ASP B 344 -2.58 28.03 -16.16
CA ASP B 344 -3.44 27.21 -16.95
C ASP B 344 -3.75 25.95 -16.23
N PRO B 345 -4.94 25.42 -16.44
CA PRO B 345 -5.39 24.20 -15.79
C PRO B 345 -4.58 22.99 -16.18
N SER B 346 -4.01 22.99 -17.37
CA SER B 346 -3.06 22.01 -17.80
C SER B 346 -1.74 22.03 -17.03
N SER B 347 -1.31 23.20 -16.60
CA SER B 347 -0.06 23.41 -15.89
C SER B 347 -0.17 23.30 -14.40
N ASP B 348 0.94 23.49 -13.72
CA ASP B 348 1.01 23.33 -12.29
C ASP B 348 2.13 24.15 -11.72
N ARG B 349 2.18 24.23 -10.41
CA ARG B 349 3.09 25.12 -9.75
C ARG B 349 4.55 24.83 -9.98
N MET B 350 4.91 23.57 -10.04
CA MET B 350 6.27 23.20 -10.31
C MET B 350 6.71 23.63 -11.65
N ALA B 351 5.81 23.54 -12.62
CA ALA B 351 6.06 23.91 -13.98
C ALA B 351 6.33 25.38 -14.17
N ALA B 352 5.63 26.20 -13.44
CA ALA B 352 5.88 27.61 -13.48
C ALA B 352 7.25 27.91 -12.93
N LEU B 353 7.63 27.27 -11.85
CA LEU B 353 8.92 27.47 -11.31
C LEU B 353 9.99 27.03 -12.31
N GLU B 354 9.76 25.90 -12.92
CA GLU B 354 10.58 25.40 -13.99
C GLU B 354 10.59 26.31 -15.20
N ALA B 355 9.45 26.91 -15.51
CA ALA B 355 9.34 27.86 -16.60
C ALA B 355 10.19 29.09 -16.39
N LEU B 356 10.30 29.54 -15.15
CA LEU B 356 10.98 30.77 -14.77
C LEU B 356 12.35 30.53 -14.17
N PHE B 357 12.85 29.32 -14.27
CA PHE B 357 14.10 28.88 -13.67
C PHE B 357 15.14 28.56 -14.72
N PRO B 358 16.38 28.97 -14.50
CA PRO B 358 16.77 29.86 -13.43
C PRO B 358 16.44 31.27 -13.78
N ALA B 359 16.44 32.17 -12.82
CA ALA B 359 16.17 33.55 -13.10
C ALA B 359 17.22 34.15 -14.01
N VAL B 360 16.84 35.02 -14.92
CA VAL B 360 17.80 35.63 -15.81
C VAL B 360 18.77 36.46 -15.05
N THR B 361 18.37 36.86 -13.88
CA THR B 361 19.18 37.63 -13.00
C THR B 361 20.40 36.87 -12.61
N ALA B 362 20.28 35.57 -12.56
CA ALA B 362 21.39 34.78 -12.14
C ALA B 362 21.93 33.91 -13.23
N SER B 363 21.38 34.01 -14.42
CA SER B 363 21.84 33.24 -15.56
C SER B 363 22.37 34.01 -16.78
N GLY B 364 21.48 34.41 -17.68
CA GLY B 364 21.84 35.25 -18.79
C GLY B 364 20.78 35.32 -19.85
N ILE B 365 21.09 35.97 -20.96
CA ILE B 365 20.21 36.07 -22.10
C ILE B 365 20.97 35.74 -23.35
N PRO B 366 20.42 34.93 -24.24
CA PRO B 366 19.23 34.15 -24.00
C PRO B 366 19.47 33.07 -22.96
N LYS B 367 18.52 32.77 -22.14
CA LYS B 367 18.78 31.91 -21.02
C LYS B 367 19.61 30.65 -21.27
N ALA B 368 19.35 29.95 -22.36
CA ALA B 368 19.74 28.60 -22.60
C ALA B 368 21.21 28.71 -22.88
N ALA B 369 21.58 29.73 -23.64
CA ALA B 369 22.95 30.04 -23.94
C ALA B 369 23.80 30.46 -22.76
N GLY B 370 23.24 31.26 -21.88
CA GLY B 370 23.90 31.65 -20.66
C GLY B 370 24.17 30.55 -19.66
N VAL B 371 23.19 29.69 -19.48
CA VAL B 371 23.29 28.55 -18.63
C VAL B 371 24.34 27.60 -19.14
N GLU B 372 24.44 27.48 -20.45
CA GLU B 372 25.46 26.70 -21.08
C GLU B 372 26.86 27.23 -20.83
N ALA B 373 27.03 28.52 -20.93
CA ALA B 373 28.27 29.20 -20.68
C ALA B 373 28.74 29.07 -19.26
N ILE B 374 27.78 29.03 -18.35
CA ILE B 374 28.05 28.94 -16.94
C ILE B 374 28.74 27.63 -16.64
N PHE B 375 28.34 26.57 -17.31
CA PHE B 375 28.95 25.29 -17.10
C PHE B 375 30.41 25.36 -17.44
N ARG B 376 30.72 25.95 -18.57
CA ARG B 376 32.07 26.24 -18.98
C ARG B 376 32.88 27.28 -18.21
N LEU B 377 32.25 28.36 -17.82
CA LEU B 377 32.98 29.47 -17.25
C LEU B 377 32.80 29.78 -15.79
N ASP B 378 32.06 28.98 -15.06
CA ASP B 378 31.86 29.26 -13.67
C ASP B 378 32.21 28.03 -12.97
N GLU B 379 32.43 28.10 -11.67
CA GLU B 379 32.64 26.91 -10.88
C GLU B 379 31.33 26.18 -10.68
N CYS B 380 31.24 24.96 -11.16
CA CYS B 380 30.01 24.21 -11.15
C CYS B 380 30.22 22.87 -10.48
N PRO B 381 29.22 22.35 -9.81
CA PRO B 381 27.90 22.91 -9.73
C PRO B 381 27.80 24.10 -8.83
N ARG B 382 26.87 24.97 -9.16
CA ARG B 382 26.54 26.13 -8.37
C ARG B 382 25.90 25.85 -7.03
N GLY B 383 25.07 24.83 -7.00
CA GLY B 383 24.25 24.48 -5.87
C GLY B 383 23.18 25.44 -5.45
N LEU B 384 23.21 25.80 -4.21
CA LEU B 384 22.27 26.73 -3.65
C LEU B 384 22.38 28.08 -4.28
N TYR B 385 23.60 28.46 -4.68
CA TYR B 385 23.84 29.76 -5.30
C TYR B 385 23.11 29.92 -6.63
N SER B 386 22.24 30.93 -6.70
CA SER B 386 21.50 31.24 -7.90
C SER B 386 20.29 30.34 -8.17
N GLY B 387 19.92 29.55 -7.17
CA GLY B 387 18.74 28.73 -7.12
C GLY B 387 17.67 29.38 -6.28
N ALA B 388 16.87 28.60 -5.59
CA ALA B 388 15.82 29.15 -4.76
C ALA B 388 15.59 28.44 -3.44
N VAL B 389 15.08 29.17 -2.49
CA VAL B 389 14.53 28.65 -1.29
C VAL B 389 13.03 28.72 -1.46
N VAL B 390 12.35 27.64 -1.16
CA VAL B 390 10.93 27.49 -1.44
C VAL B 390 10.03 27.15 -0.25
N MET B 391 8.83 27.68 -0.28
CA MET B 391 7.77 27.35 0.62
C MET B 391 6.56 26.93 -0.17
N LEU B 392 6.01 25.77 0.10
CA LEU B 392 4.88 25.25 -0.64
C LEU B 392 3.72 24.97 0.28
N SER B 393 2.52 25.05 -0.26
CA SER B 393 1.32 24.81 0.52
C SER B 393 0.41 23.83 -0.14
N ALA B 394 -0.33 23.11 0.69
CA ALA B 394 -1.24 22.10 0.22
C ALA B 394 -2.36 22.69 -0.61
N ASP B 395 -2.55 23.99 -0.49
CA ASP B 395 -3.57 24.73 -1.21
C ASP B 395 -3.13 25.12 -2.59
N GLY B 396 -1.98 24.64 -2.99
CA GLY B 396 -1.43 24.94 -4.28
C GLY B 396 -0.54 26.14 -4.39
N GLY B 397 -0.27 26.81 -3.28
CA GLY B 397 0.69 27.90 -3.22
C GLY B 397 2.15 27.53 -3.31
N LEU B 398 2.93 28.38 -3.96
CA LEU B 398 4.37 28.33 -3.95
C LEU B 398 5.05 29.68 -3.80
N ASP B 399 6.03 29.79 -2.93
CA ASP B 399 6.89 30.94 -2.88
C ASP B 399 8.35 30.57 -3.07
N ALA B 400 8.99 31.12 -4.07
CA ALA B 400 10.38 30.82 -4.35
C ALA B 400 11.27 32.05 -4.43
N ALA B 401 12.31 32.10 -3.64
CA ALA B 401 13.16 33.26 -3.54
C ALA B 401 14.52 33.00 -4.10
N LEU B 402 15.05 33.91 -4.88
CA LEU B 402 16.35 33.72 -5.47
C LEU B 402 17.50 33.78 -4.49
N THR B 403 18.36 32.77 -4.52
CA THR B 403 19.41 32.66 -3.54
C THR B 403 20.65 33.34 -3.96
N LEU B 404 20.74 34.57 -3.51
CA LEU B 404 21.87 35.42 -3.68
C LEU B 404 22.04 36.06 -2.36
N ARG B 405 23.22 36.59 -2.12
CA ARG B 405 23.61 37.14 -0.84
C ARG B 405 23.46 36.21 0.33
N ALA B 406 24.09 35.07 0.21
CA ALA B 406 23.92 33.99 1.11
C ALA B 406 25.26 33.42 1.49
N ALA B 407 25.30 32.74 2.63
CA ALA B 407 26.47 32.10 3.14
C ALA B 407 26.15 30.66 3.32
N TYR B 408 27.16 29.81 3.14
CA TYR B 408 27.03 28.37 3.12
C TYR B 408 28.07 27.67 3.93
N GLN B 409 27.69 26.60 4.61
CA GLN B 409 28.62 25.72 5.23
C GLN B 409 28.29 24.29 4.90
N VAL B 410 29.16 23.65 4.15
CA VAL B 410 29.06 22.25 3.88
C VAL B 410 30.40 21.67 4.05
N GLY B 411 30.49 20.50 4.63
CA GLY B 411 31.76 19.94 4.92
C GLY B 411 32.30 20.82 5.99
N GLY B 412 33.59 21.04 5.96
CA GLY B 412 34.18 21.93 6.91
C GLY B 412 34.36 23.26 6.29
N ARG B 413 33.80 23.45 5.10
CA ARG B 413 33.99 24.67 4.32
C ARG B 413 32.83 25.65 4.45
N THR B 414 33.20 26.91 4.72
CA THR B 414 32.29 28.02 4.78
C THR B 414 32.67 28.98 3.70
N TRP B 415 31.71 29.44 2.94
CA TRP B 415 31.98 30.35 1.86
C TRP B 415 30.88 31.30 1.52
N LEU B 416 31.26 32.34 0.81
CA LEU B 416 30.33 33.31 0.32
C LEU B 416 30.41 33.24 -1.16
N ARG B 417 29.36 33.62 -1.86
CA ARG B 417 29.36 33.64 -3.29
C ARG B 417 28.63 34.82 -3.87
N ALA B 418 29.29 35.53 -4.74
CA ALA B 418 28.72 36.68 -5.41
C ALA B 418 29.05 36.80 -6.88
N GLY B 419 28.15 37.38 -7.63
CA GLY B 419 28.23 37.39 -9.06
C GLY B 419 27.99 38.73 -9.67
N ALA B 420 28.20 38.82 -10.97
CA ALA B 420 27.91 40.00 -11.74
C ALA B 420 27.46 39.64 -13.15
N GLY B 421 26.54 40.40 -13.71
CA GLY B 421 26.15 40.27 -15.09
C GLY B 421 27.12 40.88 -16.07
N ILE B 422 27.42 40.14 -17.11
CA ILE B 422 28.40 40.50 -18.09
C ILE B 422 27.72 40.75 -19.40
N ILE B 423 28.05 41.88 -19.99
CA ILE B 423 27.59 42.24 -21.29
C ILE B 423 28.80 42.65 -22.09
N GLU B 424 28.59 43.04 -23.32
CA GLU B 424 29.71 43.27 -24.21
C GLU B 424 30.70 44.29 -23.70
N GLU B 425 30.20 45.30 -23.02
CA GLU B 425 31.02 46.40 -22.59
C GLU B 425 31.56 46.25 -21.20
N SER B 426 31.38 45.09 -20.61
CA SER B 426 31.79 44.86 -19.24
C SER B 426 33.30 44.80 -19.10
N GLU B 427 33.80 45.28 -18.00
CA GLU B 427 35.22 45.31 -17.76
C GLU B 427 35.53 44.49 -16.52
N PRO B 428 36.53 43.64 -16.61
CA PRO B 428 36.81 42.69 -15.56
C PRO B 428 37.11 43.33 -14.23
N GLU B 429 37.82 44.43 -14.22
CA GLU B 429 38.10 45.09 -12.99
C GLU B 429 36.87 45.61 -12.33
N ARG B 430 35.94 46.12 -13.15
CA ARG B 430 34.71 46.71 -12.64
C ARG B 430 33.77 45.64 -12.11
N GLU B 431 33.74 44.50 -12.79
CA GLU B 431 32.94 43.40 -12.39
C GLU B 431 33.44 42.81 -11.11
N PHE B 432 34.74 42.80 -10.90
CA PHE B 432 35.28 42.31 -9.66
C PHE B 432 34.87 43.16 -8.49
N GLU B 433 34.91 44.47 -8.64
CA GLU B 433 34.50 45.36 -7.57
C GLU B 433 33.03 45.21 -7.21
N GLU B 434 32.23 44.96 -8.24
CA GLU B 434 30.79 44.78 -8.09
C GLU B 434 30.51 43.57 -7.21
N THR B 435 31.25 42.49 -7.43
CA THR B 435 31.06 41.33 -6.62
C THR B 435 31.41 41.68 -5.22
N CYS B 436 32.42 42.51 -5.08
CA CYS B 436 32.91 42.96 -3.79
C CYS B 436 31.84 43.72 -3.07
N GLU B 437 31.10 44.51 -3.82
CA GLU B 437 30.03 45.32 -3.33
C GLU B 437 28.90 44.44 -2.86
N LYS B 438 28.58 43.43 -3.64
CA LYS B 438 27.57 42.48 -3.28
C LYS B 438 27.97 41.61 -2.10
N LEU B 439 29.25 41.37 -1.92
CA LEU B 439 29.71 40.65 -0.77
C LEU B 439 29.62 41.43 0.52
N SER B 440 29.45 42.73 0.41
CA SER B 440 29.44 43.56 1.59
C SER B 440 28.10 43.59 2.29
N THR B 441 27.10 42.97 1.70
CA THR B 441 25.91 42.69 2.44
C THR B 441 26.21 41.73 3.58
N LEU B 442 27.18 40.87 3.39
CA LEU B 442 27.50 39.88 4.39
C LEU B 442 28.81 40.03 5.15
N THR B 443 29.84 40.56 4.51
CA THR B 443 31.20 40.55 5.06
C THR B 443 31.40 41.27 6.40
N PRO B 444 30.61 42.27 6.67
CA PRO B 444 30.71 43.00 7.91
C PRO B 444 29.94 42.37 9.03
N TYR B 445 29.19 41.32 8.77
CA TYR B 445 28.33 40.75 9.77
C TYR B 445 28.59 39.31 10.14
N LEU B 446 29.79 38.82 9.93
CA LEU B 446 30.06 37.43 10.25
C LEU B 446 30.43 37.14 11.68
N VAL B 447 29.61 36.35 12.31
CA VAL B 447 29.76 36.04 13.70
C VAL B 447 30.39 34.68 13.86
N ALA B 448 31.59 34.67 14.40
CA ALA B 448 32.32 33.45 14.54
C ALA B 448 31.77 32.52 15.60
N ARG B 449 31.90 31.23 15.36
CA ARG B 449 31.48 30.24 16.30
C ARG B 449 32.17 30.42 17.64
N SER C 15 -43.24 0.59 37.94
CA SER C 15 -44.01 1.62 37.29
C SER C 15 -44.43 2.67 38.28
N SER C 16 -43.50 3.14 39.08
CA SER C 16 -43.78 4.17 40.06
C SER C 16 -43.33 5.53 39.57
N SER C 17 -43.77 6.56 40.26
CA SER C 17 -43.39 7.91 39.95
C SER C 17 -42.98 8.71 41.14
N ILE C 18 -42.15 9.71 40.93
CA ILE C 18 -41.70 10.53 42.00
C ILE C 18 -41.83 11.98 41.63
N PRO C 19 -42.39 12.80 42.46
CA PRO C 19 -42.51 14.20 42.08
C PRO C 19 -41.13 14.81 41.88
N MET C 20 -41.01 15.63 40.85
CA MET C 20 -39.79 16.34 40.61
C MET C 20 -39.58 17.36 41.68
N PRO C 21 -38.36 17.47 42.14
CA PRO C 21 -38.00 18.39 43.20
C PRO C 21 -37.89 19.82 42.73
N ALA C 22 -38.34 20.73 43.57
CA ALA C 22 -38.36 22.14 43.23
C ALA C 22 -36.98 22.77 43.05
N GLY C 23 -36.85 23.55 41.99
CA GLY C 23 -35.63 24.27 41.71
C GLY C 23 -34.59 23.54 40.91
N VAL C 24 -34.89 22.36 40.46
CA VAL C 24 -33.87 21.55 39.87
C VAL C 24 -34.20 21.23 38.45
N ASN C 25 -33.29 21.59 37.55
CA ASN C 25 -33.48 21.28 36.15
C ASN C 25 -33.43 19.79 35.85
N PRO C 26 -34.38 19.32 35.06
CA PRO C 26 -34.48 17.94 34.62
C PRO C 26 -33.30 17.48 33.81
N ALA C 27 -32.71 18.36 33.04
CA ALA C 27 -31.54 18.02 32.30
C ALA C 27 -30.42 17.73 33.24
N ASP C 28 -30.31 18.52 34.28
CA ASP C 28 -29.30 18.32 35.29
C ASP C 28 -29.49 17.07 36.09
N LEU C 29 -30.71 16.80 36.48
CA LEU C 29 -31.02 15.62 37.21
C LEU C 29 -30.80 14.34 36.46
N ALA C 30 -31.28 14.29 35.24
CA ALA C 30 -31.14 13.14 34.39
C ALA C 30 -29.68 12.83 34.07
N ALA C 31 -28.90 13.85 33.82
CA ALA C 31 -27.49 13.73 33.74
C ALA C 31 -26.81 13.31 35.04
N GLU C 32 -27.26 13.81 36.18
CA GLU C 32 -26.71 13.40 37.46
C GLU C 32 -26.98 11.96 37.73
N LEU C 33 -28.17 11.52 37.40
CA LEU C 33 -28.57 10.15 37.50
C LEU C 33 -27.78 9.18 36.61
N ALA C 34 -27.41 9.60 35.42
CA ALA C 34 -26.57 8.80 34.59
C ALA C 34 -25.18 8.62 35.17
N ALA C 35 -24.65 9.68 35.75
CA ALA C 35 -23.42 9.66 36.48
C ALA C 35 -23.50 8.76 37.69
N VAL C 36 -24.61 8.84 38.39
CA VAL C 36 -24.86 8.10 39.58
C VAL C 36 -24.91 6.62 39.41
N VAL C 37 -25.70 6.14 38.48
CA VAL C 37 -25.74 4.73 38.17
C VAL C 37 -24.50 4.19 37.53
N THR C 38 -23.75 5.01 36.88
CA THR C 38 -22.50 4.57 36.38
C THR C 38 -21.71 4.22 37.60
N GLU C 39 -21.77 5.11 38.58
CA GLU C 39 -21.03 4.97 39.81
C GLU C 39 -21.45 3.78 40.66
N SER C 40 -22.70 3.67 40.97
CA SER C 40 -23.15 2.53 41.70
C SER C 40 -23.06 1.22 40.96
N VAL C 41 -23.52 1.24 39.74
CA VAL C 41 -23.79 0.01 39.07
C VAL C 41 -22.86 -0.36 37.93
N ASP C 42 -22.02 0.56 37.50
CA ASP C 42 -21.07 0.35 36.40
C ASP C 42 -21.67 -0.18 35.11
N GLU C 43 -22.70 0.45 34.62
CA GLU C 43 -23.44 -0.03 33.48
C GLU C 43 -23.45 0.94 32.33
N ASP C 44 -23.69 0.40 31.15
CA ASP C 44 -23.89 1.15 29.95
C ASP C 44 -25.26 1.85 29.89
N TYR C 45 -25.35 2.98 29.21
CA TYR C 45 -26.58 3.71 29.19
C TYR C 45 -26.69 4.63 28.01
N LEU C 46 -27.91 5.07 27.73
CA LEU C 46 -28.12 6.16 26.85
C LEU C 46 -29.17 7.08 27.41
N LEU C 47 -28.90 8.36 27.49
CA LEU C 47 -29.93 9.29 27.87
C LEU C 47 -30.41 10.06 26.64
N TYR C 48 -31.71 10.08 26.42
CA TYR C 48 -32.26 10.76 25.30
C TYR C 48 -33.26 11.80 25.69
N GLU C 49 -33.05 13.02 25.28
CA GLU C 49 -34.01 14.06 25.45
C GLU C 49 -34.90 14.19 24.23
N CYS C 50 -36.22 14.10 24.45
CA CYS C 50 -37.19 14.22 23.37
C CYS C 50 -38.49 14.87 23.82
N ASP C 51 -38.65 16.15 23.49
CA ASP C 51 -39.86 16.90 23.80
C ASP C 51 -40.12 17.06 25.29
N GLY C 52 -39.11 17.47 26.03
CA GLY C 52 -39.25 17.70 27.44
C GLY C 52 -39.18 16.47 28.33
N GLN C 53 -38.97 15.32 27.73
CA GLN C 53 -38.78 14.12 28.50
C GLN C 53 -37.35 13.69 28.35
N TRP C 54 -36.66 13.43 29.45
CA TRP C 54 -35.30 12.96 29.35
C TRP C 54 -35.23 11.49 29.71
N VAL C 55 -35.19 10.60 28.71
CA VAL C 55 -35.24 9.21 29.05
C VAL C 55 -33.87 8.58 29.22
N LEU C 56 -33.61 8.05 30.40
CA LEU C 56 -32.43 7.30 30.66
C LEU C 56 -32.75 5.84 30.57
N ALA C 57 -32.16 5.21 29.59
CA ALA C 57 -32.31 3.81 29.39
C ALA C 57 -31.09 3.20 30.01
N ALA C 58 -31.26 2.55 31.13
CA ALA C 58 -30.11 2.10 31.85
C ALA C 58 -29.95 0.60 31.84
N GLY C 59 -28.79 0.17 31.42
CA GLY C 59 -28.42 -1.22 31.38
C GLY C 59 -28.69 -1.85 30.05
N VAL C 60 -27.90 -2.83 29.69
CA VAL C 60 -28.18 -3.49 28.45
C VAL C 60 -28.72 -4.86 28.73
N GLN C 61 -30.01 -5.01 28.57
CA GLN C 61 -30.63 -6.29 28.49
C GLN C 61 -30.30 -7.08 27.25
N ALA C 62 -30.43 -6.47 26.08
CA ALA C 62 -29.97 -7.07 24.86
C ALA C 62 -29.42 -6.05 23.89
N MET C 63 -28.42 -6.44 23.12
CA MET C 63 -27.79 -5.59 22.13
C MET C 63 -27.82 -6.13 20.71
N VAL C 64 -28.19 -5.27 19.78
CA VAL C 64 -28.12 -5.58 18.39
C VAL C 64 -26.99 -4.80 17.76
N GLU C 65 -26.11 -5.50 17.09
CA GLU C 65 -25.03 -4.88 16.40
C GLU C 65 -25.14 -5.19 14.95
N LEU C 66 -25.28 -4.18 14.13
CA LEU C 66 -25.28 -4.36 12.71
C LEU C 66 -24.05 -3.79 12.12
N ASP C 67 -23.30 -4.63 11.46
CA ASP C 67 -22.09 -4.27 10.85
C ASP C 67 -22.29 -4.51 9.40
N SER C 68 -21.36 -4.06 8.61
CA SER C 68 -21.48 -4.09 7.20
C SER C 68 -21.57 -5.49 6.68
N ASP C 69 -20.90 -6.39 7.38
CA ASP C 69 -20.80 -7.77 7.04
C ASP C 69 -21.46 -8.75 7.97
N GLU C 70 -21.96 -8.29 9.08
CA GLU C 70 -22.54 -9.21 10.02
C GLU C 70 -23.51 -8.54 10.94
N LEU C 71 -24.43 -9.31 11.47
CA LEU C 71 -25.38 -8.83 12.43
C LEU C 71 -25.30 -9.74 13.62
N ARG C 72 -25.19 -9.19 14.81
CA ARG C 72 -25.09 -9.97 16.01
C ARG C 72 -26.11 -9.54 16.97
N VAL C 73 -26.65 -10.44 17.73
CA VAL C 73 -27.55 -10.07 18.78
C VAL C 73 -26.94 -10.61 20.05
N ILE C 74 -26.72 -9.77 21.05
CA ILE C 74 -26.03 -10.23 22.24
C ILE C 74 -26.84 -10.13 23.53
N ARG C 75 -27.13 -11.27 24.12
CA ARG C 75 -27.88 -11.33 25.36
C ARG C 75 -27.21 -12.19 26.36
N ASP C 76 -27.01 -11.63 27.55
CA ASP C 76 -26.57 -12.36 28.71
C ASP C 76 -25.32 -13.12 28.44
N GLY C 77 -24.42 -12.52 27.69
CA GLY C 77 -23.15 -13.11 27.35
C GLY C 77 -23.17 -13.94 26.10
N VAL C 78 -24.34 -14.22 25.58
CA VAL C 78 -24.41 -15.01 24.38
C VAL C 78 -24.54 -14.18 23.13
N THR C 79 -23.71 -14.48 22.15
CA THR C 79 -23.69 -13.80 20.90
C THR C 79 -24.20 -14.69 19.81
N ARG C 80 -25.18 -14.25 19.06
CA ARG C 80 -25.62 -14.95 17.89
C ARG C 80 -25.09 -14.22 16.68
N ARG C 81 -24.61 -14.92 15.67
CA ARG C 81 -24.18 -14.24 14.47
C ARG C 81 -24.84 -14.65 13.18
N GLN C 82 -25.41 -13.69 12.49
CA GLN C 82 -26.11 -13.93 11.27
C GLN C 82 -25.48 -13.17 10.14
N GLN C 83 -25.71 -13.64 8.92
CA GLN C 83 -25.32 -12.89 7.76
C GLN C 83 -26.58 -12.24 7.24
N TRP C 84 -26.43 -11.15 6.52
CA TRP C 84 -27.57 -10.43 6.03
C TRP C 84 -27.32 -9.92 4.64
N SER C 85 -28.40 -9.73 3.90
CA SER C 85 -28.36 -9.15 2.59
C SER C 85 -29.50 -8.18 2.43
N GLY C 86 -29.51 -7.48 1.31
CA GLY C 86 -30.50 -6.48 1.08
C GLY C 86 -30.30 -5.20 1.84
N ARG C 87 -31.39 -4.51 2.04
CA ARG C 87 -31.39 -3.28 2.77
C ARG C 87 -31.03 -3.46 4.22
N PRO C 88 -30.14 -2.62 4.72
CA PRO C 88 -29.74 -2.60 6.12
C PRO C 88 -30.89 -2.23 7.03
N GLY C 89 -31.80 -1.42 6.53
CA GLY C 89 -32.99 -1.07 7.24
C GLY C 89 -33.84 -2.28 7.52
N ALA C 90 -34.00 -3.15 6.54
CA ALA C 90 -34.68 -4.39 6.79
C ALA C 90 -33.97 -5.29 7.78
N ALA C 91 -32.68 -5.45 7.65
CA ALA C 91 -31.95 -6.28 8.58
C ALA C 91 -32.00 -5.75 10.00
N LEU C 92 -31.77 -4.45 10.15
CA LEU C 92 -31.85 -3.79 11.44
C LEU C 92 -33.23 -3.83 11.99
N GLY C 93 -34.19 -3.57 11.13
CA GLY C 93 -35.56 -3.51 11.56
C GLY C 93 -36.04 -4.82 12.12
N GLU C 94 -35.70 -5.90 11.46
CA GLU C 94 -36.10 -7.21 11.91
C GLU C 94 -35.54 -7.54 13.28
N ALA C 95 -34.26 -7.30 13.51
CA ALA C 95 -33.66 -7.48 14.81
C ALA C 95 -34.21 -6.57 15.88
N VAL C 96 -34.43 -5.33 15.56
CA VAL C 96 -34.99 -4.40 16.51
C VAL C 96 -36.39 -4.78 16.92
N ASP C 97 -37.18 -5.28 15.97
CA ASP C 97 -38.56 -5.62 16.21
C ASP C 97 -38.72 -6.73 17.24
N ARG C 98 -37.80 -7.68 17.24
CA ARG C 98 -37.73 -8.68 18.26
C ARG C 98 -37.43 -8.17 19.66
N LEU C 99 -36.49 -7.26 19.78
CA LEU C 99 -36.14 -6.76 21.08
C LEU C 99 -37.40 -6.17 21.62
N LEU C 100 -38.16 -5.58 20.74
CA LEU C 100 -39.29 -4.81 21.13
C LEU C 100 -40.47 -5.66 21.59
N LEU C 101 -40.42 -6.93 21.28
CA LEU C 101 -41.34 -7.86 21.86
C LEU C 101 -41.16 -7.97 23.36
N GLU C 102 -39.92 -8.09 23.80
CA GLU C 102 -39.62 -8.07 25.21
C GLU C 102 -39.83 -6.75 25.93
N THR C 103 -39.47 -5.64 25.31
CA THR C 103 -39.39 -4.36 25.99
C THR C 103 -40.12 -3.31 25.25
N ASP C 104 -40.55 -2.29 25.94
CA ASP C 104 -41.25 -1.22 25.29
C ASP C 104 -40.43 -0.39 24.36
N GLN C 105 -39.21 -0.10 24.74
CA GLN C 105 -38.41 0.87 24.03
C GLN C 105 -37.03 0.40 23.71
N ALA C 106 -36.49 0.82 22.59
CA ALA C 106 -35.13 0.51 22.25
C ALA C 106 -34.39 1.75 21.87
N PHE C 107 -33.11 1.78 22.13
CA PHE C 107 -32.26 2.96 22.01
C PHE C 107 -30.97 2.62 21.33
N GLY C 108 -30.38 3.54 20.60
CA GLY C 108 -29.17 3.26 19.90
C GLY C 108 -28.68 4.34 19.00
N TRP C 109 -27.70 3.99 18.20
CA TRP C 109 -27.18 4.92 17.28
C TRP C 109 -27.09 4.32 15.93
N VAL C 110 -27.16 5.16 14.93
CA VAL C 110 -27.08 4.74 13.58
C VAL C 110 -25.95 5.49 12.95
N ALA C 111 -25.07 4.77 12.31
CA ALA C 111 -23.96 5.38 11.64
C ALA C 111 -24.32 6.01 10.33
N PHE C 112 -23.48 6.89 9.88
CA PHE C 112 -23.61 7.57 8.63
C PHE C 112 -23.61 6.52 7.52
N GLU C 113 -22.82 5.51 7.74
CA GLU C 113 -22.57 4.42 6.83
C GLU C 113 -23.80 3.61 6.53
N PHE C 114 -24.76 3.66 7.43
CA PHE C 114 -26.00 3.00 7.27
C PHE C 114 -26.71 3.54 6.04
N GLY C 115 -26.42 4.75 5.65
CA GLY C 115 -27.06 5.38 4.53
C GLY C 115 -26.44 5.25 3.17
N VAL C 116 -25.31 4.58 3.10
CA VAL C 116 -24.62 4.33 1.86
C VAL C 116 -25.24 3.33 0.92
N HIS C 117 -25.88 2.33 1.48
CA HIS C 117 -26.45 1.29 0.68
C HIS C 117 -27.50 1.76 -0.31
N ARG C 118 -28.26 2.77 0.04
CA ARG C 118 -29.32 3.28 -0.81
C ARG C 118 -28.79 3.81 -2.10
N TYR C 119 -27.55 4.26 -2.05
CA TYR C 119 -26.92 4.86 -3.19
C TYR C 119 -25.88 3.97 -3.84
N GLY C 120 -25.95 2.69 -3.57
CA GLY C 120 -25.03 1.75 -4.13
C GLY C 120 -23.59 1.86 -3.77
N LEU C 121 -23.30 2.22 -2.55
CA LEU C 121 -21.95 2.41 -2.08
C LEU C 121 -21.50 1.39 -1.08
N GLN C 122 -22.22 0.32 -0.93
CA GLN C 122 -21.92 -0.66 0.08
C GLN C 122 -20.59 -1.32 -0.06
N GLN C 123 -20.11 -1.41 -1.28
CA GLN C 123 -18.85 -2.04 -1.61
C GLN C 123 -17.66 -1.30 -1.02
N ARG C 124 -17.87 -0.01 -0.74
CA ARG C 124 -16.83 0.85 -0.22
C ARG C 124 -16.49 0.54 1.24
N LEU C 125 -17.47 0.05 1.99
CA LEU C 125 -17.22 -0.22 3.38
C LEU C 125 -16.28 -1.38 3.60
N ALA C 126 -15.39 -1.22 4.56
CA ALA C 126 -14.48 -2.25 4.99
C ALA C 126 -15.20 -3.25 5.85
N PRO C 127 -14.57 -4.36 6.12
CA PRO C 127 -15.17 -5.34 6.98
C PRO C 127 -15.28 -4.81 8.38
N HIS C 128 -16.33 -5.25 9.05
CA HIS C 128 -16.65 -4.87 10.40
C HIS C 128 -16.99 -3.42 10.58
N THR C 129 -17.48 -2.76 9.56
CA THR C 129 -17.80 -1.36 9.64
C THR C 129 -19.14 -1.29 10.31
N PRO C 130 -19.22 -0.67 11.48
CA PRO C 130 -20.48 -0.60 12.21
C PRO C 130 -21.58 0.21 11.53
N LEU C 131 -22.78 -0.31 11.48
CA LEU C 131 -23.84 0.46 10.87
C LEU C 131 -24.83 0.96 11.87
N ALA C 132 -25.14 0.15 12.85
CA ALA C 132 -26.03 0.55 13.92
C ALA C 132 -25.83 -0.22 15.23
N ARG C 133 -26.01 0.42 16.35
CA ARG C 133 -26.08 -0.28 17.59
C ARG C 133 -27.36 -0.03 18.30
N VAL C 134 -28.19 -1.03 18.44
CA VAL C 134 -29.42 -0.83 19.16
C VAL C 134 -29.62 -1.75 20.36
N PHE C 135 -30.00 -1.18 21.48
CA PHE C 135 -30.17 -1.98 22.66
C PHE C 135 -31.51 -1.80 23.33
N SER C 136 -31.94 -2.84 24.01
CA SER C 136 -33.09 -2.78 24.89
C SER C 136 -32.59 -2.67 26.31
N PRO C 137 -33.12 -1.74 27.07
CA PRO C 137 -32.57 -1.48 28.38
C PRO C 137 -33.18 -2.30 29.48
N ARG C 138 -32.43 -2.54 30.53
CA ARG C 138 -32.97 -3.16 31.72
C ARG C 138 -33.98 -2.31 32.47
N THR C 139 -33.68 -1.03 32.57
CA THR C 139 -34.46 -0.09 33.31
C THR C 139 -34.62 1.19 32.49
N ARG C 140 -35.70 1.92 32.70
CA ARG C 140 -35.89 3.23 32.12
C ARG C 140 -36.26 4.25 33.17
N ILE C 141 -35.58 5.38 33.22
CA ILE C 141 -36.00 6.44 34.07
C ILE C 141 -36.27 7.66 33.25
N MET C 142 -37.46 8.22 33.43
CA MET C 142 -37.89 9.36 32.67
C MET C 142 -38.03 10.56 33.55
N VAL C 143 -37.45 11.68 33.13
CA VAL C 143 -37.42 12.89 33.91
C VAL C 143 -37.95 14.14 33.20
N SER C 144 -39.02 14.70 33.73
CA SER C 144 -39.74 15.83 33.15
C SER C 144 -39.69 16.95 34.15
N GLU C 145 -40.12 18.14 33.80
CA GLU C 145 -40.08 19.21 34.80
C GLU C 145 -41.00 18.73 35.88
N LYS C 146 -42.03 17.99 35.46
CA LYS C 146 -43.07 17.50 36.36
C LYS C 146 -42.64 16.34 37.28
N GLU C 147 -42.28 15.20 36.70
CA GLU C 147 -42.13 13.99 37.53
C GLU C 147 -40.96 13.13 37.05
N ILE C 148 -40.63 12.11 37.83
CA ILE C 148 -39.60 11.17 37.49
C ILE C 148 -40.29 9.84 37.45
N ARG C 149 -40.22 9.13 36.36
CA ARG C 149 -40.87 7.85 36.28
C ARG C 149 -39.89 6.72 36.09
N LEU C 150 -40.15 5.63 36.79
CA LEU C 150 -39.24 4.53 36.85
C LEU C 150 -39.91 3.32 36.31
N PHE C 151 -39.30 2.68 35.33
CA PHE C 151 -39.86 1.48 34.77
C PHE C 151 -38.86 0.41 35.01
N ASP C 152 -39.28 -0.66 35.64
CA ASP C 152 -38.45 -1.82 35.83
C ASP C 152 -37.15 -1.58 36.57
N ALA C 153 -37.19 -0.69 37.53
CA ALA C 153 -36.02 -0.37 38.30
C ALA C 153 -35.91 -1.28 39.49
N GLY C 154 -34.75 -1.90 39.62
CA GLY C 154 -34.44 -2.78 40.69
C GLY C 154 -34.07 -2.03 41.93
N ILE C 155 -33.99 -2.75 43.03
CA ILE C 155 -33.85 -2.13 44.33
C ILE C 155 -32.61 -1.25 44.40
N ARG C 156 -31.53 -1.72 43.78
CA ARG C 156 -30.27 -1.03 43.64
C ARG C 156 -30.39 0.29 42.88
N HIS C 157 -31.24 0.32 41.89
CA HIS C 157 -31.42 1.50 41.12
C HIS C 157 -32.34 2.46 41.84
N ARG C 158 -33.31 1.93 42.55
CA ARG C 158 -34.19 2.78 43.31
C ARG C 158 -33.45 3.49 44.42
N GLU C 159 -32.61 2.74 45.09
CA GLU C 159 -31.82 3.23 46.19
C GLU C 159 -30.84 4.29 45.80
N ALA C 160 -30.22 4.09 44.66
CA ALA C 160 -29.31 5.04 44.06
C ALA C 160 -29.97 6.31 43.61
N ILE C 161 -31.15 6.20 43.04
CA ILE C 161 -31.93 7.34 42.67
C ILE C 161 -32.25 8.12 43.90
N ASP C 162 -32.61 7.42 44.97
CA ASP C 162 -32.93 8.03 46.25
C ASP C 162 -31.78 8.76 46.91
N ARG C 163 -30.59 8.23 46.81
CA ARG C 163 -29.40 8.89 47.34
C ARG C 163 -29.14 10.21 46.65
N LEU C 164 -29.41 10.24 45.37
CA LEU C 164 -29.24 11.46 44.61
C LEU C 164 -30.22 12.55 44.95
N LEU C 165 -31.46 12.20 45.08
CA LEU C 165 -32.43 13.19 45.42
C LEU C 165 -32.05 13.74 46.76
N ALA C 166 -31.57 12.88 47.64
CA ALA C 166 -31.13 13.30 48.93
C ALA C 166 -29.92 14.20 48.92
N THR C 167 -28.91 13.83 48.18
CA THR C 167 -27.70 14.60 48.04
C THR C 167 -27.88 15.91 47.31
N GLY C 168 -28.64 15.91 46.24
CA GLY C 168 -28.70 17.00 45.30
C GLY C 168 -27.71 16.86 44.18
N VAL C 169 -27.75 17.77 43.22
CA VAL C 169 -26.90 17.67 42.05
C VAL C 169 -25.63 18.43 42.26
N ARG C 170 -24.53 17.88 41.75
CA ARG C 170 -23.22 18.50 41.91
C ARG C 170 -23.13 19.84 41.19
N GLU C 171 -22.17 20.66 41.59
CA GLU C 171 -21.97 21.97 40.98
C GLU C 171 -21.06 21.86 39.76
N VAL C 172 -21.56 22.26 38.62
CA VAL C 172 -20.76 22.13 37.46
C VAL C 172 -19.52 22.95 37.65
N PRO C 173 -18.40 22.30 37.44
CA PRO C 173 -17.09 22.91 37.51
C PRO C 173 -16.80 23.75 36.31
N GLN C 174 -15.73 24.49 36.38
CA GLN C 174 -15.28 25.27 35.27
C GLN C 174 -14.77 24.38 34.16
N SER C 175 -15.01 24.81 32.93
CA SER C 175 -14.56 24.13 31.76
C SER C 175 -13.08 24.27 31.52
N ARG C 176 -12.52 23.31 30.81
CA ARG C 176 -11.15 23.41 30.37
C ARG C 176 -11.14 23.56 28.86
N SER C 177 -10.40 24.52 28.37
CA SER C 177 -10.52 24.85 27.01
C SER C 177 -9.58 24.12 26.10
N VAL C 178 -9.89 24.19 24.82
CA VAL C 178 -9.21 23.45 23.79
C VAL C 178 -8.91 24.26 22.56
N ASP C 179 -7.82 23.88 21.92
CA ASP C 179 -7.38 24.52 20.71
C ASP C 179 -7.88 23.89 19.45
N VAL C 180 -8.56 24.67 18.65
CA VAL C 180 -9.11 24.19 17.41
C VAL C 180 -8.48 24.79 16.16
N SER C 181 -7.27 25.29 16.29
CA SER C 181 -6.65 26.05 15.22
C SER C 181 -5.74 25.24 14.33
N ASP C 182 -5.42 24.03 14.74
CA ASP C 182 -4.63 23.18 13.88
C ASP C 182 -5.47 22.56 12.78
N ASP C 183 -4.80 22.07 11.74
CA ASP C 183 -5.46 21.40 10.66
C ASP C 183 -4.69 20.19 10.26
N PRO C 184 -4.62 19.26 11.16
CA PRO C 184 -3.90 18.01 10.95
C PRO C 184 -4.50 17.16 9.83
N SER C 185 -5.80 17.31 9.60
CA SER C 185 -6.54 16.50 8.66
C SER C 185 -6.59 17.07 7.29
N GLY C 186 -5.99 18.23 7.12
CA GLY C 186 -6.03 18.95 5.88
C GLY C 186 -7.36 19.38 5.35
N PHE C 187 -8.19 19.94 6.19
CA PHE C 187 -9.54 20.28 5.83
C PHE C 187 -9.58 21.26 4.69
N ARG C 188 -8.64 22.18 4.69
CA ARG C 188 -8.53 23.21 3.67
C ARG C 188 -8.18 22.66 2.31
N ARG C 189 -7.32 21.68 2.29
CA ARG C 189 -6.97 21.03 1.07
C ARG C 189 -8.19 20.30 0.55
N ARG C 190 -8.89 19.65 1.44
CA ARG C 190 -10.04 18.88 1.07
C ARG C 190 -11.16 19.71 0.50
N VAL C 191 -11.37 20.88 1.06
CA VAL C 191 -12.37 21.82 0.56
C VAL C 191 -12.01 22.30 -0.84
N ALA C 192 -10.74 22.52 -1.07
CA ALA C 192 -10.31 23.01 -2.34
C ALA C 192 -10.60 22.01 -3.44
N VAL C 193 -10.33 20.75 -3.16
CA VAL C 193 -10.56 19.67 -4.06
C VAL C 193 -12.02 19.57 -4.36
N ALA C 194 -12.83 19.72 -3.34
CA ALA C 194 -14.28 19.64 -3.42
C ALA C 194 -14.84 20.72 -4.29
N VAL C 195 -14.33 21.91 -4.14
CA VAL C 195 -14.74 23.03 -4.93
C VAL C 195 -14.45 22.80 -6.40
N ASP C 196 -13.28 22.28 -6.72
CA ASP C 196 -12.92 22.05 -8.07
C ASP C 196 -13.88 21.10 -8.67
N GLU C 197 -14.25 20.07 -7.94
CA GLU C 197 -15.19 19.06 -8.42
C GLU C 197 -16.59 19.60 -8.73
N ILE C 198 -17.08 20.45 -7.85
CA ILE C 198 -18.35 21.11 -8.00
C ILE C 198 -18.31 22.02 -9.20
N ALA C 199 -17.21 22.71 -9.37
CA ALA C 199 -17.00 23.58 -10.51
C ALA C 199 -16.94 22.79 -11.80
N ALA C 200 -16.57 21.54 -11.71
CA ALA C 200 -16.55 20.67 -12.84
C ALA C 200 -17.85 19.96 -13.02
N GLY C 201 -18.84 20.31 -12.22
CA GLY C 201 -20.14 19.69 -12.28
C GLY C 201 -20.32 18.29 -11.73
N ARG C 202 -19.49 17.89 -10.79
CA ARG C 202 -19.60 16.54 -10.23
C ARG C 202 -20.76 16.36 -9.28
N TYR C 203 -21.04 17.37 -8.49
CA TYR C 203 -22.19 17.46 -7.63
C TYR C 203 -22.36 18.93 -7.32
N HIS C 204 -23.53 19.34 -6.87
CA HIS C 204 -23.74 20.67 -6.32
C HIS C 204 -23.08 20.99 -4.96
N LYS C 205 -23.28 20.17 -3.96
CA LYS C 205 -22.84 20.49 -2.62
C LYS C 205 -22.34 19.28 -1.87
N VAL C 206 -21.33 19.44 -1.05
CA VAL C 206 -20.92 18.41 -0.14
C VAL C 206 -20.65 18.94 1.25
N ILE C 207 -20.87 18.16 2.28
CA ILE C 207 -20.50 18.57 3.61
C ILE C 207 -19.26 17.85 3.99
N LEU C 208 -18.24 18.58 4.39
CA LEU C 208 -17.00 17.99 4.81
C LEU C 208 -16.65 18.45 6.19
N SER C 209 -15.83 17.68 6.88
CA SER C 209 -15.59 17.88 8.30
C SER C 209 -14.17 17.69 8.72
N ARG C 210 -13.92 17.93 10.01
CA ARG C 210 -12.60 17.78 10.60
C ARG C 210 -12.71 17.44 12.08
N CYS C 211 -12.01 16.39 12.50
CA CYS C 211 -12.06 15.95 13.89
C CYS C 211 -10.99 16.62 14.74
N VAL C 212 -11.42 17.23 15.84
CA VAL C 212 -10.52 17.88 16.76
C VAL C 212 -10.35 17.06 18.01
N GLU C 213 -9.13 16.66 18.26
CA GLU C 213 -8.78 15.92 19.44
C GLU C 213 -8.79 16.74 20.70
N VAL C 214 -9.28 16.16 21.77
CA VAL C 214 -9.27 16.81 23.04
C VAL C 214 -8.20 16.09 23.79
N PRO C 215 -7.21 16.83 24.26
CA PRO C 215 -6.02 16.27 24.86
C PRO C 215 -6.19 15.89 26.32
N PHE C 216 -7.36 16.13 26.87
CA PHE C 216 -7.66 15.69 28.20
C PHE C 216 -8.94 14.89 28.20
N ALA C 217 -9.07 14.00 29.15
CA ALA C 217 -10.29 13.29 29.33
C ALA C 217 -11.33 14.17 29.92
N ILE C 218 -12.56 14.01 29.49
CA ILE C 218 -13.61 14.88 29.94
C ILE C 218 -14.65 14.12 30.70
N ASP C 219 -15.43 14.83 31.50
CA ASP C 219 -16.50 14.20 32.21
C ASP C 219 -17.68 14.38 31.35
N PHE C 220 -18.21 13.31 30.82
CA PHE C 220 -19.31 13.39 29.90
C PHE C 220 -20.61 13.89 30.49
N PRO C 221 -21.06 13.41 31.62
CA PRO C 221 -22.28 13.95 32.20
C PRO C 221 -22.22 15.40 32.63
N LEU C 222 -21.15 15.84 33.24
CA LEU C 222 -20.96 17.23 33.59
C LEU C 222 -20.82 18.17 32.42
N THR C 223 -20.11 17.71 31.40
CA THR C 223 -19.99 18.40 30.15
C THR C 223 -21.34 18.50 29.49
N TYR C 224 -22.13 17.46 29.57
CA TYR C 224 -23.44 17.49 28.99
C TYR C 224 -24.30 18.56 29.64
N ARG C 225 -24.23 18.67 30.94
CA ARG C 225 -24.97 19.64 31.71
C ARG C 225 -24.58 21.07 31.40
N LEU C 226 -23.29 21.33 31.30
CA LEU C 226 -22.82 22.64 30.98
C LEU C 226 -23.18 23.13 29.58
N GLY C 227 -23.03 22.27 28.60
CA GLY C 227 -23.43 22.51 27.24
C GLY C 227 -24.91 22.70 26.99
N ARG C 228 -25.72 21.98 27.71
CA ARG C 228 -27.14 22.03 27.59
C ARG C 228 -27.67 23.39 27.99
N ARG C 229 -26.96 24.06 28.89
CA ARG C 229 -27.27 25.42 29.28
C ARG C 229 -27.12 26.42 28.18
N HIS C 230 -26.14 26.24 27.32
CA HIS C 230 -25.85 27.17 26.28
C HIS C 230 -26.26 26.73 24.89
N ASN C 231 -27.12 25.73 24.82
CA ASN C 231 -27.60 25.20 23.58
C ASN C 231 -29.05 24.96 23.70
N THR C 232 -29.81 25.23 22.66
CA THR C 232 -31.17 24.77 22.63
C THR C 232 -31.27 23.82 21.48
N PRO C 233 -31.41 22.55 21.77
CA PRO C 233 -31.39 21.54 20.74
C PRO C 233 -32.77 21.01 20.45
N VAL C 234 -32.94 20.47 19.27
CA VAL C 234 -34.10 19.71 18.90
C VAL C 234 -34.20 18.44 19.73
N ARG C 235 -33.07 17.80 19.96
CA ARG C 235 -32.95 16.59 20.76
C ARG C 235 -31.59 16.63 21.36
N SER C 236 -31.35 15.87 22.41
CA SER C 236 -30.03 15.77 22.98
C SER C 236 -29.74 14.39 23.51
N PHE C 237 -28.48 14.04 23.65
CA PHE C 237 -28.14 12.74 24.13
C PHE C 237 -26.89 12.68 24.98
N LEU C 238 -26.87 11.74 25.90
CA LEU C 238 -25.68 11.35 26.61
C LEU C 238 -25.64 9.83 26.66
N LEU C 239 -24.52 9.20 26.31
CA LEU C 239 -24.42 7.76 26.29
C LEU C 239 -23.11 7.18 26.74
N GLN C 240 -23.17 5.99 27.28
CA GLN C 240 -22.03 5.13 27.37
C GLN C 240 -22.41 3.78 26.86
N LEU C 241 -22.00 3.47 25.67
CA LEU C 241 -22.37 2.24 25.03
C LEU C 241 -21.25 1.56 24.26
N GLY C 242 -20.94 0.33 24.64
CA GLY C 242 -20.01 -0.49 23.93
C GLY C 242 -18.60 0.00 23.80
N GLY C 243 -18.10 0.68 24.80
CA GLY C 243 -16.83 1.32 24.73
C GLY C 243 -16.83 2.73 24.18
N ILE C 244 -18.00 3.24 23.86
CA ILE C 244 -18.17 4.57 23.32
C ILE C 244 -18.80 5.50 24.34
N ARG C 245 -18.26 6.70 24.44
CA ARG C 245 -18.88 7.73 25.22
C ARG C 245 -19.25 8.85 24.31
N ALA C 246 -20.47 9.34 24.36
CA ALA C 246 -20.86 10.40 23.48
C ALA C 246 -21.89 11.31 24.05
N LEU C 247 -21.84 12.55 23.63
CA LEU C 247 -22.85 13.51 23.95
C LEU C 247 -23.08 14.48 22.81
N GLY C 248 -24.29 14.96 22.69
CA GLY C 248 -24.58 15.89 21.64
C GLY C 248 -25.84 16.69 21.74
N TYR C 249 -25.86 17.81 21.06
CA TYR C 249 -27.02 18.68 21.03
C TYR C 249 -27.47 18.78 19.61
N SER C 250 -28.37 17.90 19.28
CA SER C 250 -28.82 17.68 17.94
C SER C 250 -29.64 18.80 17.35
N PRO C 251 -29.13 19.38 16.28
CA PRO C 251 -29.78 20.47 15.57
C PRO C 251 -31.04 20.12 14.83
N GLU C 252 -31.14 18.94 14.27
CA GLU C 252 -32.25 18.64 13.42
C GLU C 252 -32.76 17.23 13.64
N LEU C 253 -34.01 17.00 13.34
CA LEU C 253 -34.60 15.70 13.45
C LEU C 253 -34.61 15.09 12.10
N VAL C 254 -33.91 13.99 11.90
CA VAL C 254 -33.95 13.29 10.64
C VAL C 254 -35.26 12.61 10.30
N THR C 255 -35.77 11.80 11.20
CA THR C 255 -37.04 11.16 11.02
C THR C 255 -37.78 11.03 12.31
N ALA C 256 -39.08 11.20 12.26
CA ALA C 256 -39.94 10.80 13.34
C ALA C 256 -41.10 10.00 12.83
N VAL C 257 -41.39 8.87 13.44
CA VAL C 257 -42.60 8.15 13.08
C VAL C 257 -43.45 7.98 14.29
N ARG C 258 -44.67 8.47 14.22
CA ARG C 258 -45.65 8.24 15.27
C ARG C 258 -46.28 6.88 15.14
N ALA C 259 -46.92 6.43 16.19
CA ALA C 259 -47.65 5.19 16.20
C ALA C 259 -48.86 5.18 15.26
N ASP C 260 -49.36 6.34 14.91
CA ASP C 260 -50.48 6.49 14.00
C ASP C 260 -50.05 6.44 12.53
N GLY C 261 -48.76 6.30 12.31
CA GLY C 261 -48.18 6.30 10.99
C GLY C 261 -47.77 7.63 10.42
N VAL C 262 -47.88 8.69 11.18
CA VAL C 262 -47.41 9.98 10.69
C VAL C 262 -45.90 10.04 10.71
N VAL C 263 -45.34 10.57 9.64
CA VAL C 263 -43.92 10.62 9.47
C VAL C 263 -43.47 12.06 9.35
N ILE C 264 -42.45 12.44 10.12
CA ILE C 264 -41.94 13.79 10.15
C ILE C 264 -40.44 13.87 9.81
N THR C 265 -40.06 14.91 9.07
CA THR C 265 -38.69 15.24 8.92
C THR C 265 -38.54 16.73 8.88
N GLU C 266 -37.47 17.25 9.40
CA GLU C 266 -37.29 18.68 9.51
C GLU C 266 -35.94 19.17 9.07
N PRO C 267 -35.72 19.35 7.79
CA PRO C 267 -34.43 19.81 7.33
C PRO C 267 -34.15 21.25 7.69
N LEU C 268 -32.98 21.50 8.23
CA LEU C 268 -32.60 22.84 8.52
C LEU C 268 -31.43 23.08 7.63
N ALA C 269 -31.58 23.99 6.72
CA ALA C 269 -30.46 24.39 5.94
C ALA C 269 -30.55 25.87 5.93
N GLY C 270 -30.53 26.43 7.14
CA GLY C 270 -30.50 27.86 7.34
C GLY C 270 -29.07 28.26 7.56
N THR C 271 -28.75 28.61 8.79
CA THR C 271 -27.38 28.87 9.24
C THR C 271 -26.95 30.32 9.28
N ARG C 272 -26.88 30.85 10.48
CA ARG C 272 -26.32 32.15 10.75
C ARG C 272 -25.64 32.01 12.09
N ALA C 273 -24.79 32.96 12.49
CA ALA C 273 -24.25 32.89 13.82
C ALA C 273 -25.28 33.28 14.88
N LEU C 274 -25.17 32.66 16.05
CA LEU C 274 -26.06 32.84 17.19
C LEU C 274 -25.24 33.00 18.46
N GLY C 275 -25.80 33.65 19.45
CA GLY C 275 -25.09 33.92 20.68
C GLY C 275 -24.26 35.19 20.70
N ARG C 276 -24.18 35.87 19.56
CA ARG C 276 -23.40 37.09 19.46
C ARG C 276 -24.06 38.24 20.24
N GLY C 277 -25.36 38.10 20.48
CA GLY C 277 -26.11 39.11 21.20
C GLY C 277 -27.35 39.56 20.47
N PRO C 278 -28.47 39.60 21.18
CA PRO C 278 -29.75 40.02 20.59
C PRO C 278 -29.60 41.26 19.73
N ALA C 279 -28.41 41.85 19.73
CA ALA C 279 -28.13 43.05 18.95
C ALA C 279 -27.61 42.69 17.56
N ILE C 280 -26.71 41.71 17.50
CA ILE C 280 -26.13 41.28 16.23
C ILE C 280 -26.70 39.94 15.80
N ASP C 281 -27.67 39.44 16.56
CA ASP C 281 -28.31 38.16 16.25
C ASP C 281 -29.57 38.36 15.42
N ARG C 282 -29.92 39.62 15.19
CA ARG C 282 -31.11 39.94 14.41
C ARG C 282 -30.76 40.27 12.96
N LEU C 283 -29.50 40.67 12.74
CA LEU C 283 -29.03 41.00 11.41
C LEU C 283 -29.16 39.80 10.51
N ALA C 284 -29.11 38.60 11.08
CA ALA C 284 -29.23 37.37 10.31
C ALA C 284 -30.69 37.04 10.03
N ARG C 285 -31.56 37.37 10.98
CA ARG C 285 -32.98 37.12 10.83
C ARG C 285 -33.52 37.72 9.54
N ASP C 286 -33.14 38.97 9.27
CA ASP C 286 -33.58 39.66 8.07
C ASP C 286 -32.68 39.31 6.88
N ASP C 287 -31.36 39.22 7.12
CA ASP C 287 -30.39 38.90 6.09
C ASP C 287 -30.49 37.42 5.70
N LEU C 288 -30.68 36.56 6.71
CA LEU C 288 -30.79 35.13 6.47
C LEU C 288 -32.08 34.79 5.72
N GLU C 289 -33.16 35.46 6.10
CA GLU C 289 -34.44 35.24 5.48
C GLU C 289 -34.49 35.76 4.06
N SER C 290 -33.52 36.54 3.67
CA SER C 290 -33.54 37.14 2.36
C SER C 290 -32.35 36.76 1.57
N ASN C 291 -31.45 36.03 2.19
CA ASN C 291 -30.24 35.68 1.50
C ASN C 291 -30.48 34.62 0.47
N SER C 292 -30.13 34.94 -0.76
CA SER C 292 -30.40 34.09 -1.90
C SER C 292 -29.71 32.76 -1.86
N LYS C 293 -28.49 32.73 -1.38
CA LYS C 293 -27.79 31.50 -1.30
C LYS C 293 -28.44 30.57 -0.32
N GLU C 294 -28.85 31.10 0.81
CA GLU C 294 -29.48 30.30 1.83
C GLU C 294 -30.82 29.74 1.43
N ILE C 295 -31.57 30.54 0.70
CA ILE C 295 -32.87 30.17 0.21
C ILE C 295 -32.83 29.02 -0.77
N VAL C 296 -31.91 29.09 -1.71
CA VAL C 296 -31.78 28.06 -2.69
C VAL C 296 -31.38 26.74 -2.11
N GLU C 297 -30.40 26.75 -1.23
CA GLU C 297 -29.93 25.55 -0.62
C GLU C 297 -31.00 24.94 0.23
N HIS C 298 -31.80 25.75 0.91
CA HIS C 298 -32.93 25.25 1.64
C HIS C 298 -34.01 24.65 0.77
N ALA C 299 -34.38 25.35 -0.28
CA ALA C 299 -35.43 24.92 -1.15
C ALA C 299 -35.06 23.63 -1.82
N ILE C 300 -33.81 23.52 -2.20
CA ILE C 300 -33.31 22.35 -2.86
C ILE C 300 -33.41 21.14 -1.95
N SER C 301 -33.04 21.34 -0.72
CA SER C 301 -33.09 20.36 0.33
C SER C 301 -34.50 19.91 0.65
N VAL C 302 -35.43 20.84 0.73
CA VAL C 302 -36.80 20.50 0.93
C VAL C 302 -37.38 19.71 -0.22
N ARG C 303 -37.02 20.07 -1.44
CA ARG C 303 -37.44 19.32 -2.60
C ARG C 303 -36.89 17.91 -2.52
N SER C 304 -35.66 17.79 -2.09
CA SER C 304 -35.06 16.50 -1.91
C SER C 304 -35.72 15.68 -0.85
N SER C 305 -36.02 16.25 0.30
CA SER C 305 -36.67 15.52 1.36
C SER C 305 -38.04 15.04 0.96
N LEU C 306 -38.76 15.86 0.23
CA LEU C 306 -40.07 15.52 -0.25
C LEU C 306 -40.07 14.37 -1.19
N GLU C 307 -39.14 14.35 -2.11
CA GLU C 307 -39.09 13.29 -3.05
C GLU C 307 -38.86 12.00 -2.32
N GLU C 308 -37.96 12.03 -1.35
CA GLU C 308 -37.62 10.89 -0.53
C GLU C 308 -38.71 10.30 0.34
N ILE C 309 -39.43 11.11 1.09
CA ILE C 309 -40.46 10.58 1.96
C ILE C 309 -41.57 10.02 1.11
N THR C 310 -41.59 10.47 -0.13
CA THR C 310 -42.56 10.08 -1.11
C THR C 310 -42.48 8.63 -1.45
N ASP C 311 -41.27 8.10 -1.43
CA ASP C 311 -41.00 6.73 -1.73
C ASP C 311 -41.64 5.82 -0.70
N ILE C 312 -41.95 6.35 0.46
CA ILE C 312 -42.52 5.55 1.53
C ILE C 312 -43.88 6.01 1.97
N ALA C 313 -44.32 7.13 1.43
CA ALA C 313 -45.61 7.74 1.74
C ALA C 313 -46.82 7.13 1.04
N GLU C 314 -47.96 7.11 1.71
CA GLU C 314 -49.22 6.80 1.08
C GLU C 314 -49.38 7.89 0.10
N PRO C 315 -49.83 7.57 -1.10
CA PRO C 315 -49.84 8.57 -2.15
C PRO C 315 -50.75 9.75 -1.81
N GLY C 316 -50.22 10.95 -2.02
CA GLY C 316 -50.90 12.17 -1.68
C GLY C 316 -50.82 12.64 -0.24
N SER C 317 -50.07 11.95 0.61
CA SER C 317 -49.97 12.36 1.99
C SER C 317 -48.81 13.26 2.29
N ALA C 318 -47.86 13.35 1.37
CA ALA C 318 -46.68 14.17 1.60
C ALA C 318 -46.93 15.65 1.47
N ALA C 319 -46.55 16.43 2.47
CA ALA C 319 -46.69 17.86 2.41
C ALA C 319 -45.60 18.58 3.14
N VAL C 320 -45.30 19.80 2.74
CA VAL C 320 -44.41 20.63 3.52
C VAL C 320 -45.31 21.45 4.35
N ILE C 321 -45.29 21.27 5.66
CA ILE C 321 -46.23 21.99 6.49
C ILE C 321 -45.75 23.28 7.10
N ASP C 322 -44.45 23.45 7.23
CA ASP C 322 -43.91 24.74 7.58
C ASP C 322 -42.82 24.96 6.62
N PHE C 323 -42.81 26.06 5.90
CA PHE C 323 -41.77 26.23 4.92
C PHE C 323 -40.92 27.43 5.14
N MET C 324 -39.62 27.21 5.13
CA MET C 324 -38.62 28.27 5.16
C MET C 324 -38.81 29.24 6.27
N THR C 325 -38.97 28.71 7.44
CA THR C 325 -39.44 29.46 8.56
C THR C 325 -38.32 29.69 9.53
N VAL C 326 -38.30 30.82 10.19
CA VAL C 326 -37.23 31.08 11.11
C VAL C 326 -37.28 30.16 12.33
N ARG C 327 -36.14 29.57 12.64
CA ARG C 327 -36.02 28.66 13.75
C ARG C 327 -34.85 29.01 14.66
N GLN C 333 -30.25 32.64 13.46
CA GLN C 333 -30.54 31.26 13.84
C GLN C 333 -30.46 30.35 12.64
N HIS C 334 -31.61 29.87 12.18
CA HIS C 334 -31.73 29.28 10.84
C HIS C 334 -33.12 29.04 10.26
N LEU C 335 -33.11 28.64 9.00
CA LEU C 335 -34.29 28.46 8.21
C LEU C 335 -34.64 27.00 8.29
N GLY C 336 -35.89 26.70 8.59
CA GLY C 336 -36.28 25.31 8.68
C GLY C 336 -37.61 24.99 8.09
N SER C 337 -37.81 23.75 7.68
CA SER C 337 -39.09 23.32 7.14
C SER C 337 -39.50 21.99 7.73
N THR C 338 -40.78 21.72 7.76
CA THR C 338 -41.27 20.46 8.27
C THR C 338 -42.03 19.71 7.22
N ILE C 339 -41.68 18.46 7.02
CA ILE C 339 -42.31 17.65 6.01
C ILE C 339 -43.03 16.50 6.67
N ARG C 340 -44.25 16.27 6.23
CA ARG C 340 -45.13 15.32 6.85
C ARG C 340 -45.62 14.37 5.81
N ALA C 341 -45.86 13.15 6.21
CA ALA C 341 -46.46 12.16 5.39
C ALA C 341 -47.15 11.14 6.25
N ARG C 342 -47.80 10.22 5.61
CA ARG C 342 -48.34 9.08 6.30
C ARG C 342 -47.64 7.91 5.72
N LEU C 343 -47.12 7.06 6.57
CA LEU C 343 -46.38 5.95 6.12
C LEU C 343 -47.30 5.01 5.37
N ASP C 344 -46.94 4.69 4.16
CA ASP C 344 -47.69 3.73 3.40
C ASP C 344 -47.63 2.42 4.09
N PRO C 345 -48.59 1.59 3.79
CA PRO C 345 -48.77 0.33 4.48
C PRO C 345 -47.84 -0.73 4.01
N SER C 346 -47.36 -0.62 2.79
CA SER C 346 -46.32 -1.48 2.33
C SER C 346 -44.97 -1.19 2.97
N SER C 347 -44.80 0.00 3.52
CA SER C 347 -43.62 0.43 4.21
C SER C 347 -43.60 0.28 5.72
N ASP C 348 -42.48 0.68 6.29
CA ASP C 348 -42.21 0.55 7.69
C ASP C 348 -41.26 1.64 8.15
N ARG C 349 -41.10 1.76 9.45
CA ARG C 349 -40.34 2.81 10.09
C ARG C 349 -38.85 2.85 9.76
N MET C 350 -38.22 1.71 9.65
CA MET C 350 -36.84 1.61 9.23
C MET C 350 -36.62 2.08 7.83
N ALA C 351 -37.55 1.74 6.98
CA ALA C 351 -37.52 2.08 5.60
C ALA C 351 -37.61 3.57 5.41
N ALA C 352 -38.37 4.21 6.25
CA ALA C 352 -38.49 5.63 6.26
C ALA C 352 -37.22 6.33 6.67
N LEU C 353 -36.56 5.81 7.67
CA LEU C 353 -35.28 6.29 8.08
C LEU C 353 -34.28 6.07 6.97
N GLU C 354 -34.36 4.94 6.30
CA GLU C 354 -33.44 4.62 5.25
C GLU C 354 -33.58 5.61 4.14
N ALA C 355 -34.79 6.02 3.87
CA ALA C 355 -35.10 6.94 2.80
C ALA C 355 -34.56 8.33 3.01
N LEU C 356 -34.65 8.79 4.23
CA LEU C 356 -34.20 10.09 4.63
C LEU C 356 -32.75 10.12 5.10
N PHE C 357 -32.00 9.05 4.89
CA PHE C 357 -30.67 8.88 5.39
C PHE C 357 -29.65 8.77 4.28
N PRO C 358 -28.52 9.42 4.43
CA PRO C 358 -28.27 10.34 5.52
C PRO C 358 -28.95 11.64 5.28
N ALA C 359 -29.02 12.47 6.28
CA ALA C 359 -29.60 13.76 6.10
C ALA C 359 -28.84 14.55 5.07
N VAL C 360 -29.55 15.27 4.24
CA VAL C 360 -28.98 16.04 3.16
C VAL C 360 -28.08 17.08 3.76
N THR C 361 -28.46 17.49 4.93
CA THR C 361 -27.84 18.53 5.69
C THR C 361 -26.44 18.16 6.04
N ALA C 362 -26.21 16.89 6.28
CA ALA C 362 -24.90 16.41 6.63
C ALA C 362 -24.16 15.64 5.53
N SER C 363 -24.74 15.57 4.34
CA SER C 363 -24.12 14.87 3.25
C SER C 363 -23.91 15.59 1.93
N GLY C 364 -24.93 15.75 1.12
CA GLY C 364 -24.84 16.57 -0.04
C GLY C 364 -25.78 16.29 -1.17
N ILE C 365 -25.81 17.18 -2.14
CA ILE C 365 -26.67 17.02 -3.29
C ILE C 365 -25.89 17.14 -4.56
N PRO C 366 -26.05 16.16 -5.43
CA PRO C 366 -26.94 15.03 -5.21
C PRO C 366 -26.43 14.04 -4.18
N LYS C 367 -27.32 13.30 -3.57
CA LYS C 367 -26.96 12.39 -2.51
C LYS C 367 -26.04 11.27 -2.91
N ALA C 368 -26.23 10.68 -4.07
CA ALA C 368 -25.30 9.65 -4.45
C ALA C 368 -23.92 10.18 -4.69
N ALA C 369 -23.80 11.27 -5.43
CA ALA C 369 -22.54 11.93 -5.65
C ALA C 369 -21.93 12.56 -4.42
N GLY C 370 -22.75 13.22 -3.63
CA GLY C 370 -22.33 13.80 -2.39
C GLY C 370 -21.88 12.86 -1.31
N VAL C 371 -22.57 11.77 -1.10
CA VAL C 371 -22.12 10.76 -0.19
C VAL C 371 -20.81 10.10 -0.62
N GLU C 372 -20.63 9.90 -1.92
CA GLU C 372 -19.41 9.27 -2.41
C GLU C 372 -18.19 10.17 -2.21
N ALA C 373 -18.40 11.46 -2.39
CA ALA C 373 -17.38 12.46 -2.24
C ALA C 373 -16.88 12.46 -0.83
N ILE C 374 -17.79 12.27 0.10
CA ILE C 374 -17.47 12.20 1.49
C ILE C 374 -16.51 11.05 1.73
N PHE C 375 -16.70 9.95 1.02
CA PHE C 375 -15.82 8.82 1.17
C PHE C 375 -14.42 9.17 0.78
N ARG C 376 -14.27 9.85 -0.33
CA ARG C 376 -13.00 10.35 -0.80
C ARG C 376 -12.38 11.52 -0.05
N LEU C 377 -13.19 12.48 0.29
CA LEU C 377 -12.70 13.71 0.81
C LEU C 377 -12.86 13.94 2.29
N ASP C 378 -13.32 12.95 3.04
CA ASP C 378 -13.47 13.05 4.48
C ASP C 378 -12.86 11.87 5.15
N GLU C 379 -12.51 11.98 6.42
CA GLU C 379 -12.00 10.86 7.17
C GLU C 379 -13.14 9.91 7.44
N CYS C 380 -12.97 8.68 7.05
CA CYS C 380 -14.01 7.70 7.09
C CYS C 380 -13.49 6.47 7.75
N PRO C 381 -14.35 5.75 8.44
CA PRO C 381 -15.76 6.07 8.58
C PRO C 381 -16.11 7.18 9.54
N ARG C 382 -17.20 7.85 9.24
CA ARG C 382 -17.77 8.84 10.08
C ARG C 382 -18.28 8.34 11.40
N GLY C 383 -18.85 7.16 11.43
CA GLY C 383 -19.49 6.63 12.61
C GLY C 383 -20.68 7.38 13.10
N LEU C 384 -20.65 7.77 14.34
CA LEU C 384 -21.71 8.50 14.93
C LEU C 384 -21.95 9.85 14.29
N TYR C 385 -20.90 10.50 13.85
CA TYR C 385 -21.02 11.81 13.30
C TYR C 385 -21.80 11.82 12.01
N SER C 386 -22.85 12.60 12.01
CA SER C 386 -23.74 12.77 10.89
C SER C 386 -24.61 11.57 10.66
N GLY C 387 -24.74 10.75 11.70
CA GLY C 387 -25.68 9.64 11.71
C GLY C 387 -26.92 10.03 12.49
N ALA C 388 -27.41 9.13 13.34
CA ALA C 388 -28.53 9.44 14.19
C ALA C 388 -28.49 8.78 15.55
N VAL C 389 -29.07 9.42 16.53
CA VAL C 389 -29.30 8.76 17.78
C VAL C 389 -30.78 8.45 17.77
N VAL C 390 -31.15 7.24 18.10
CA VAL C 390 -32.51 6.79 17.92
C VAL C 390 -33.20 6.24 19.14
N MET C 391 -34.48 6.53 19.26
CA MET C 391 -35.37 5.90 20.19
C MET C 391 -36.51 5.23 19.44
N LEU C 392 -36.75 3.97 19.71
CA LEU C 392 -37.77 3.23 19.03
C LEU C 392 -38.77 2.66 20.01
N SER C 393 -40.03 2.62 19.65
CA SER C 393 -41.06 2.19 20.54
C SER C 393 -41.80 1.05 19.95
N ALA C 394 -42.25 0.16 20.80
CA ALA C 394 -42.97 -1.04 20.40
C ALA C 394 -44.28 -0.73 19.69
N ASP C 395 -44.76 0.49 19.84
CA ASP C 395 -45.99 0.92 19.25
C ASP C 395 -45.81 1.33 17.80
N GLY C 396 -44.62 1.10 17.29
CA GLY C 396 -44.20 1.49 15.95
C GLY C 396 -43.55 2.85 15.76
N GLY C 397 -43.39 3.59 16.84
CA GLY C 397 -42.70 4.85 16.84
C GLY C 397 -41.20 4.82 16.70
N LEU C 398 -40.65 5.77 15.96
CA LEU C 398 -39.24 5.96 15.78
C LEU C 398 -38.88 7.41 15.99
N ASP C 399 -37.88 7.72 16.80
CA ASP C 399 -37.36 9.07 16.86
C ASP C 399 -35.87 9.10 16.55
N ALA C 400 -35.50 9.76 15.47
CA ALA C 400 -34.12 9.80 15.04
C ALA C 400 -33.55 11.21 14.92
N ALA C 401 -32.46 11.47 15.60
CA ALA C 401 -31.87 12.78 15.67
C ALA C 401 -30.54 12.88 14.98
N LEU C 402 -30.33 13.89 14.16
CA LEU C 402 -29.06 14.05 13.50
C LEU C 402 -27.90 14.33 14.42
N THR C 403 -26.86 13.56 14.30
CA THR C 403 -25.76 13.68 15.18
C THR C 403 -24.71 14.66 14.67
N LEU C 404 -24.85 15.87 15.13
CA LEU C 404 -23.91 16.92 14.98
C LEU C 404 -23.83 17.58 16.32
N ARG C 405 -22.79 18.35 16.53
CA ARG C 405 -22.53 18.97 17.81
C ARG C 405 -22.34 18.04 19.00
N ALA C 406 -21.46 17.08 18.82
CA ALA C 406 -21.34 15.95 19.66
C ALA C 406 -19.89 15.69 19.97
N ALA C 407 -19.65 15.11 21.12
CA ALA C 407 -18.32 14.78 21.55
C ALA C 407 -18.23 13.29 21.68
N TYR C 408 -17.06 12.73 21.47
CA TYR C 408 -16.86 11.30 21.50
C TYR C 408 -15.63 10.89 22.24
N GLN C 409 -15.73 9.77 22.91
CA GLN C 409 -14.59 9.10 23.45
C GLN C 409 -14.64 7.66 23.06
N VAL C 410 -13.61 7.23 22.37
CA VAL C 410 -13.41 5.84 22.06
C VAL C 410 -11.99 5.46 22.32
N GLY C 411 -11.78 4.43 23.09
CA GLY C 411 -10.47 4.11 23.57
C GLY C 411 -9.93 5.21 24.43
N GLY C 412 -8.71 5.60 24.18
CA GLY C 412 -8.10 6.71 24.85
C GLY C 412 -8.27 8.01 24.13
N ARG C 413 -9.05 8.00 23.05
CA ARG C 413 -9.23 9.19 22.23
C ARG C 413 -10.52 9.93 22.53
N THR C 414 -10.42 11.25 22.61
CA THR C 414 -11.55 12.09 22.85
C THR C 414 -11.53 13.11 21.76
N TRP C 415 -12.66 13.39 21.17
CA TRP C 415 -12.60 14.27 20.04
C TRP C 415 -13.85 14.98 19.66
N LEU C 416 -13.67 16.01 18.87
CA LEU C 416 -14.77 16.79 18.38
C LEU C 416 -14.82 16.69 16.87
N ARG C 417 -16.00 16.78 16.33
CA ARG C 417 -16.15 16.82 14.90
C ARG C 417 -17.14 17.85 14.34
N ALA C 418 -16.70 18.68 13.42
CA ALA C 418 -17.60 19.62 12.80
C ALA C 418 -17.28 19.84 11.34
N GLY C 419 -18.24 20.29 10.59
CA GLY C 419 -18.12 20.38 9.17
C GLY C 419 -18.86 21.56 8.59
N ALA C 420 -18.80 21.72 7.28
CA ALA C 420 -19.45 22.80 6.57
C ALA C 420 -19.93 22.32 5.24
N GLY C 421 -20.94 22.95 4.69
CA GLY C 421 -21.41 22.63 3.37
C GLY C 421 -20.63 23.40 2.33
N ILE C 422 -20.08 22.68 1.37
CA ILE C 422 -19.17 23.23 0.39
C ILE C 422 -19.90 23.35 -0.92
N ILE C 423 -19.77 24.51 -1.52
CA ILE C 423 -20.41 24.87 -2.77
C ILE C 423 -19.42 25.55 -3.65
N GLU C 424 -19.87 25.94 -4.83
CA GLU C 424 -18.98 26.41 -5.87
C GLU C 424 -18.25 27.62 -5.37
N GLU C 425 -18.98 28.46 -4.69
CA GLU C 425 -18.46 29.70 -4.17
C GLU C 425 -17.45 29.61 -3.04
N SER C 426 -17.37 28.47 -2.39
CA SER C 426 -16.67 28.37 -1.12
C SER C 426 -15.18 28.62 -1.12
N GLU C 427 -14.70 29.24 -0.05
CA GLU C 427 -13.29 29.42 0.15
C GLU C 427 -12.83 28.67 1.37
N PRO C 428 -11.67 28.08 1.27
CA PRO C 428 -11.16 27.18 2.29
C PRO C 428 -10.92 27.83 3.63
N GLU C 429 -10.49 29.08 3.64
CA GLU C 429 -10.16 29.73 4.87
C GLU C 429 -11.39 30.25 5.56
N ARG C 430 -12.43 30.56 4.82
CA ARG C 430 -13.71 30.85 5.42
C ARG C 430 -14.33 29.60 5.98
N GLU C 431 -14.23 28.50 5.25
CA GLU C 431 -14.88 27.27 5.66
C GLU C 431 -14.28 26.70 6.93
N PHE C 432 -12.98 26.82 7.06
CA PHE C 432 -12.27 26.33 8.20
C PHE C 432 -12.71 27.07 9.42
N GLU C 433 -12.98 28.34 9.25
CA GLU C 433 -13.51 29.21 10.28
C GLU C 433 -14.89 28.83 10.70
N GLU C 434 -15.66 28.36 9.78
CA GLU C 434 -17.00 28.03 10.09
C GLU C 434 -17.09 26.72 10.90
N THR C 435 -16.06 25.89 10.81
CA THR C 435 -15.97 24.73 11.63
C THR C 435 -15.69 25.17 13.03
N CYS C 436 -14.87 26.21 13.11
CA CYS C 436 -14.49 26.82 14.37
C CYS C 436 -15.75 27.29 15.07
N GLU C 437 -16.62 27.98 14.33
CA GLU C 437 -17.86 28.40 14.92
C GLU C 437 -18.78 27.30 15.36
N LYS C 438 -18.85 26.24 14.58
CA LYS C 438 -19.72 25.12 14.87
C LYS C 438 -19.19 24.37 16.05
N LEU C 439 -17.89 24.25 16.14
CA LEU C 439 -17.24 23.64 17.26
C LEU C 439 -17.41 24.35 18.61
N SER C 440 -17.78 25.63 18.58
CA SER C 440 -17.97 26.42 19.79
C SER C 440 -19.34 26.20 20.44
N THR C 441 -20.11 25.28 19.91
CA THR C 441 -21.29 24.81 20.60
C THR C 441 -20.80 23.94 21.72
N LEU C 442 -19.65 23.31 21.54
CA LEU C 442 -19.13 22.54 22.63
C LEU C 442 -17.83 23.03 23.26
N THR C 443 -17.00 23.77 22.54
CA THR C 443 -15.65 24.04 22.97
C THR C 443 -15.48 24.78 24.31
N PRO C 444 -16.39 25.68 24.64
CA PRO C 444 -16.28 26.41 25.89
C PRO C 444 -16.81 25.61 27.06
N TYR C 445 -17.35 24.43 26.81
CA TYR C 445 -18.04 23.69 27.81
C TYR C 445 -17.53 22.33 28.19
N LEU C 446 -16.25 22.11 28.05
CA LEU C 446 -15.72 20.81 28.36
C LEU C 446 -15.21 20.66 29.77
N VAL C 447 -15.86 19.85 30.56
CA VAL C 447 -15.45 19.61 31.91
C VAL C 447 -14.55 18.42 31.95
N ALA C 448 -13.34 18.64 32.41
CA ALA C 448 -12.33 17.65 32.46
C ALA C 448 -12.61 16.65 33.54
N ARG C 449 -12.29 15.39 33.28
CA ARG C 449 -12.54 14.33 34.22
C ARG C 449 -11.70 14.54 35.43
N GLN C 450 -12.31 14.52 36.60
CA GLN C 450 -11.55 14.67 37.82
C GLN C 450 -11.55 13.39 38.63
N THR D 13 38.00 -31.98 -11.04
CA THR D 13 38.92 -32.09 -9.93
C THR D 13 39.57 -30.77 -9.66
N ALA D 14 39.59 -29.91 -10.67
CA ALA D 14 40.30 -28.64 -10.60
C ALA D 14 39.38 -27.44 -10.48
N SER D 15 39.83 -26.39 -9.80
CA SER D 15 38.99 -25.25 -9.50
C SER D 15 39.60 -23.88 -9.74
N SER D 16 38.74 -22.87 -9.84
CA SER D 16 39.12 -21.46 -9.91
C SER D 16 38.57 -20.79 -8.68
N SER D 17 39.21 -19.74 -8.21
CA SER D 17 38.81 -19.09 -6.96
C SER D 17 38.60 -17.62 -7.11
N ILE D 18 37.71 -17.09 -6.31
CA ILE D 18 37.54 -15.67 -6.17
C ILE D 18 37.63 -15.40 -4.70
N PRO D 19 38.49 -14.47 -4.30
CA PRO D 19 38.59 -14.17 -2.88
C PRO D 19 37.23 -13.65 -2.44
N MET D 20 36.79 -14.00 -1.25
CA MET D 20 35.50 -13.55 -0.77
C MET D 20 35.53 -12.07 -0.39
N PRO D 21 34.47 -11.36 -0.74
CA PRO D 21 34.31 -9.96 -0.36
C PRO D 21 33.93 -9.90 1.11
N ALA D 22 34.45 -8.92 1.84
CA ALA D 22 34.38 -8.84 3.29
C ALA D 22 32.99 -8.76 3.89
N GLY D 23 32.13 -7.92 3.33
CA GLY D 23 30.80 -7.76 3.88
C GLY D 23 29.96 -9.01 3.88
N VAL D 24 30.06 -9.77 2.79
CA VAL D 24 29.18 -10.90 2.54
C VAL D 24 29.35 -12.09 3.50
N ASN D 25 28.23 -12.65 3.91
CA ASN D 25 28.19 -13.86 4.67
C ASN D 25 28.02 -14.93 3.67
N PRO D 26 28.66 -16.07 3.88
CA PRO D 26 28.65 -17.15 2.90
C PRO D 26 27.28 -17.76 2.66
N ALA D 27 26.51 -17.89 3.71
CA ALA D 27 25.18 -18.40 3.59
C ALA D 27 24.32 -17.48 2.79
N ASP D 28 24.47 -16.20 2.97
CA ASP D 28 23.71 -15.27 2.18
C ASP D 28 24.07 -15.32 0.72
N LEU D 29 25.35 -15.34 0.41
CA LEU D 29 25.85 -15.44 -0.94
C LEU D 29 25.57 -16.72 -1.66
N ALA D 30 25.71 -17.80 -0.94
CA ALA D 30 25.42 -19.12 -1.42
C ALA D 30 23.97 -19.31 -1.72
N ALA D 31 23.11 -18.82 -0.88
CA ALA D 31 21.70 -18.88 -1.12
C ALA D 31 21.25 -18.04 -2.29
N GLU D 32 21.81 -16.85 -2.41
CA GLU D 32 21.53 -15.95 -3.50
C GLU D 32 21.95 -16.50 -4.82
N LEU D 33 23.11 -17.10 -4.83
CA LEU D 33 23.62 -17.74 -6.00
C LEU D 33 22.80 -18.93 -6.47
N ALA D 34 22.35 -19.74 -5.55
CA ALA D 34 21.48 -20.83 -5.85
C ALA D 34 20.17 -20.34 -6.41
N ALA D 35 19.63 -19.29 -5.84
CA ALA D 35 18.44 -18.74 -6.41
C ALA D 35 18.61 -18.14 -7.78
N VAL D 36 19.47 -17.17 -7.93
CA VAL D 36 19.62 -16.54 -9.23
C VAL D 36 20.26 -17.33 -10.34
N VAL D 37 21.40 -17.94 -10.10
CA VAL D 37 22.10 -18.67 -11.12
C VAL D 37 21.36 -19.88 -11.64
N THR D 38 20.79 -20.68 -10.78
CA THR D 38 20.06 -21.85 -11.20
C THR D 38 18.84 -21.55 -12.03
N GLU D 39 18.09 -20.54 -11.66
CA GLU D 39 16.96 -20.10 -12.43
C GLU D 39 17.31 -19.61 -13.82
N SER D 40 18.36 -18.84 -13.90
CA SER D 40 18.80 -18.32 -15.15
C SER D 40 19.24 -19.38 -16.10
N VAL D 41 19.91 -20.39 -15.62
CA VAL D 41 20.31 -21.48 -16.47
C VAL D 41 19.31 -22.62 -16.60
N ASP D 42 18.18 -22.55 -15.93
CA ASP D 42 17.19 -23.62 -15.88
C ASP D 42 17.61 -24.95 -15.29
N GLU D 43 18.15 -24.90 -14.10
CA GLU D 43 18.60 -26.08 -13.43
C GLU D 43 18.18 -26.28 -11.97
N ASP D 44 18.06 -27.55 -11.61
CA ASP D 44 17.85 -28.04 -10.27
C ASP D 44 19.11 -27.94 -9.46
N TYR D 45 19.00 -27.90 -8.15
CA TYR D 45 20.15 -27.70 -7.32
C TYR D 45 20.00 -28.25 -5.93
N LEU D 46 21.11 -28.48 -5.26
CA LEU D 46 21.16 -28.66 -3.84
C LEU D 46 22.32 -27.87 -3.24
N LEU D 47 22.08 -27.19 -2.13
CA LEU D 47 23.12 -26.49 -1.42
C LEU D 47 23.30 -27.17 -0.08
N TYR D 48 24.52 -27.54 0.26
CA TYR D 48 24.81 -28.18 1.53
C TYR D 48 25.81 -27.42 2.37
N GLU D 49 25.53 -27.21 3.64
CA GLU D 49 26.47 -26.55 4.52
C GLU D 49 27.22 -27.56 5.39
N CYS D 50 28.53 -27.67 5.20
CA CYS D 50 29.35 -28.58 5.97
C CYS D 50 30.63 -27.92 6.46
N ASP D 51 30.76 -27.71 7.76
CA ASP D 51 32.00 -27.21 8.34
C ASP D 51 32.58 -25.91 7.76
N GLY D 52 31.74 -24.92 7.57
CA GLY D 52 32.17 -23.68 7.01
C GLY D 52 32.15 -23.55 5.50
N GLN D 53 31.88 -24.65 4.80
CA GLN D 53 31.70 -24.58 3.37
C GLN D 53 30.23 -24.72 3.03
N TRP D 54 29.78 -23.89 2.13
CA TRP D 54 28.47 -23.99 1.57
C TRP D 54 28.68 -24.48 0.18
N VAL D 55 28.28 -25.71 -0.11
CA VAL D 55 28.50 -26.26 -1.42
C VAL D 55 27.23 -26.29 -2.26
N LEU D 56 27.25 -25.57 -3.35
CA LEU D 56 26.16 -25.60 -4.27
C LEU D 56 26.42 -26.58 -5.38
N ALA D 57 25.59 -27.58 -5.47
CA ALA D 57 25.68 -28.54 -6.51
C ALA D 57 24.56 -28.18 -7.44
N ALA D 58 24.93 -27.66 -8.59
CA ALA D 58 23.98 -27.10 -9.49
C ALA D 58 23.94 -27.84 -10.80
N GLY D 59 22.78 -28.27 -11.19
CA GLY D 59 22.61 -29.01 -12.40
C GLY D 59 22.66 -30.50 -12.14
N VAL D 60 21.94 -31.25 -12.93
CA VAL D 60 21.92 -32.67 -12.83
C VAL D 60 22.60 -33.33 -14.03
N GLN D 61 23.79 -33.83 -13.80
CA GLN D 61 24.54 -34.56 -14.79
C GLN D 61 24.12 -36.01 -14.91
N ALA D 62 23.78 -36.60 -13.77
CA ALA D 62 23.15 -37.90 -13.67
C ALA D 62 22.32 -37.99 -12.40
N MET D 63 21.28 -38.80 -12.42
CA MET D 63 20.40 -38.98 -11.28
C MET D 63 20.13 -40.43 -10.85
N VAL D 64 20.22 -40.74 -9.57
CA VAL D 64 19.81 -42.03 -9.11
C VAL D 64 18.53 -41.93 -8.34
N GLU D 65 17.55 -42.70 -8.72
CA GLU D 65 16.33 -42.76 -7.97
C GLU D 65 16.08 -44.13 -7.43
N LEU D 66 16.02 -44.27 -6.13
CA LEU D 66 15.72 -45.53 -5.50
C LEU D 66 14.40 -45.48 -4.84
N ASP D 67 13.54 -46.39 -5.22
CA ASP D 67 12.19 -46.46 -4.76
C ASP D 67 12.05 -47.83 -4.21
N SER D 68 10.96 -48.08 -3.56
CA SER D 68 10.83 -49.33 -2.86
C SER D 68 10.86 -50.51 -3.78
N ASP D 69 10.29 -50.33 -4.96
CA ASP D 69 10.20 -51.39 -5.93
C ASP D 69 11.07 -51.22 -7.14
N GLU D 70 11.69 -50.07 -7.30
CA GLU D 70 12.52 -49.86 -8.46
C GLU D 70 13.75 -49.01 -8.23
N LEU D 71 14.79 -49.25 -9.00
CA LEU D 71 15.95 -48.38 -9.05
C LEU D 71 16.05 -47.82 -10.46
N ARG D 72 16.20 -46.52 -10.58
CA ARG D 72 16.37 -45.87 -11.87
C ARG D 72 17.61 -45.03 -11.89
N VAL D 73 18.42 -45.21 -12.90
CA VAL D 73 19.48 -44.27 -13.13
C VAL D 73 19.15 -43.52 -14.38
N ILE D 74 19.21 -42.19 -14.30
CA ILE D 74 18.79 -41.39 -15.40
C ILE D 74 19.98 -40.64 -15.89
N ARG D 75 20.31 -40.82 -17.16
CA ARG D 75 21.41 -40.09 -17.74
C ARG D 75 21.25 -39.86 -19.24
N ASP D 76 21.47 -38.65 -19.71
CA ASP D 76 21.40 -38.45 -21.13
C ASP D 76 20.08 -38.95 -21.71
N GLY D 77 18.97 -38.54 -21.14
CA GLY D 77 17.70 -38.80 -21.79
C GLY D 77 17.09 -40.18 -21.64
N VAL D 78 17.77 -41.07 -20.95
CA VAL D 78 17.27 -42.41 -20.78
C VAL D 78 17.16 -42.87 -19.34
N THR D 79 15.95 -43.29 -19.01
CA THR D 79 15.63 -43.83 -17.73
C THR D 79 15.96 -45.31 -17.74
N ARG D 80 17.10 -45.68 -17.14
CA ARG D 80 17.52 -47.08 -17.05
C ARG D 80 16.99 -47.87 -15.83
N ARG D 81 15.77 -48.34 -15.93
CA ARG D 81 15.07 -49.07 -14.86
C ARG D 81 15.59 -50.46 -14.47
N GLN D 82 15.59 -50.78 -13.18
CA GLN D 82 16.03 -52.07 -12.61
C GLN D 82 15.13 -52.53 -11.45
N GLN D 83 15.07 -53.82 -11.19
CA GLN D 83 14.42 -54.31 -10.00
C GLN D 83 15.53 -54.54 -9.05
N TRP D 84 15.26 -54.51 -7.78
CA TRP D 84 16.27 -54.74 -6.79
C TRP D 84 15.66 -55.45 -5.60
N SER D 85 16.48 -56.22 -4.92
CA SER D 85 16.08 -56.94 -3.74
C SER D 85 17.26 -56.88 -2.80
N GLY D 86 17.11 -57.35 -1.57
CA GLY D 86 18.20 -57.26 -0.62
C GLY D 86 18.33 -55.88 0.00
N ARG D 87 19.56 -55.49 0.34
CA ARG D 87 19.82 -54.25 1.06
C ARG D 87 19.78 -53.02 0.17
N PRO D 88 19.01 -52.03 0.61
CA PRO D 88 18.84 -50.79 -0.11
C PRO D 88 20.12 -50.00 -0.23
N GLY D 89 20.93 -50.04 0.79
CA GLY D 89 22.21 -49.38 0.79
C GLY D 89 23.12 -49.95 -0.23
N ALA D 90 23.03 -51.24 -0.44
CA ALA D 90 23.79 -51.89 -1.47
C ALA D 90 23.39 -51.44 -2.84
N ALA D 91 22.11 -51.41 -3.06
CA ALA D 91 21.56 -50.93 -4.31
C ALA D 91 21.83 -49.45 -4.56
N LEU D 92 21.65 -48.61 -3.56
CA LEU D 92 21.96 -47.22 -3.74
C LEU D 92 23.44 -47.01 -3.96
N GLY D 93 24.26 -47.68 -3.19
CA GLY D 93 25.68 -47.48 -3.20
C GLY D 93 26.36 -47.82 -4.49
N GLU D 94 25.90 -48.89 -5.08
CA GLU D 94 26.39 -49.38 -6.33
C GLU D 94 26.13 -48.38 -7.44
N ALA D 95 24.93 -47.86 -7.46
CA ALA D 95 24.54 -46.82 -8.37
C ALA D 95 25.28 -45.50 -8.18
N VAL D 96 25.40 -45.07 -6.95
CA VAL D 96 26.07 -43.84 -6.62
C VAL D 96 27.52 -43.90 -6.99
N ASP D 97 28.11 -45.07 -6.82
CA ASP D 97 29.49 -45.34 -7.16
C ASP D 97 29.68 -45.18 -8.62
N ARG D 98 28.70 -45.58 -9.41
CA ARG D 98 28.78 -45.38 -10.82
C ARG D 98 28.82 -43.90 -11.15
N LEU D 99 28.04 -43.10 -10.45
CA LEU D 99 28.02 -41.68 -10.71
C LEU D 99 29.37 -41.12 -10.45
N LEU D 100 30.05 -41.67 -9.46
CA LEU D 100 31.23 -41.05 -8.91
C LEU D 100 32.43 -41.40 -9.73
N LEU D 101 32.18 -42.17 -10.77
CA LEU D 101 33.08 -42.39 -11.88
C LEU D 101 33.30 -41.15 -12.70
N GLU D 102 32.26 -40.36 -12.89
CA GLU D 102 32.38 -39.17 -13.70
C GLU D 102 32.44 -37.82 -12.99
N THR D 103 32.02 -37.75 -11.74
CA THR D 103 32.16 -36.53 -10.98
C THR D 103 32.66 -36.82 -9.60
N ASP D 104 33.33 -35.85 -9.00
CA ASP D 104 33.90 -35.96 -7.67
C ASP D 104 32.97 -36.11 -6.49
N GLN D 105 31.83 -35.45 -6.50
CA GLN D 105 30.89 -35.48 -5.41
C GLN D 105 29.51 -35.78 -5.90
N ALA D 106 28.65 -36.28 -5.05
CA ALA D 106 27.25 -36.44 -5.37
C ALA D 106 26.42 -36.00 -4.18
N PHE D 107 25.17 -35.62 -4.42
CA PHE D 107 24.33 -35.04 -3.38
C PHE D 107 22.94 -35.53 -3.48
N GLY D 108 22.19 -35.46 -2.41
CA GLY D 108 20.84 -35.92 -2.44
C GLY D 108 20.16 -36.03 -1.08
N TRP D 109 19.02 -36.69 -1.04
CA TRP D 109 18.32 -36.90 0.19
C TRP D 109 17.99 -38.35 0.32
N VAL D 110 17.82 -38.79 1.55
CA VAL D 110 17.45 -40.14 1.83
C VAL D 110 16.20 -40.08 2.63
N ALA D 111 15.21 -40.86 2.26
CA ALA D 111 13.96 -40.93 2.99
C ALA D 111 14.09 -41.69 4.28
N PHE D 112 13.16 -41.50 5.18
CA PHE D 112 13.10 -42.22 6.42
C PHE D 112 12.96 -43.69 6.06
N GLU D 113 12.30 -43.91 4.95
CA GLU D 113 11.87 -45.21 4.53
C GLU D 113 12.98 -46.13 4.15
N PHE D 114 14.11 -45.54 3.87
CA PHE D 114 15.35 -46.21 3.58
C PHE D 114 15.78 -47.04 4.78
N GLY D 115 15.46 -46.56 5.96
CA GLY D 115 15.75 -47.23 7.18
C GLY D 115 14.97 -48.45 7.57
N VAL D 116 13.85 -48.74 6.93
CA VAL D 116 13.03 -49.91 7.27
C VAL D 116 13.54 -51.32 6.96
N HIS D 117 14.30 -51.43 5.91
CA HIS D 117 14.77 -52.67 5.38
C HIS D 117 15.65 -53.42 6.34
N ARG D 118 16.36 -52.70 7.17
CA ARG D 118 17.23 -53.23 8.18
C ARG D 118 16.45 -54.04 9.17
N TYR D 119 15.26 -53.60 9.45
CA TYR D 119 14.41 -54.19 10.44
C TYR D 119 13.41 -55.08 9.80
N GLY D 120 13.64 -55.39 8.55
CA GLY D 120 12.78 -56.22 7.75
C GLY D 120 11.37 -55.77 7.48
N LEU D 121 11.14 -54.46 7.47
CA LEU D 121 9.81 -53.90 7.45
C LEU D 121 9.30 -53.41 6.13
N GLN D 122 10.04 -53.69 5.07
CA GLN D 122 9.78 -53.15 3.75
C GLN D 122 8.48 -53.54 3.08
N GLN D 123 7.87 -54.61 3.50
CA GLN D 123 6.62 -55.01 2.94
C GLN D 123 5.54 -54.03 3.29
N ARG D 124 5.80 -53.25 4.32
CA ARG D 124 4.89 -52.25 4.82
C ARG D 124 4.91 -50.95 4.04
N LEU D 125 5.92 -50.79 3.22
CA LEU D 125 5.95 -49.72 2.26
C LEU D 125 4.97 -49.96 1.15
N ALA D 126 4.30 -48.90 0.74
CA ALA D 126 3.50 -48.89 -0.45
C ALA D 126 4.42 -48.88 -1.63
N PRO D 127 3.87 -49.17 -2.80
CA PRO D 127 4.64 -49.19 -4.04
C PRO D 127 5.07 -47.80 -4.42
N HIS D 128 6.20 -47.73 -5.10
CA HIS D 128 6.77 -46.48 -5.54
C HIS D 128 7.09 -45.57 -4.38
N THR D 129 7.58 -46.12 -3.30
CA THR D 129 7.91 -45.32 -2.17
C THR D 129 9.33 -44.94 -2.39
N PRO D 130 9.60 -43.65 -2.47
CA PRO D 130 10.94 -43.16 -2.71
C PRO D 130 11.85 -43.41 -1.54
N LEU D 131 13.03 -43.93 -1.77
CA LEU D 131 13.94 -44.09 -0.68
C LEU D 131 15.09 -43.13 -0.72
N ALA D 132 15.62 -42.86 -1.90
CA ALA D 132 16.68 -41.90 -2.07
C ALA D 132 16.67 -41.29 -3.45
N ARG D 133 17.10 -40.04 -3.55
CA ARG D 133 17.43 -39.39 -4.79
C ARG D 133 18.82 -38.88 -4.67
N VAL D 134 19.72 -39.37 -5.47
CA VAL D 134 21.07 -38.86 -5.43
C VAL D 134 21.57 -38.45 -6.80
N PHE D 135 22.15 -37.28 -6.90
CA PHE D 135 22.54 -36.78 -8.19
C PHE D 135 23.95 -36.30 -8.23
N SER D 136 24.52 -36.38 -9.41
CA SER D 136 25.81 -35.77 -9.65
C SER D 136 25.61 -34.49 -10.41
N PRO D 137 26.16 -33.42 -9.89
CA PRO D 137 26.04 -32.08 -10.46
C PRO D 137 26.84 -31.82 -11.72
N ARG D 138 26.35 -30.95 -12.56
CA ARG D 138 27.10 -30.31 -13.61
C ARG D 138 28.17 -29.35 -13.15
N THR D 139 27.86 -28.53 -12.14
CA THR D 139 28.71 -27.47 -11.64
C THR D 139 28.74 -27.54 -10.14
N ARG D 140 29.81 -27.13 -9.52
CA ARG D 140 29.84 -27.01 -8.08
C ARG D 140 30.36 -25.67 -7.72
N ILE D 141 29.70 -24.98 -6.81
CA ILE D 141 30.26 -23.79 -6.24
C ILE D 141 30.35 -23.84 -4.74
N MET D 142 31.51 -23.55 -4.21
CA MET D 142 31.75 -23.61 -2.79
C MET D 142 31.97 -22.25 -2.19
N VAL D 143 31.22 -21.94 -1.14
CA VAL D 143 31.27 -20.64 -0.55
C VAL D 143 31.66 -20.71 0.90
N SER D 144 32.60 -19.88 1.31
CA SER D 144 33.09 -19.89 2.64
C SER D 144 33.48 -18.49 2.95
N GLU D 145 33.94 -18.25 4.15
CA GLU D 145 34.33 -16.93 4.54
C GLU D 145 35.50 -16.50 3.71
N LYS D 146 36.40 -17.43 3.49
CA LYS D 146 37.58 -17.19 2.73
C LYS D 146 37.42 -16.93 1.26
N GLU D 147 36.70 -17.78 0.55
CA GLU D 147 36.75 -17.79 -0.90
C GLU D 147 35.52 -18.35 -1.57
N ILE D 148 35.49 -18.25 -2.88
CA ILE D 148 34.51 -18.93 -3.71
C ILE D 148 35.22 -19.79 -4.70
N ARG D 149 34.97 -21.08 -4.66
CA ARG D 149 35.60 -22.04 -5.55
C ARG D 149 34.64 -22.57 -6.58
N LEU D 150 35.07 -22.56 -7.83
CA LEU D 150 34.23 -22.97 -8.92
C LEU D 150 34.71 -24.25 -9.54
N PHE D 151 33.83 -25.23 -9.68
CA PHE D 151 34.18 -26.46 -10.33
C PHE D 151 33.32 -26.67 -11.56
N ASP D 152 33.96 -26.77 -12.69
CA ASP D 152 33.28 -27.10 -13.91
C ASP D 152 32.17 -26.12 -14.14
N ALA D 153 32.42 -24.86 -13.80
CA ALA D 153 31.47 -23.82 -14.01
C ALA D 153 31.65 -23.18 -15.37
N GLY D 154 30.63 -23.28 -16.20
CA GLY D 154 30.60 -22.79 -17.55
C GLY D 154 30.49 -21.30 -17.62
N ILE D 155 30.56 -20.75 -18.81
CA ILE D 155 30.63 -19.31 -18.95
C ILE D 155 29.36 -18.64 -18.44
N ARG D 156 28.24 -19.31 -18.69
CA ARG D 156 26.94 -18.89 -18.19
C ARG D 156 26.94 -18.82 -16.67
N HIS D 157 27.44 -19.85 -16.01
CA HIS D 157 27.49 -19.86 -14.56
C HIS D 157 28.40 -18.80 -13.98
N ARG D 158 29.47 -18.51 -14.70
CA ARG D 158 30.44 -17.53 -14.30
C ARG D 158 29.91 -16.13 -14.53
N GLU D 159 29.28 -15.92 -15.67
CA GLU D 159 28.75 -14.62 -16.00
C GLU D 159 27.74 -14.21 -14.98
N ALA D 160 26.96 -15.16 -14.54
CA ALA D 160 25.95 -14.92 -13.57
C ALA D 160 26.54 -14.88 -12.16
N ILE D 161 27.62 -15.58 -11.91
CA ILE D 161 28.21 -15.46 -10.59
C ILE D 161 28.73 -14.09 -10.56
N ASP D 162 29.23 -13.63 -11.69
CA ASP D 162 29.79 -12.30 -11.69
C ASP D 162 28.74 -11.19 -11.47
N ARG D 163 27.57 -11.37 -12.06
CA ARG D 163 26.49 -10.37 -11.99
C ARG D 163 26.05 -10.16 -10.57
N LEU D 164 25.86 -11.26 -9.85
CA LEU D 164 25.42 -11.20 -8.46
C LEU D 164 26.53 -10.53 -7.69
N LEU D 165 27.73 -10.81 -8.12
CA LEU D 165 28.88 -10.36 -7.41
C LEU D 165 28.88 -8.86 -7.38
N ALA D 166 28.62 -8.27 -8.54
CA ALA D 166 28.56 -6.83 -8.67
C ALA D 166 27.42 -6.24 -7.88
N THR D 167 26.24 -6.80 -8.08
CA THR D 167 25.00 -6.35 -7.49
C THR D 167 24.89 -6.44 -5.99
N GLY D 168 25.32 -7.56 -5.44
CA GLY D 168 25.23 -7.81 -4.02
C GLY D 168 23.96 -8.54 -3.64
N VAL D 169 23.94 -9.11 -2.45
CA VAL D 169 22.80 -9.88 -2.01
C VAL D 169 21.63 -9.00 -1.65
N ARG D 170 20.43 -9.52 -1.90
CA ARG D 170 19.19 -8.85 -1.64
C ARG D 170 19.04 -8.72 -0.17
N GLU D 171 18.29 -7.72 0.25
CA GLU D 171 17.83 -7.65 1.60
C GLU D 171 16.75 -8.66 1.71
N VAL D 172 16.65 -9.28 2.85
CA VAL D 172 15.55 -10.18 3.11
C VAL D 172 14.29 -9.42 3.53
N PRO D 173 13.19 -9.74 2.90
CA PRO D 173 11.92 -9.17 3.25
C PRO D 173 11.40 -9.73 4.54
N GLN D 174 10.42 -9.06 5.09
CA GLN D 174 9.80 -9.50 6.30
C GLN D 174 9.02 -10.78 6.12
N SER D 175 9.04 -11.62 7.14
CA SER D 175 8.33 -12.86 7.17
C SER D 175 6.84 -12.72 7.40
N ARG D 176 6.12 -13.79 7.10
CA ARG D 176 4.70 -13.86 7.31
C ARG D 176 4.41 -14.95 8.31
N SER D 177 3.54 -14.63 9.24
CA SER D 177 3.13 -15.52 10.30
C SER D 177 2.26 -16.69 9.85
N VAL D 178 2.38 -17.80 10.54
CA VAL D 178 1.54 -18.96 10.33
C VAL D 178 1.04 -19.53 11.66
N ASP D 179 -0.17 -20.05 11.66
CA ASP D 179 -0.77 -20.62 12.85
C ASP D 179 -0.54 -22.12 12.94
N VAL D 180 0.16 -22.54 13.97
CA VAL D 180 0.42 -23.94 14.21
C VAL D 180 -0.48 -24.56 15.28
N SER D 181 -1.48 -23.84 15.71
CA SER D 181 -2.38 -24.23 16.77
C SER D 181 -3.38 -25.37 16.52
N ASP D 182 -3.81 -25.52 15.29
CA ASP D 182 -4.76 -26.54 14.96
C ASP D 182 -4.11 -27.89 15.02
N ASP D 183 -4.90 -28.93 15.20
CA ASP D 183 -4.41 -30.28 15.22
C ASP D 183 -5.24 -31.14 14.33
N PRO D 184 -5.17 -30.91 13.04
CA PRO D 184 -5.96 -31.64 12.08
C PRO D 184 -5.68 -33.13 12.09
N SER D 185 -4.46 -33.49 12.41
CA SER D 185 -4.02 -34.87 12.33
C SER D 185 -4.17 -35.68 13.59
N GLY D 186 -4.76 -35.11 14.62
CA GLY D 186 -4.93 -35.81 15.87
C GLY D 186 -3.66 -36.26 16.46
N PHE D 187 -2.70 -35.37 16.52
CA PHE D 187 -1.42 -35.69 17.07
C PHE D 187 -1.57 -36.13 18.49
N ARG D 188 -2.50 -35.49 19.17
CA ARG D 188 -2.82 -35.74 20.57
C ARG D 188 -3.41 -37.10 20.87
N ARG D 189 -4.31 -37.56 20.01
CA ARG D 189 -4.90 -38.88 20.16
C ARG D 189 -3.87 -39.95 19.83
N ARG D 190 -2.94 -39.58 18.94
CA ARG D 190 -1.87 -40.47 18.57
C ARG D 190 -0.84 -40.66 19.65
N VAL D 191 -0.51 -39.61 20.36
CA VAL D 191 0.34 -39.69 21.50
C VAL D 191 -0.25 -40.55 22.60
N ALA D 192 -1.53 -40.38 22.84
CA ALA D 192 -2.21 -41.10 23.86
C ALA D 192 -2.16 -42.56 23.58
N VAL D 193 -2.35 -42.91 22.32
CA VAL D 193 -2.25 -44.27 21.87
C VAL D 193 -0.86 -44.83 22.07
N ALA D 194 0.17 -44.04 21.82
CA ALA D 194 1.53 -44.49 21.98
C ALA D 194 1.85 -44.81 23.41
N VAL D 195 1.37 -43.96 24.28
CA VAL D 195 1.60 -44.06 25.68
C VAL D 195 0.98 -45.34 26.16
N ASP D 196 -0.19 -45.64 25.65
CA ASP D 196 -0.85 -46.84 26.03
C ASP D 196 -0.01 -48.01 25.66
N GLU D 197 0.56 -47.98 24.48
CA GLU D 197 1.43 -49.02 23.99
C GLU D 197 2.69 -49.12 24.78
N ILE D 198 3.22 -48.00 25.18
CA ILE D 198 4.43 -48.01 25.99
C ILE D 198 4.13 -48.65 27.32
N ALA D 199 2.98 -48.30 27.86
CA ALA D 199 2.54 -48.75 29.17
C ALA D 199 2.38 -50.24 29.20
N ALA D 200 2.10 -50.80 28.03
CA ALA D 200 1.92 -52.20 27.86
C ALA D 200 3.22 -52.87 27.48
N GLY D 201 4.30 -52.12 27.49
CA GLY D 201 5.58 -52.66 27.11
C GLY D 201 5.80 -52.99 25.66
N ARG D 202 5.11 -52.34 24.74
CA ARG D 202 5.45 -52.54 23.35
C ARG D 202 6.85 -52.02 22.98
N TYR D 203 7.17 -50.82 23.42
CA TYR D 203 8.47 -50.20 23.20
C TYR D 203 8.71 -49.17 24.30
N HIS D 204 9.95 -48.78 24.52
CA HIS D 204 10.29 -47.64 25.37
C HIS D 204 9.93 -46.26 24.84
N LYS D 205 10.20 -46.01 23.57
CA LYS D 205 9.96 -44.71 23.02
C LYS D 205 9.71 -44.71 21.54
N VAL D 206 8.90 -43.77 21.12
CA VAL D 206 8.66 -43.54 19.70
C VAL D 206 8.60 -42.07 19.52
N ILE D 207 8.98 -41.59 18.34
CA ILE D 207 8.89 -40.20 18.04
C ILE D 207 7.78 -40.02 17.07
N LEU D 208 6.83 -39.16 17.37
CA LEU D 208 5.72 -38.89 16.47
C LEU D 208 5.64 -37.43 16.09
N SER D 209 5.03 -37.13 14.97
CA SER D 209 5.05 -35.81 14.40
C SER D 209 3.74 -35.37 13.90
N ARG D 210 3.64 -34.08 13.60
CA ARG D 210 2.41 -33.48 13.07
C ARG D 210 2.77 -32.46 12.00
N CYS D 211 2.25 -32.67 10.79
CA CYS D 211 2.56 -31.79 9.67
C CYS D 211 1.64 -30.57 9.59
N VAL D 212 2.24 -29.39 9.68
CA VAL D 212 1.50 -28.14 9.57
C VAL D 212 1.60 -27.60 8.14
N GLU D 213 0.45 -27.36 7.51
CA GLU D 213 0.42 -26.87 6.17
C GLU D 213 0.52 -25.36 6.13
N VAL D 214 1.43 -24.86 5.31
CA VAL D 214 1.61 -23.45 5.18
C VAL D 214 0.75 -22.97 4.06
N PRO D 215 -0.06 -21.97 4.36
CA PRO D 215 -1.16 -21.60 3.51
C PRO D 215 -0.79 -20.67 2.39
N PHE D 216 0.48 -20.35 2.29
CA PHE D 216 0.94 -19.47 1.25
C PHE D 216 2.22 -20.03 0.73
N ALA D 217 2.58 -19.65 -0.48
CA ALA D 217 3.83 -20.01 -1.05
C ALA D 217 4.91 -19.18 -0.45
N ILE D 218 6.06 -19.77 -0.27
CA ILE D 218 7.17 -19.13 0.37
C ILE D 218 8.31 -19.19 -0.57
N ASP D 219 9.26 -18.28 -0.36
CA ASP D 219 10.48 -18.24 -1.11
C ASP D 219 11.51 -19.04 -0.37
N PHE D 220 11.91 -20.15 -0.93
CA PHE D 220 12.80 -21.00 -0.22
C PHE D 220 14.21 -20.47 0.07
N PRO D 221 14.90 -19.91 -0.90
CA PRO D 221 16.20 -19.32 -0.59
C PRO D 221 16.16 -18.13 0.35
N LEU D 222 15.19 -17.25 0.22
CA LEU D 222 15.07 -16.16 1.14
C LEU D 222 14.70 -16.61 2.53
N THR D 223 13.80 -17.57 2.63
CA THR D 223 13.41 -18.17 3.90
C THR D 223 14.60 -18.88 4.52
N TYR D 224 15.41 -19.51 3.69
CA TYR D 224 16.57 -20.20 4.17
C TYR D 224 17.54 -19.24 4.81
N ARG D 225 17.76 -18.11 4.16
CA ARG D 225 18.67 -17.12 4.65
C ARG D 225 18.24 -16.55 5.97
N LEU D 226 16.97 -16.23 6.10
CA LEU D 226 16.45 -15.67 7.30
C LEU D 226 16.52 -16.58 8.50
N GLY D 227 16.15 -17.82 8.29
CA GLY D 227 16.24 -18.85 9.28
C GLY D 227 17.66 -19.13 9.71
N ARG D 228 18.58 -19.07 8.78
CA ARG D 228 19.97 -19.36 9.06
C ARG D 228 20.54 -18.35 10.03
N ARG D 229 20.00 -17.16 10.04
CA ARG D 229 20.38 -16.13 10.97
C ARG D 229 20.04 -16.47 12.43
N HIS D 230 18.99 -17.24 12.62
CA HIS D 230 18.46 -17.52 13.94
C HIS D 230 18.53 -18.96 14.34
N ASN D 231 19.37 -19.71 13.68
CA ASN D 231 19.54 -21.10 13.97
C ASN D 231 21.01 -21.37 13.91
N THR D 232 21.52 -22.25 14.75
CA THR D 232 22.83 -22.76 14.51
C THR D 232 22.76 -24.24 14.48
N PRO D 233 22.99 -24.77 13.31
CA PRO D 233 22.83 -26.18 13.06
C PRO D 233 24.12 -26.91 12.85
N VAL D 234 24.06 -28.21 12.98
CA VAL D 234 25.17 -29.05 12.67
C VAL D 234 25.41 -28.99 11.16
N ARG D 235 24.34 -29.02 10.39
CA ARG D 235 24.40 -28.89 8.95
C ARG D 235 23.18 -28.17 8.49
N SER D 236 23.21 -27.61 7.30
CA SER D 236 22.02 -27.06 6.69
C SER D 236 21.93 -27.29 5.18
N PHE D 237 20.73 -27.23 4.64
CA PHE D 237 20.50 -27.49 3.24
C PHE D 237 19.42 -26.62 2.63
N LEU D 238 19.46 -26.46 1.32
CA LEU D 238 18.46 -25.80 0.54
C LEU D 238 18.45 -26.46 -0.80
N LEU D 239 17.30 -26.86 -1.30
CA LEU D 239 17.29 -27.55 -2.56
C LEU D 239 16.07 -27.31 -3.40
N GLN D 240 16.23 -27.45 -4.69
CA GLN D 240 15.15 -27.60 -5.62
C GLN D 240 15.53 -28.77 -6.50
N LEU D 241 14.92 -29.91 -6.26
CA LEU D 241 15.27 -31.10 -6.98
C LEU D 241 14.10 -32.04 -7.32
N GLY D 242 13.87 -32.28 -8.59
CA GLY D 242 12.81 -33.17 -9.03
C GLY D 242 11.39 -32.85 -8.62
N GLY D 243 11.07 -31.57 -8.61
CA GLY D 243 9.79 -31.08 -8.18
C GLY D 243 9.60 -30.87 -6.70
N ILE D 244 10.67 -31.03 -5.95
CA ILE D 244 10.68 -30.86 -4.52
C ILE D 244 11.51 -29.65 -4.19
N ARG D 245 10.99 -28.82 -3.33
CA ARG D 245 11.74 -27.76 -2.75
C ARG D 245 11.86 -28.04 -1.27
N ALA D 246 13.05 -27.95 -0.72
CA ALA D 246 13.24 -28.12 0.71
C ALA D 246 14.35 -27.27 1.28
N LEU D 247 14.26 -26.97 2.56
CA LEU D 247 15.30 -26.35 3.34
C LEU D 247 15.29 -26.86 4.77
N GLY D 248 16.43 -26.91 5.38
CA GLY D 248 16.48 -27.30 6.75
C GLY D 248 17.71 -26.93 7.50
N TYR D 249 17.59 -26.93 8.80
CA TYR D 249 18.68 -26.66 9.69
C TYR D 249 18.85 -27.87 10.53
N SER D 250 19.56 -28.83 9.99
CA SER D 250 19.75 -30.10 10.61
C SER D 250 20.34 -30.06 12.01
N PRO D 251 19.71 -30.72 12.96
CA PRO D 251 20.19 -30.70 14.33
C PRO D 251 21.15 -31.82 14.71
N GLU D 252 21.44 -32.77 13.85
CA GLU D 252 22.29 -33.88 14.23
C GLU D 252 23.01 -34.45 13.05
N LEU D 253 24.08 -35.17 13.28
CA LEU D 253 24.74 -35.84 12.23
C LEU D 253 24.47 -37.31 12.36
N VAL D 254 23.91 -37.91 11.32
CA VAL D 254 23.79 -39.36 11.29
C VAL D 254 25.11 -40.11 11.11
N THR D 255 25.87 -39.80 10.08
CA THR D 255 27.19 -40.34 9.88
C THR D 255 28.05 -39.41 9.11
N ALA D 256 29.33 -39.40 9.40
CA ALA D 256 30.32 -38.81 8.53
C ALA D 256 31.34 -39.86 8.30
N VAL D 257 31.68 -40.12 7.06
CA VAL D 257 32.74 -41.07 6.78
C VAL D 257 33.81 -40.35 6.05
N ARG D 258 35.02 -40.38 6.56
CA ARG D 258 36.14 -39.78 5.88
C ARG D 258 36.77 -40.65 4.83
N ALA D 259 37.64 -40.05 4.05
CA ALA D 259 38.41 -40.74 3.03
C ALA D 259 39.39 -41.76 3.63
N ASP D 260 39.82 -41.52 4.86
CA ASP D 260 40.72 -42.42 5.55
C ASP D 260 39.98 -43.56 6.17
N GLY D 261 38.68 -43.53 6.05
CA GLY D 261 37.85 -44.55 6.61
C GLY D 261 37.35 -44.34 8.01
N VAL D 262 37.66 -43.22 8.64
CA VAL D 262 37.10 -42.91 9.93
C VAL D 262 35.60 -42.64 9.84
N VAL D 263 34.81 -43.22 10.71
CA VAL D 263 33.38 -43.06 10.69
C VAL D 263 32.99 -42.33 11.95
N ILE D 264 32.14 -41.35 11.82
CA ILE D 264 31.68 -40.60 12.96
C ILE D 264 30.20 -40.59 13.00
N THR D 265 29.66 -40.72 14.21
CA THR D 265 28.27 -40.46 14.46
C THR D 265 28.17 -39.66 15.73
N GLU D 266 27.21 -38.77 15.82
CA GLU D 266 27.11 -37.89 16.97
C GLU D 266 25.73 -37.72 17.57
N PRO D 267 25.21 -38.69 18.29
CA PRO D 267 23.86 -38.58 18.82
C PRO D 267 23.67 -37.58 19.95
N LEU D 268 22.57 -36.83 19.94
CA LEU D 268 22.30 -35.78 20.90
C LEU D 268 21.00 -35.99 21.62
N ALA D 269 20.97 -35.69 22.92
CA ALA D 269 19.79 -35.83 23.76
C ALA D 269 19.68 -34.76 24.81
N GLY D 270 19.25 -33.55 24.49
CA GLY D 270 19.29 -32.46 25.45
C GLY D 270 18.26 -31.37 25.27
N THR D 271 18.18 -30.46 26.23
CA THR D 271 17.05 -29.55 26.34
C THR D 271 17.28 -28.19 26.99
N ARG D 272 18.38 -27.50 26.79
CA ARG D 272 18.55 -26.32 27.61
C ARG D 272 19.40 -25.18 27.07
N LEU D 283 24.36 -23.66 35.86
CA LEU D 283 23.15 -24.39 36.20
C LEU D 283 22.31 -24.54 35.00
N ALA D 284 21.23 -25.29 35.11
CA ALA D 284 20.50 -25.56 33.89
C ALA D 284 21.39 -26.55 33.22
N ARG D 285 22.64 -26.15 33.07
CA ARG D 285 23.66 -26.97 32.48
C ARG D 285 23.75 -28.17 33.38
N ASP D 286 23.65 -27.89 34.67
CA ASP D 286 23.76 -28.86 35.74
C ASP D 286 22.50 -29.68 35.83
N ASP D 287 21.40 -29.09 35.43
CA ASP D 287 20.14 -29.78 35.49
C ASP D 287 20.12 -30.78 34.36
N LEU D 288 20.77 -30.41 33.27
CA LEU D 288 20.94 -31.28 32.14
C LEU D 288 21.76 -32.50 32.50
N GLU D 289 22.95 -32.25 33.05
CA GLU D 289 23.92 -33.27 33.36
C GLU D 289 23.51 -34.16 34.51
N SER D 290 22.35 -33.91 35.08
CA SER D 290 21.90 -34.68 36.23
C SER D 290 20.49 -35.14 36.05
N ASN D 291 19.84 -34.75 34.97
CA ASN D 291 18.47 -35.19 34.79
C ASN D 291 18.49 -36.65 34.44
N SER D 292 17.80 -37.43 35.23
CA SER D 292 17.77 -38.85 35.03
C SER D 292 17.11 -39.24 33.74
N LYS D 293 16.05 -38.55 33.38
CA LYS D 293 15.34 -38.90 32.19
C LYS D 293 16.21 -38.71 30.99
N GLU D 294 16.92 -37.60 30.91
CA GLU D 294 17.84 -37.31 29.82
C GLU D 294 19.02 -38.24 29.70
N ILE D 295 19.62 -38.56 30.83
CA ILE D 295 20.75 -39.44 30.89
C ILE D 295 20.40 -40.82 30.44
N VAL D 296 19.27 -41.33 30.83
CA VAL D 296 18.85 -42.64 30.39
C VAL D 296 18.64 -42.68 28.90
N GLU D 297 17.99 -41.68 28.36
CA GLU D 297 17.71 -41.67 26.97
C GLU D 297 18.97 -41.62 26.18
N HIS D 298 19.90 -40.77 26.58
CA HIS D 298 21.17 -40.63 25.89
C HIS D 298 22.06 -41.85 25.91
N ALA D 299 22.13 -42.51 27.05
CA ALA D 299 22.91 -43.69 27.24
C ALA D 299 22.43 -44.83 26.38
N ILE D 300 21.13 -44.95 26.27
CA ILE D 300 20.51 -45.95 25.44
C ILE D 300 20.86 -45.74 23.99
N SER D 301 20.87 -44.50 23.55
CA SER D 301 21.27 -44.17 22.21
C SER D 301 22.69 -44.47 21.92
N VAL D 302 23.56 -44.11 22.82
CA VAL D 302 24.97 -44.32 22.66
C VAL D 302 25.28 -45.81 22.57
N ARG D 303 24.63 -46.59 23.39
CA ARG D 303 24.83 -48.02 23.33
C ARG D 303 24.41 -48.55 21.99
N SER D 304 23.31 -48.05 21.47
CA SER D 304 22.77 -48.35 20.17
C SER D 304 23.64 -47.93 19.02
N SER D 305 24.15 -46.72 19.06
CA SER D 305 25.03 -46.26 18.02
C SER D 305 26.28 -47.08 17.96
N LEU D 306 26.82 -47.38 19.12
CA LEU D 306 28.02 -48.17 19.28
C LEU D 306 27.88 -49.58 18.80
N GLU D 307 26.76 -50.20 19.10
CA GLU D 307 26.49 -51.53 18.64
C GLU D 307 26.36 -51.58 17.14
N GLU D 308 25.68 -50.61 16.56
CA GLU D 308 25.53 -50.49 15.12
C GLU D 308 26.82 -50.22 14.38
N ILE D 309 27.59 -49.29 14.88
CA ILE D 309 28.82 -48.93 14.26
C ILE D 309 29.84 -50.08 14.35
N THR D 310 29.67 -50.91 15.35
CA THR D 310 30.53 -52.06 15.55
C THR D 310 30.39 -53.05 14.43
N ASP D 311 29.17 -53.20 13.92
CA ASP D 311 28.87 -54.14 12.90
C ASP D 311 29.68 -53.84 11.63
N ILE D 312 29.94 -52.58 11.35
CA ILE D 312 30.64 -52.20 10.14
C ILE D 312 32.11 -51.80 10.29
N ALA D 313 32.66 -51.97 11.48
CA ALA D 313 33.92 -51.37 11.76
C ALA D 313 35.05 -52.37 11.86
N GLU D 314 36.26 -51.90 11.57
CA GLU D 314 37.47 -52.62 11.84
C GLU D 314 37.43 -53.01 13.29
N PRO D 315 37.63 -54.28 13.57
CA PRO D 315 37.52 -54.80 14.93
C PRO D 315 38.41 -54.10 15.93
N GLY D 316 37.81 -53.62 17.00
CA GLY D 316 38.54 -52.94 18.04
C GLY D 316 38.73 -51.46 17.78
N SER D 317 38.11 -50.96 16.73
CA SER D 317 38.28 -49.57 16.41
C SER D 317 37.14 -48.75 16.92
N ALA D 318 36.06 -49.39 17.34
CA ALA D 318 34.92 -48.66 17.84
C ALA D 318 34.99 -48.14 19.29
N ALA D 319 34.86 -46.83 19.44
CA ALA D 319 34.91 -46.20 20.73
C ALA D 319 34.06 -44.96 20.83
N VAL D 320 33.68 -44.61 22.05
CA VAL D 320 32.92 -43.42 22.31
C VAL D 320 33.94 -42.44 22.75
N ILE D 321 34.14 -41.37 22.01
CA ILE D 321 35.24 -40.48 22.28
C ILE D 321 34.87 -39.18 22.94
N ASP D 322 33.62 -38.98 23.26
CA ASP D 322 33.27 -37.87 24.09
C ASP D 322 31.95 -38.20 24.67
N PHE D 323 31.87 -38.49 25.94
CA PHE D 323 30.69 -39.13 26.44
C PHE D 323 29.88 -38.26 27.32
N MET D 324 28.65 -38.09 26.89
CA MET D 324 27.66 -37.40 27.62
C MET D 324 28.11 -36.03 28.02
N THR D 325 28.81 -35.33 27.15
CA THR D 325 29.24 -33.99 27.40
C THR D 325 28.19 -33.00 26.95
N VAL D 326 28.26 -31.79 27.47
CA VAL D 326 27.37 -30.74 27.03
C VAL D 326 27.92 -30.12 25.78
N ARG D 327 27.09 -30.07 24.76
CA ARG D 327 27.55 -29.76 23.43
C ARG D 327 27.55 -28.27 23.14
N GLU D 328 26.41 -27.60 23.22
CA GLU D 328 26.43 -26.14 23.21
C GLU D 328 26.60 -25.39 21.89
N ARG D 329 25.53 -24.82 21.38
CA ARG D 329 25.61 -24.09 20.12
C ARG D 329 24.25 -23.67 19.58
N GLY D 330 23.94 -22.39 19.70
CA GLY D 330 24.82 -21.45 20.38
C GLY D 330 24.09 -20.80 21.53
N SER D 331 22.77 -20.78 21.42
CA SER D 331 21.90 -20.25 22.45
C SER D 331 21.12 -21.41 22.99
N VAL D 332 21.72 -22.57 22.94
CA VAL D 332 21.10 -23.73 23.51
C VAL D 332 22.20 -24.70 23.87
N GLN D 333 21.81 -25.67 24.69
CA GLN D 333 22.72 -26.63 25.24
C GLN D 333 22.09 -28.00 25.06
N HIS D 334 22.93 -28.97 24.67
CA HIS D 334 22.52 -30.34 24.43
C HIS D 334 23.50 -31.25 25.08
N LEU D 335 23.11 -32.50 25.32
CA LEU D 335 24.02 -33.52 25.78
C LEU D 335 24.35 -34.41 24.61
N GLY D 336 25.60 -34.64 24.35
CA GLY D 336 25.95 -35.37 23.16
C GLY D 336 27.09 -36.29 23.37
N SER D 337 27.25 -37.24 22.48
CA SER D 337 28.39 -38.12 22.50
C SER D 337 28.94 -38.27 21.12
N THR D 338 30.23 -38.54 21.00
CA THR D 338 30.83 -38.78 19.73
C THR D 338 31.35 -40.18 19.68
N ILE D 339 30.93 -40.93 18.69
CA ILE D 339 31.28 -42.31 18.54
C ILE D 339 32.07 -42.42 17.26
N ARG D 340 33.02 -43.31 17.24
CA ARG D 340 33.98 -43.31 16.18
C ARG D 340 34.44 -44.70 15.94
N ALA D 341 34.98 -44.94 14.77
CA ALA D 341 35.39 -46.25 14.37
C ALA D 341 36.17 -46.09 13.14
N ARG D 342 36.70 -47.19 12.63
CA ARG D 342 37.34 -47.20 11.34
C ARG D 342 36.63 -48.22 10.52
N LEU D 343 36.33 -47.89 9.27
CA LEU D 343 35.55 -48.76 8.41
C LEU D 343 36.28 -50.02 7.97
N ASP D 344 35.63 -51.15 8.13
CA ASP D 344 36.17 -52.42 7.72
C ASP D 344 36.23 -52.55 6.21
N PRO D 345 37.32 -53.12 5.72
CA PRO D 345 37.56 -53.19 4.27
C PRO D 345 36.45 -53.97 3.60
N SER D 346 35.84 -54.88 4.34
CA SER D 346 34.72 -55.66 3.86
C SER D 346 33.46 -54.81 3.78
N SER D 347 33.58 -53.58 4.23
CA SER D 347 32.46 -52.69 4.36
C SER D 347 32.64 -51.45 3.54
N ASP D 348 31.52 -50.78 3.31
CA ASP D 348 31.40 -49.65 2.44
C ASP D 348 30.58 -48.58 3.13
N ARG D 349 30.61 -47.37 2.61
CA ARG D 349 29.98 -46.20 3.19
C ARG D 349 28.44 -46.25 3.27
N MET D 350 27.80 -46.84 2.27
CA MET D 350 26.35 -47.00 2.30
C MET D 350 25.89 -47.91 3.41
N ALA D 351 26.70 -48.90 3.71
CA ALA D 351 26.48 -49.84 4.79
C ALA D 351 26.53 -49.24 6.16
N ALA D 352 27.44 -48.31 6.33
CA ALA D 352 27.56 -47.52 7.53
C ALA D 352 26.37 -46.61 7.73
N LEU D 353 25.91 -46.03 6.65
CA LEU D 353 24.72 -45.24 6.67
C LEU D 353 23.51 -46.08 6.99
N GLU D 354 23.45 -47.27 6.43
CA GLU D 354 22.41 -48.22 6.74
C GLU D 354 22.42 -48.64 8.19
N ALA D 355 23.58 -48.89 8.73
CA ALA D 355 23.72 -49.38 10.09
C ALA D 355 23.15 -48.38 11.06
N LEU D 356 23.32 -47.12 10.74
CA LEU D 356 23.00 -46.01 11.60
C LEU D 356 21.65 -45.36 11.37
N PHE D 357 20.87 -45.90 10.47
CA PHE D 357 19.66 -45.28 9.99
C PHE D 357 18.45 -46.15 10.29
N PRO D 358 17.35 -45.55 10.69
CA PRO D 358 17.26 -44.13 10.97
C PRO D 358 17.78 -43.77 12.32
N ALA D 359 18.00 -42.51 12.56
CA ALA D 359 18.44 -42.05 13.85
C ALA D 359 17.44 -42.31 14.95
N VAL D 360 17.99 -42.59 16.12
CA VAL D 360 17.21 -42.91 17.30
C VAL D 360 16.37 -41.71 17.65
N THR D 361 16.93 -40.56 17.37
CA THR D 361 16.40 -39.27 17.65
C THR D 361 15.08 -39.06 16.95
N ALA D 362 14.91 -39.66 15.80
CA ALA D 362 13.67 -39.55 15.09
C ALA D 362 12.87 -40.82 14.95
N SER D 363 13.27 -41.89 15.60
CA SER D 363 12.45 -43.09 15.57
C SER D 363 11.96 -43.57 16.93
N GLY D 364 12.77 -44.30 17.65
CA GLY D 364 12.38 -44.73 18.96
C GLY D 364 13.22 -45.86 19.48
N ILE D 365 12.83 -46.41 20.61
CA ILE D 365 13.56 -47.46 21.25
C ILE D 365 12.69 -48.52 21.82
N PRO D 366 12.92 -49.77 21.49
CA PRO D 366 13.89 -50.19 20.50
C PRO D 366 13.55 -49.76 19.09
N LYS D 367 14.54 -49.51 18.26
CA LYS D 367 14.36 -48.85 16.98
C LYS D 367 13.39 -49.57 16.07
N ALA D 368 13.45 -50.86 16.01
CA ALA D 368 12.56 -51.62 15.17
C ALA D 368 11.13 -51.46 15.58
N ALA D 369 10.86 -51.55 16.87
CA ALA D 369 9.57 -51.32 17.43
C ALA D 369 9.14 -49.90 17.24
N GLY D 370 10.10 -49.01 17.33
CA GLY D 370 9.85 -47.62 17.08
C GLY D 370 9.45 -47.34 15.66
N VAL D 371 10.15 -47.93 14.71
CA VAL D 371 9.83 -47.75 13.31
C VAL D 371 8.50 -48.34 12.94
N GLU D 372 8.17 -49.46 13.53
CA GLU D 372 6.93 -50.12 13.24
C GLU D 372 5.76 -49.27 13.69
N ALA D 373 5.93 -48.66 14.85
CA ALA D 373 4.94 -47.83 15.49
C ALA D 373 4.62 -46.60 14.67
N ILE D 374 5.66 -46.06 14.07
CA ILE D 374 5.59 -44.91 13.21
C ILE D 374 4.73 -45.23 12.00
N PHE D 375 4.78 -46.45 11.50
CA PHE D 375 4.00 -46.82 10.36
C PHE D 375 2.55 -46.69 10.67
N ARG D 376 2.17 -47.23 11.82
CA ARG D 376 0.83 -47.16 12.39
C ARG D 376 0.33 -45.82 12.91
N LEU D 377 1.20 -45.07 13.56
CA LEU D 377 0.79 -43.91 14.29
C LEU D 377 1.25 -42.55 13.80
N ASP D 378 1.87 -42.50 12.64
CA ASP D 378 2.34 -41.26 12.04
C ASP D 378 1.84 -41.24 10.64
N GLU D 379 1.73 -40.07 10.04
CA GLU D 379 1.39 -39.98 8.62
C GLU D 379 2.58 -40.42 7.81
N CYS D 380 2.37 -41.39 6.96
CA CYS D 380 3.46 -42.05 6.30
C CYS D 380 3.16 -42.08 4.82
N PRO D 381 4.18 -42.07 3.99
CA PRO D 381 5.55 -41.94 4.39
C PRO D 381 5.95 -40.56 4.83
N ARG D 382 6.93 -40.54 5.69
CA ARG D 382 7.59 -39.37 6.18
C ARG D 382 8.35 -38.64 5.10
N GLY D 383 8.92 -39.38 4.19
CA GLY D 383 9.78 -38.84 3.19
C GLY D 383 11.05 -38.22 3.69
N LEU D 384 11.24 -36.98 3.36
CA LEU D 384 12.41 -36.27 3.75
C LEU D 384 12.49 -36.12 5.25
N TYR D 385 11.37 -35.97 5.92
CA TYR D 385 11.39 -35.78 7.34
C TYR D 385 11.94 -36.99 8.07
N SER D 386 12.97 -36.76 8.86
CA SER D 386 13.64 -37.71 9.71
C SER D 386 14.56 -38.65 8.95
N GLY D 387 14.81 -38.29 7.71
CA GLY D 387 15.69 -38.95 6.82
C GLY D 387 16.95 -38.16 6.82
N ALA D 388 17.67 -38.15 5.71
CA ALA D 388 18.90 -37.39 5.63
C ALA D 388 19.14 -36.71 4.31
N VAL D 389 19.94 -35.67 4.36
CA VAL D 389 20.49 -35.04 3.22
C VAL D 389 21.94 -35.44 3.22
N VAL D 390 22.45 -35.84 2.07
CA VAL D 390 23.76 -36.43 1.96
C VAL D 390 24.71 -35.79 0.96
N MET D 391 25.97 -35.75 1.30
CA MET D 391 27.03 -35.38 0.40
C MET D 391 28.01 -36.52 0.27
N LEU D 392 28.40 -36.86 -0.94
CA LEU D 392 29.21 -38.03 -1.17
C LEU D 392 30.41 -37.74 -2.02
N SER D 393 31.52 -38.37 -1.75
CA SER D 393 32.73 -38.11 -2.49
C SER D 393 33.26 -39.38 -3.04
N ALA D 394 33.88 -39.26 -4.18
CA ALA D 394 34.47 -40.35 -4.92
C ALA D 394 35.58 -41.01 -4.16
N ASP D 395 36.25 -40.22 -3.33
CA ASP D 395 37.35 -40.61 -2.48
C ASP D 395 36.86 -41.46 -1.34
N GLY D 396 35.56 -41.61 -1.24
CA GLY D 396 34.92 -42.34 -0.18
C GLY D 396 34.32 -41.59 0.98
N GLY D 397 34.29 -40.27 0.92
CA GLY D 397 33.60 -39.49 1.94
C GLY D 397 32.10 -39.62 1.92
N LEU D 398 31.47 -39.54 3.09
CA LEU D 398 30.03 -39.36 3.23
C LEU D 398 29.70 -38.43 4.37
N ASP D 399 28.81 -37.47 4.16
CA ASP D 399 28.32 -36.66 5.24
C ASP D 399 26.84 -36.78 5.20
N ALA D 400 26.25 -37.19 6.30
CA ALA D 400 24.82 -37.36 6.34
C ALA D 400 24.20 -36.58 7.48
N ALA D 401 23.28 -35.70 7.17
CA ALA D 401 22.63 -34.86 8.14
C ALA D 401 21.20 -35.26 8.37
N LEU D 402 20.75 -35.27 9.61
CA LEU D 402 19.38 -35.60 9.95
C LEU D 402 18.39 -34.53 9.55
N THR D 403 17.33 -34.90 8.86
CA THR D 403 16.40 -33.90 8.42
C THR D 403 15.27 -33.66 9.40
N LEU D 404 15.46 -32.62 10.18
CA LEU D 404 14.50 -32.09 11.10
C LEU D 404 14.61 -30.60 10.93
N ARG D 405 13.60 -29.87 11.36
CA ARG D 405 13.57 -28.43 11.20
C ARG D 405 13.64 -27.90 9.79
N ALA D 406 12.77 -28.43 8.95
CA ALA D 406 12.79 -28.27 7.55
C ALA D 406 11.45 -27.96 6.97
N ALA D 407 11.43 -27.28 5.84
CA ALA D 407 10.22 -26.95 5.14
C ALA D 407 10.24 -27.64 3.82
N TYR D 408 9.07 -27.98 3.33
CA TYR D 408 8.91 -28.70 2.11
C TYR D 408 7.84 -28.11 1.24
N GLN D 409 8.08 -28.15 -0.06
CA GLN D 409 7.09 -27.87 -1.07
C GLN D 409 7.03 -28.95 -2.13
N VAL D 410 5.93 -29.67 -2.18
CA VAL D 410 5.70 -30.68 -3.17
C VAL D 410 4.31 -30.58 -3.68
N GLY D 411 4.19 -30.59 -4.98
CA GLY D 411 2.98 -30.23 -5.65
C GLY D 411 2.71 -28.80 -5.35
N GLY D 412 1.49 -28.50 -4.98
CA GLY D 412 1.17 -27.15 -4.64
C GLY D 412 1.18 -26.96 -3.17
N ARG D 413 1.65 -27.96 -2.44
CA ARG D 413 1.56 -27.96 -0.99
C ARG D 413 2.89 -27.59 -0.35
N THR D 414 2.81 -26.72 0.65
CA THR D 414 3.98 -26.29 1.37
C THR D 414 3.75 -26.68 2.79
N TRP D 415 4.68 -27.37 3.41
CA TRP D 415 4.41 -27.77 4.76
C TRP D 415 5.56 -27.84 5.72
N LEU D 416 5.23 -27.84 6.99
CA LEU D 416 6.22 -27.95 8.03
C LEU D 416 5.98 -29.25 8.75
N ARG D 417 7.02 -29.85 9.29
CA ARG D 417 6.87 -31.03 10.13
C ARG D 417 7.69 -31.04 11.45
N ALA D 418 7.04 -31.32 12.55
CA ALA D 418 7.73 -31.42 13.82
C ALA D 418 7.22 -32.52 14.70
N GLY D 419 8.09 -33.01 15.55
CA GLY D 419 7.85 -34.19 16.34
C GLY D 419 8.36 -34.20 17.77
N ALA D 420 7.95 -35.21 18.52
CA ALA D 420 8.40 -35.36 19.89
C ALA D 420 8.58 -36.79 20.34
N GLY D 421 9.57 -37.03 21.18
CA GLY D 421 9.73 -38.33 21.78
C GLY D 421 8.67 -38.62 22.81
N ILE D 422 8.03 -39.78 22.66
CA ILE D 422 6.99 -40.23 23.55
C ILE D 422 7.55 -41.31 24.41
N ILE D 423 7.28 -41.22 25.69
CA ILE D 423 7.72 -42.16 26.68
C ILE D 423 6.55 -42.28 27.61
N GLU D 424 6.64 -43.17 28.58
CA GLU D 424 5.48 -43.58 29.34
C GLU D 424 4.84 -42.44 30.08
N GLU D 425 5.69 -41.55 30.55
CA GLU D 425 5.29 -40.39 31.30
C GLU D 425 4.58 -39.29 30.52
N SER D 426 4.73 -39.27 29.21
CA SER D 426 4.31 -38.13 28.43
C SER D 426 2.81 -37.93 28.42
N GLU D 427 2.41 -36.68 28.19
CA GLU D 427 1.05 -36.24 28.19
C GLU D 427 0.87 -35.61 26.86
N PRO D 428 -0.29 -35.75 26.26
CA PRO D 428 -0.50 -35.27 24.92
C PRO D 428 -0.34 -33.78 24.73
N GLU D 429 -0.86 -32.98 25.64
CA GLU D 429 -0.72 -31.55 25.58
C GLU D 429 0.70 -31.07 25.74
N ARG D 430 1.47 -31.67 26.61
CA ARG D 430 2.81 -31.20 26.73
C ARG D 430 3.53 -31.47 25.44
N GLU D 431 3.26 -32.62 24.84
CA GLU D 431 3.91 -33.01 23.61
C GLU D 431 3.59 -32.11 22.44
N PHE D 432 2.34 -31.69 22.39
CA PHE D 432 1.87 -30.81 21.36
C PHE D 432 2.55 -29.47 21.45
N GLU D 433 2.74 -28.98 22.65
CA GLU D 433 3.49 -27.78 22.86
C GLU D 433 4.91 -27.96 22.43
N GLU D 434 5.45 -29.15 22.65
CA GLU D 434 6.82 -29.44 22.27
C GLU D 434 7.00 -29.30 20.77
N THR D 435 6.06 -29.78 19.99
CA THR D 435 6.15 -29.65 18.55
C THR D 435 6.13 -28.19 18.15
N CYS D 436 5.35 -27.42 18.90
CA CYS D 436 5.19 -26.02 18.73
C CYS D 436 6.48 -25.31 18.98
N GLU D 437 7.26 -25.78 19.94
CA GLU D 437 8.54 -25.19 20.23
C GLU D 437 9.49 -25.50 19.11
N LYS D 438 9.36 -26.67 18.52
CA LYS D 438 10.27 -27.02 17.47
C LYS D 438 9.90 -26.35 16.20
N LEU D 439 8.63 -26.09 16.01
CA LEU D 439 8.17 -25.44 14.84
C LEU D 439 8.69 -24.02 14.80
N SER D 440 8.96 -23.47 15.95
CA SER D 440 9.37 -22.08 16.06
C SER D 440 10.77 -21.78 15.59
N THR D 441 11.55 -22.80 15.27
CA THR D 441 12.76 -22.62 14.52
C THR D 441 12.50 -22.10 13.11
N LEU D 442 11.34 -22.39 12.55
CA LEU D 442 10.98 -21.92 11.23
C LEU D 442 9.89 -20.87 11.13
N THR D 443 8.89 -20.94 11.98
CA THR D 443 7.67 -20.18 11.81
C THR D 443 7.81 -18.66 11.81
N PRO D 444 8.73 -18.15 12.60
CA PRO D 444 8.97 -16.72 12.63
C PRO D 444 9.74 -16.23 11.41
N TYR D 445 10.26 -17.11 10.60
CA TYR D 445 11.10 -16.77 9.49
C TYR D 445 10.63 -17.12 8.10
N LEU D 446 9.34 -17.26 7.89
CA LEU D 446 8.86 -17.63 6.58
C LEU D 446 8.62 -16.46 5.68
N VAL D 447 9.30 -16.44 4.56
CA VAL D 447 9.21 -15.36 3.64
C VAL D 447 8.35 -15.77 2.48
N ALA D 448 7.22 -15.10 2.35
CA ALA D 448 6.26 -15.38 1.32
C ALA D 448 6.82 -15.14 -0.07
N ARG D 449 6.35 -15.91 -1.02
CA ARG D 449 6.81 -15.80 -2.37
C ARG D 449 6.48 -14.49 -3.07
N GLN D 450 7.41 -14.00 -3.86
CA GLN D 450 7.17 -12.78 -4.61
C GLN D 450 7.92 -12.81 -5.90
C10 RVB E . -18.07 -7.39 -25.59
C11 RVB E . -18.24 -9.48 -26.81
OA' RVB E . -23.04 -9.07 -23.52
OA RVB E . -18.99 -10.85 -18.92
OB' RVB E . -22.50 -7.44 -24.82
OB RVB E . -18.98 -9.16 -17.67
O2 RVB E . -19.53 -10.76 -21.16
C8 RVB E . -20.16 -8.71 -25.49
C5 RVB E . -19.95 -6.75 -20.87
C4 RVB E . -20.13 -7.37 -22.10
C6 RVB E . -19.61 -7.48 -19.73
O3 RVB E . -20.13 -9.52 -23.31
C' RVB E . -22.19 -8.49 -24.22
C RVB E . -19.14 -9.64 -18.78
C7 RVB E . -20.81 -9.08 -24.39
C2 RVB E . -19.67 -9.43 -21.06
C3 RVB E . -19.99 -8.75 -22.19
C1 RVB E . -19.46 -8.85 -19.84
C9 RVB E . -18.65 -8.78 -25.53
C10 RVB F . 18.08 41.00 -8.63
C11 RVB F . 18.47 42.75 -6.98
OA' RVB F . 22.55 44.00 -8.14
OA RVB F . 26.12 37.54 -6.85
OB' RVB F . 22.65 43.33 -10.17
OB RVB F . 24.86 38.29 -5.39
O2 RVB F . 23.27 40.08 -5.95
C8 RVB F . 20.08 42.35 -8.81
C5 RVB F . 23.56 38.99 -9.80
C4 RVB F . 22.65 39.97 -9.46
C6 RVB F . 24.38 38.40 -8.87
O3 RVB F . 21.69 41.25 -7.70
C' RVB F . 22.24 43.19 -9.02
C RVB F . 25.11 38.17 -6.57
C7 RVB F . 21.34 42.06 -8.71
C2 RVB F . 23.38 39.72 -7.23
C3 RVB F . 22.56 40.32 -8.15
C1 RVB F . 24.29 38.75 -7.54
C9 RVB F . 19.16 41.70 -7.83
C10 RVB G . -28.50 21.83 10.82
C11 RVB G . -28.45 24.07 11.89
OA' RVB G . -23.78 24.81 10.36
OA RVB G . -20.29 19.87 11.69
OB' RVB G . -25.46 25.80 9.44
OB RVB G . -21.74 20.10 13.20
O2 RVB G . -23.46 21.90 12.61
C8 RVB G . -26.97 23.58 9.97
C5 RVB G . -23.29 20.37 8.86
C4 RVB G . -24.29 21.26 9.18
C6 RVB G . -22.34 20.00 9.80
O3 RVB G . -25.25 22.63 10.90
C' RVB G . -24.93 24.76 9.90
C RVB G . -21.44 20.13 12.02
C7 RVB G . -25.67 23.43 9.92
C2 RVB G . -23.38 21.39 11.38
C3 RVB G . -24.32 21.77 10.47
C1 RVB G . -22.38 20.49 11.09
C9 RVB G . -27.61 22.98 11.21
C10 RVB H . 17.46 -33.09 17.44
C11 RVB H . 19.15 -33.55 19.15
OA' RVB H . 14.53 -33.46 21.49
OA RVB H . 10.72 -32.75 14.99
OB' RVB H . 14.51 -31.44 20.78
OB RVB H . 12.24 -31.30 14.90
O2 RVB H . 13.94 -31.19 16.46
C8 RVB H . 16.88 -33.25 19.80
C5 RVB H . 12.98 -35.00 17.50
C4 RVB H . 14.06 -34.39 18.09
C6 RVB H . 12.22 -34.33 16.56
O3 RVB H . 15.43 -32.43 18.29
C' RVB H . 14.85 -32.62 20.64
C RVB H . 11.81 -32.34 15.32
C7 RVB H . 15.67 -33.04 19.47
C2 RVB H . 13.62 -32.44 16.81
C3 RVB H . 14.39 -33.10 17.74
C1 RVB H . 12.54 -33.03 16.22
C9 RVB H . 17.91 -32.76 18.85
#